data_1D8G
# 
_entry.id   1D8G 
# 
_audit_conform.dict_name       mmcif_pdbx.dic 
_audit_conform.dict_version    5.385 
_audit_conform.dict_location   http://mmcif.pdb.org/dictionaries/ascii/mmcif_pdbx.dic 
# 
loop_
_database_2.database_id 
_database_2.database_code 
_database_2.pdbx_database_accession 
_database_2.pdbx_DOI 
PDB   1D8G         pdb_00001d8g 10.2210/pdb1d8g/pdb 
NDB   BD0023       ?            ?                   
RCSB  RCSB009884   ?            ?                   
WWPDB D_1000009884 ?            ?                   
# 
loop_
_pdbx_audit_revision_history.ordinal 
_pdbx_audit_revision_history.data_content_type 
_pdbx_audit_revision_history.major_revision 
_pdbx_audit_revision_history.minor_revision 
_pdbx_audit_revision_history.revision_date 
1 'Structure model' 1 0 2000-02-21 
2 'Structure model' 1 1 2008-04-27 
3 'Structure model' 1 2 2011-07-13 
4 'Structure model' 1 3 2017-02-01 
5 'Structure model' 1 4 2024-02-07 
# 
_pdbx_audit_revision_details.ordinal             1 
_pdbx_audit_revision_details.revision_ordinal    1 
_pdbx_audit_revision_details.data_content_type   'Structure model' 
_pdbx_audit_revision_details.provider            repository 
_pdbx_audit_revision_details.type                'Initial release' 
_pdbx_audit_revision_details.description         ? 
_pdbx_audit_revision_details.details             ? 
# 
loop_
_pdbx_audit_revision_group.ordinal 
_pdbx_audit_revision_group.revision_ordinal 
_pdbx_audit_revision_group.data_content_type 
_pdbx_audit_revision_group.group 
1 2 'Structure model' 'Version format compliance' 
2 3 'Structure model' 'Version format compliance' 
3 4 'Structure model' 'Structure summary'         
4 5 'Structure model' 'Data collection'           
5 5 'Structure model' 'Database references'       
6 5 'Structure model' 'Derived calculations'      
# 
loop_
_pdbx_audit_revision_category.ordinal 
_pdbx_audit_revision_category.revision_ordinal 
_pdbx_audit_revision_category.data_content_type 
_pdbx_audit_revision_category.category 
1 5 'Structure model' chem_comp_atom         
2 5 'Structure model' chem_comp_bond         
3 5 'Structure model' database_2             
4 5 'Structure model' pdbx_struct_conn_angle 
5 5 'Structure model' struct_conn            
6 5 'Structure model' struct_site            
# 
loop_
_pdbx_audit_revision_item.ordinal 
_pdbx_audit_revision_item.revision_ordinal 
_pdbx_audit_revision_item.data_content_type 
_pdbx_audit_revision_item.item 
1  5 'Structure model' '_database_2.pdbx_DOI'                        
2  5 'Structure model' '_database_2.pdbx_database_accession'         
3  5 'Structure model' '_pdbx_struct_conn_angle.ptnr1_auth_comp_id'  
4  5 'Structure model' '_pdbx_struct_conn_angle.ptnr1_auth_seq_id'   
5  5 'Structure model' '_pdbx_struct_conn_angle.ptnr1_label_alt_id'  
6  5 'Structure model' '_pdbx_struct_conn_angle.ptnr1_label_asym_id' 
7  5 'Structure model' '_pdbx_struct_conn_angle.ptnr1_label_atom_id' 
8  5 'Structure model' '_pdbx_struct_conn_angle.ptnr1_label_comp_id' 
9  5 'Structure model' '_pdbx_struct_conn_angle.ptnr1_label_seq_id'  
10 5 'Structure model' '_pdbx_struct_conn_angle.ptnr1_symmetry'      
11 5 'Structure model' '_pdbx_struct_conn_angle.ptnr2_auth_seq_id'   
12 5 'Structure model' '_pdbx_struct_conn_angle.ptnr2_label_asym_id' 
13 5 'Structure model' '_pdbx_struct_conn_angle.ptnr3_auth_comp_id'  
14 5 'Structure model' '_pdbx_struct_conn_angle.ptnr3_auth_seq_id'   
15 5 'Structure model' '_pdbx_struct_conn_angle.ptnr3_label_alt_id'  
16 5 'Structure model' '_pdbx_struct_conn_angle.ptnr3_label_asym_id' 
17 5 'Structure model' '_pdbx_struct_conn_angle.ptnr3_label_atom_id' 
18 5 'Structure model' '_pdbx_struct_conn_angle.ptnr3_label_comp_id' 
19 5 'Structure model' '_pdbx_struct_conn_angle.ptnr3_label_seq_id'  
20 5 'Structure model' '_pdbx_struct_conn_angle.ptnr3_symmetry'      
21 5 'Structure model' '_pdbx_struct_conn_angle.value'               
22 5 'Structure model' '_struct_conn.pdbx_dist_value'                
23 5 'Structure model' '_struct_conn.pdbx_ptnr1_label_alt_id'        
24 5 'Structure model' '_struct_conn.pdbx_ptnr2_label_alt_id'        
25 5 'Structure model' '_struct_conn.ptnr1_auth_comp_id'             
26 5 'Structure model' '_struct_conn.ptnr1_auth_seq_id'              
27 5 'Structure model' '_struct_conn.ptnr1_label_asym_id'            
28 5 'Structure model' '_struct_conn.ptnr1_label_atom_id'            
29 5 'Structure model' '_struct_conn.ptnr1_label_comp_id'            
30 5 'Structure model' '_struct_conn.ptnr1_label_seq_id'             
31 5 'Structure model' '_struct_conn.ptnr1_symmetry'                 
32 5 'Structure model' '_struct_conn.ptnr2_auth_comp_id'             
33 5 'Structure model' '_struct_conn.ptnr2_auth_seq_id'              
34 5 'Structure model' '_struct_conn.ptnr2_label_asym_id'            
35 5 'Structure model' '_struct_conn.ptnr2_label_atom_id'            
36 5 'Structure model' '_struct_conn.ptnr2_label_comp_id'            
37 5 'Structure model' '_struct_conn.ptnr2_label_seq_id'             
38 5 'Structure model' '_struct_conn.ptnr2_symmetry'                 
39 5 'Structure model' '_struct_site.pdbx_auth_asym_id'              
40 5 'Structure model' '_struct_site.pdbx_auth_comp_id'              
41 5 'Structure model' '_struct_site.pdbx_auth_seq_id'               
# 
_pdbx_database_status.status_code                     REL 
_pdbx_database_status.entry_id                        1D8G 
_pdbx_database_status.recvd_initial_deposition_date   1999-10-23 
_pdbx_database_status.deposit_site                    RCSB 
_pdbx_database_status.process_site                    RCSB 
_pdbx_database_status.status_code_sf                  REL 
_pdbx_database_status.SG_entry                        . 
_pdbx_database_status.status_code_mr                  ? 
_pdbx_database_status.status_code_cs                  ? 
_pdbx_database_status.methods_development_category    ? 
_pdbx_database_status.pdb_format_compatible           Y 
_pdbx_database_status.status_code_nmr_data            ? 
# 
loop_
_audit_author.name 
_audit_author.pdbx_ordinal 
'Kielkopf, C.L.' 1 
'Ding, S.'       2 
'Kuhn, P.'       3 
'Rees, D.C.'     4 
# 
_citation.id                        primary 
_citation.title                     'Conformational flexibility of B-DNA at 0.74 A resolution: d(CCAGTACTGG)(2).' 
_citation.journal_abbrev            J.Mol.Biol. 
_citation.journal_volume            296 
_citation.page_first                787 
_citation.page_last                 801 
_citation.year                      2000 
_citation.journal_id_ASTM           JMOBAK 
_citation.country                   UK 
_citation.journal_id_ISSN           0022-2836 
_citation.journal_id_CSD            0070 
_citation.book_publisher            ? 
_citation.pdbx_database_id_PubMed   10677281 
_citation.pdbx_database_id_DOI      10.1006/jmbi.1999.3478 
# 
loop_
_citation_author.citation_id 
_citation_author.name 
_citation_author.ordinal 
_citation_author.identifier_ORCID 
primary 'Kielkopf, C.L.' 1 ? 
primary 'Ding, S.'       2 ? 
primary 'Kuhn, P.'       3 ? 
primary 'Rees, D.C.'     4 ? 
# 
loop_
_entity.id 
_entity.type 
_entity.src_method 
_entity.pdbx_description 
_entity.formula_weight 
_entity.pdbx_number_of_molecules 
_entity.pdbx_ec 
_entity.pdbx_mutation 
_entity.pdbx_fragment 
_entity.details 
1 polymer     syn "5'-D(*CP*CP*AP*GP*TP*AP*CP*TP*GP*GP*)-3'" 3045.004 1   ? ? ? ? 
2 non-polymer syn 'CALCIUM ION'                              40.078   4   ? ? ? ? 
3 water       nat water                                      18.015   119 ? ? ? ? 
# 
_entity_poly.entity_id                      1 
_entity_poly.type                           polydeoxyribonucleotide 
_entity_poly.nstd_linkage                   no 
_entity_poly.nstd_monomer                   no 
_entity_poly.pdbx_seq_one_letter_code       '(DC)(DC)(DA)(DG)(DT)(DA)(DC)(DT)(DG)(DG)' 
_entity_poly.pdbx_seq_one_letter_code_can   CCAGTACTGG 
_entity_poly.pdbx_strand_id                 A 
_entity_poly.pdbx_target_identifier         ? 
# 
loop_
_pdbx_entity_nonpoly.entity_id 
_pdbx_entity_nonpoly.name 
_pdbx_entity_nonpoly.comp_id 
2 'CALCIUM ION' CA  
3 water         HOH 
# 
loop_
_entity_poly_seq.entity_id 
_entity_poly_seq.num 
_entity_poly_seq.mon_id 
_entity_poly_seq.hetero 
1 1  DC n 
1 2  DC n 
1 3  DA n 
1 4  DG n 
1 5  DT n 
1 6  DA n 
1 7  DC n 
1 8  DT n 
1 9  DG n 
1 10 DG n 
# 
loop_
_chem_comp.id 
_chem_comp.type 
_chem_comp.mon_nstd_flag 
_chem_comp.name 
_chem_comp.pdbx_synonyms 
_chem_comp.formula 
_chem_comp.formula_weight 
CA  non-polymer   . 'CALCIUM ION'                        ? 'Ca 2'            40.078  
DA  'DNA linking' y "2'-DEOXYADENOSINE-5'-MONOPHOSPHATE" ? 'C10 H14 N5 O6 P' 331.222 
DC  'DNA linking' y "2'-DEOXYCYTIDINE-5'-MONOPHOSPHATE"  ? 'C9 H14 N3 O7 P'  307.197 
DG  'DNA linking' y "2'-DEOXYGUANOSINE-5'-MONOPHOSPHATE" ? 'C10 H14 N5 O7 P' 347.221 
DT  'DNA linking' y "THYMIDINE-5'-MONOPHOSPHATE"         ? 'C10 H15 N2 O8 P' 322.208 
HOH non-polymer   . WATER                                ? 'H2 O'            18.015  
# 
loop_
_pdbx_poly_seq_scheme.asym_id 
_pdbx_poly_seq_scheme.entity_id 
_pdbx_poly_seq_scheme.seq_id 
_pdbx_poly_seq_scheme.mon_id 
_pdbx_poly_seq_scheme.ndb_seq_num 
_pdbx_poly_seq_scheme.pdb_seq_num 
_pdbx_poly_seq_scheme.auth_seq_num 
_pdbx_poly_seq_scheme.pdb_mon_id 
_pdbx_poly_seq_scheme.auth_mon_id 
_pdbx_poly_seq_scheme.pdb_strand_id 
_pdbx_poly_seq_scheme.pdb_ins_code 
_pdbx_poly_seq_scheme.hetero 
A 1 1  DC 1  1  1  DC C A . n 
A 1 2  DC 2  2  2  DC C A . n 
A 1 3  DA 3  3  3  DA A A . n 
A 1 4  DG 4  4  4  DG G A . n 
A 1 5  DT 5  5  5  DT T A . n 
A 1 6  DA 6  6  6  DA A A . n 
A 1 7  DC 7  7  7  DC C A . n 
A 1 8  DT 8  8  8  DT T A . n 
A 1 9  DG 9  9  9  DG G A . n 
A 1 10 DG 10 10 10 DG G A . n 
# 
loop_
_pdbx_nonpoly_scheme.asym_id 
_pdbx_nonpoly_scheme.entity_id 
_pdbx_nonpoly_scheme.mon_id 
_pdbx_nonpoly_scheme.ndb_seq_num 
_pdbx_nonpoly_scheme.pdb_seq_num 
_pdbx_nonpoly_scheme.auth_seq_num 
_pdbx_nonpoly_scheme.pdb_mon_id 
_pdbx_nonpoly_scheme.auth_mon_id 
_pdbx_nonpoly_scheme.pdb_strand_id 
_pdbx_nonpoly_scheme.pdb_ins_code 
B 2 CA  1   201 1   CA  CA  A . 
C 2 CA  1   202 2   CA  CA  A . 
D 2 CA  1   203 3   CA  CA  A . 
E 2 CA  1   204 4   CA  CA  A . 
F 3 HOH 1   205 1   HOH HOH A . 
F 3 HOH 2   206 2   HOH HOH A . 
F 3 HOH 3   207 3   HOH HOH A . 
F 3 HOH 4   208 4   HOH HOH A . 
F 3 HOH 5   209 5   HOH HOH A . 
F 3 HOH 6   210 6   HOH HOH A . 
F 3 HOH 7   211 7   HOH HOH A . 
F 3 HOH 8   212 8   HOH HOH A . 
F 3 HOH 9   213 9   HOH HOH A . 
F 3 HOH 10  214 10  HOH HOH A . 
F 3 HOH 11  215 11  HOH HOH A . 
F 3 HOH 12  216 12  HOH HOH A . 
F 3 HOH 13  217 13  HOH HOH A . 
F 3 HOH 14  218 14  HOH HOH A . 
F 3 HOH 15  219 16  HOH HOH A . 
F 3 HOH 16  220 17  HOH HOH A . 
F 3 HOH 17  221 18  HOH HOH A . 
F 3 HOH 18  222 19  HOH HOH A . 
F 3 HOH 19  223 20  HOH HOH A . 
F 3 HOH 20  224 21  HOH HOH A . 
F 3 HOH 21  225 22  HOH HOH A . 
F 3 HOH 22  226 24  HOH HOH A . 
F 3 HOH 23  227 25  HOH HOH A . 
F 3 HOH 24  228 26  HOH HOH A . 
F 3 HOH 25  229 27  HOH HOH A . 
F 3 HOH 26  230 29  HOH HOH A . 
F 3 HOH 27  231 30  HOH HOH A . 
F 3 HOH 28  232 31  HOH HOH A . 
F 3 HOH 29  233 32  HOH HOH A . 
F 3 HOH 30  234 33  HOH HOH A . 
F 3 HOH 31  235 34  HOH HOH A . 
F 3 HOH 32  236 35  HOH HOH A . 
F 3 HOH 33  237 36  HOH HOH A . 
F 3 HOH 34  238 37  HOH HOH A . 
F 3 HOH 35  239 38  HOH HOH A . 
F 3 HOH 36  240 39  HOH HOH A . 
F 3 HOH 37  241 41  HOH HOH A . 
F 3 HOH 38  242 42  HOH HOH A . 
F 3 HOH 39  243 43  HOH HOH A . 
F 3 HOH 40  244 44  HOH HOH A . 
F 3 HOH 41  245 45  HOH HOH A . 
F 3 HOH 42  246 46  HOH HOH A . 
F 3 HOH 43  247 47  HOH HOH A . 
F 3 HOH 44  248 48  HOH HOH A . 
F 3 HOH 45  249 49  HOH HOH A . 
F 3 HOH 46  250 50  HOH HOH A . 
F 3 HOH 47  251 51  HOH HOH A . 
F 3 HOH 48  252 52  HOH HOH A . 
F 3 HOH 49  253 53  HOH HOH A . 
F 3 HOH 50  254 54  HOH HOH A . 
F 3 HOH 51  255 55  HOH HOH A . 
F 3 HOH 52  256 57  HOH HOH A . 
F 3 HOH 53  257 58  HOH HOH A . 
F 3 HOH 54  258 59  HOH HOH A . 
F 3 HOH 55  259 60  HOH HOH A . 
F 3 HOH 56  260 61  HOH HOH A . 
F 3 HOH 57  261 62  HOH HOH A . 
F 3 HOH 58  262 63  HOH HOH A . 
F 3 HOH 59  263 64  HOH HOH A . 
F 3 HOH 60  264 65  HOH HOH A . 
F 3 HOH 61  265 66  HOH HOH A . 
F 3 HOH 62  266 67  HOH HOH A . 
F 3 HOH 63  267 68  HOH HOH A . 
F 3 HOH 64  268 69  HOH HOH A . 
F 3 HOH 65  269 70  HOH HOH A . 
F 3 HOH 66  270 71  HOH HOH A . 
F 3 HOH 67  271 72  HOH HOH A . 
F 3 HOH 68  272 73  HOH HOH A . 
F 3 HOH 69  273 74  HOH HOH A . 
F 3 HOH 70  274 75  HOH HOH A . 
F 3 HOH 71  275 76  HOH HOH A . 
F 3 HOH 72  276 77  HOH HOH A . 
F 3 HOH 73  277 78  HOH HOH A . 
F 3 HOH 74  278 79  HOH HOH A . 
F 3 HOH 75  279 80  HOH HOH A . 
F 3 HOH 76  280 81  HOH HOH A . 
F 3 HOH 77  281 82  HOH HOH A . 
F 3 HOH 78  282 83  HOH HOH A . 
F 3 HOH 79  283 84  HOH HOH A . 
F 3 HOH 80  284 85  HOH HOH A . 
F 3 HOH 81  285 87  HOH HOH A . 
F 3 HOH 82  286 88  HOH HOH A . 
F 3 HOH 83  287 89  HOH HOH A . 
F 3 HOH 84  288 90  HOH HOH A . 
F 3 HOH 85  289 91  HOH HOH A . 
F 3 HOH 86  290 92  HOH HOH A . 
F 3 HOH 87  291 93  HOH HOH A . 
F 3 HOH 88  292 94  HOH HOH A . 
F 3 HOH 89  293 95  HOH HOH A . 
F 3 HOH 90  294 96  HOH HOH A . 
F 3 HOH 91  295 97  HOH HOH A . 
F 3 HOH 92  296 98  HOH HOH A . 
F 3 HOH 93  297 100 HOH HOH A . 
F 3 HOH 94  298 101 HOH HOH A . 
F 3 HOH 95  299 102 HOH HOH A . 
F 3 HOH 96  300 103 HOH HOH A . 
F 3 HOH 97  301 104 HOH HOH A . 
F 3 HOH 98  302 105 HOH HOH A . 
F 3 HOH 99  303 106 HOH HOH A . 
F 3 HOH 100 304 108 HOH HOH A . 
F 3 HOH 101 305 110 HOH HOH A . 
F 3 HOH 102 306 112 HOH HOH A . 
F 3 HOH 103 307 114 HOH HOH A . 
F 3 HOH 104 308 115 HOH HOH A . 
F 3 HOH 105 309 116 HOH HOH A . 
F 3 HOH 106 310 117 HOH HOH A . 
F 3 HOH 107 311 119 HOH HOH A . 
F 3 HOH 108 312 120 HOH HOH A . 
F 3 HOH 109 313 121 HOH HOH A . 
F 3 HOH 110 314 122 HOH HOH A . 
F 3 HOH 111 315 123 HOH HOH A . 
F 3 HOH 112 316 124 HOH HOH A . 
F 3 HOH 113 317 125 HOH HOH A . 
F 3 HOH 114 318 126 HOH HOH A . 
F 3 HOH 115 319 127 HOH HOH A . 
F 3 HOH 116 320 128 HOH HOH A . 
F 3 HOH 117 321 129 HOH HOH A . 
F 3 HOH 118 322 130 HOH HOH A . 
F 3 HOH 119 323 131 HOH HOH A . 
# 
loop_
_software.name 
_software.classification 
_software.version 
_software.citation_id 
_software.pdbx_ordinal 
AMoRE     phasing          . ? 1 
SHELXL-97 refinement       . ? 2 
DENZO     'data reduction' . ? 3 
SCALEPACK 'data scaling'   . ? 4 
# 
_cell.entry_id           1D8G 
_cell.length_a           31.735 
_cell.length_b           25.703 
_cell.length_c           34.215 
_cell.angle_alpha        90.00 
_cell.angle_beta         116.90 
_cell.angle_gamma        90.00 
_cell.Z_PDB              4 
_cell.pdbx_unique_axis   ? 
_cell.length_a_esd       ? 
_cell.length_b_esd       ? 
_cell.length_c_esd       ? 
_cell.angle_alpha_esd    ? 
_cell.angle_beta_esd     ? 
_cell.angle_gamma_esd    ? 
# 
_symmetry.entry_id                         1D8G 
_symmetry.space_group_name_H-M             'C 1 2 1' 
_symmetry.pdbx_full_space_group_name_H-M   ? 
_symmetry.cell_setting                     monoclinic 
_symmetry.Int_Tables_number                5 
_symmetry.space_group_name_Hall            ? 
# 
_exptl.entry_id          1D8G 
_exptl.method            'X-RAY DIFFRACTION' 
_exptl.crystals_number   3 
# 
_exptl_crystal.id                    1 
_exptl_crystal.density_meas          ? 
_exptl_crystal.density_percent_sol   39.81 
_exptl_crystal.density_Matthews      2.04 
_exptl_crystal.description           ? 
_exptl_crystal.F_000                 ? 
_exptl_crystal.preparation           ? 
# 
_exptl_crystal_grow.crystal_id      1 
_exptl_crystal_grow.method          'VAPOR DIFFUSION, SITTING DROP' 
_exptl_crystal_grow.temp            277.0 
_exptl_crystal_grow.temp_details    ? 
_exptl_crystal_grow.pH              8.0 
_exptl_crystal_grow.pdbx_details    
'MPD, CALCIUM ACETATE, TRIS(HYDROXYAMINOMETHANE) BUFFER, pH 8.0, VAPOR DIFFUSION, SITTING DROP, temperature 277.0K' 
_exptl_crystal_grow.pdbx_pH_range   ? 
# 
loop_
_exptl_crystal_grow_comp.crystal_id 
_exptl_crystal_grow_comp.id 
_exptl_crystal_grow_comp.sol_id 
_exptl_crystal_grow_comp.name 
_exptl_crystal_grow_comp.volume 
_exptl_crystal_grow_comp.conc 
_exptl_crystal_grow_comp.details 
1 1 1 'CALCIUM ACETATE,'                 ? ? ? 
1 2 1 'TRIS(HYDROXYAMINOMETHANE) BUFFER' ? ? ? 
1 3 1 MPD                                ? ? ? 
1 4 2 MPD                                ? ? ? 
# 
loop_
_diffrn.id 
_diffrn.ambient_temp 
_diffrn.ambient_temp_details 
_diffrn.crystal_id 
1 100.0 ? 1 
2 100.0 ? 1 
3 100.0 ? 1 
# 
loop_
_diffrn_detector.diffrn_id 
_diffrn_detector.detector 
_diffrn_detector.type 
_diffrn_detector.pdbx_collection_date 
_diffrn_detector.details 
1 'IMAGE PLATE' 'RIGAKU RAXIS IV' ? ?                          
2 'IMAGE PLATE' MARRESEARCH       ? 'DOUBLE FOCUSSING MIRRORS' 
3 'IMAGE PLATE' MARRESEARCH       ? 'DOUBLE FOCUSSING MIRRORS' 
# 
loop_
_diffrn_radiation.diffrn_id 
_diffrn_radiation.wavelength_id 
_diffrn_radiation.pdbx_monochromatic_or_laue_m_l 
_diffrn_radiation.monochromator 
_diffrn_radiation.pdbx_diffrn_protocol 
_diffrn_radiation.pdbx_scattering_type 
1 1 M ? 'SINGLE WAVELENGTH' x-ray 
2 1 M ? 'SINGLE WAVELENGTH' x-ray 
3 1 M ? 'SINGLE WAVELENGTH' x-ray 
# 
loop_
_diffrn_radiation_wavelength.id 
_diffrn_radiation_wavelength.wavelength 
_diffrn_radiation_wavelength.wt 
1 1.5418 1.0 
2 0.9800 1.0 
3 0.7800 1.0 
# 
loop_
_diffrn_source.diffrn_id 
_diffrn_source.source 
_diffrn_source.type 
_diffrn_source.pdbx_synchrotron_site 
_diffrn_source.pdbx_synchrotron_beamline 
_diffrn_source.pdbx_wavelength 
_diffrn_source.pdbx_wavelength_list 
1 'ROTATING ANODE' RIGAKU                ?    ?     1.5418 ? 
2 SYNCHROTRON      'SSRL BEAMLINE BL9-1' SSRL BL9-1 0.9800 ? 
3 SYNCHROTRON      'SSRL BEAMLINE BL9-1' SSRL BL9-1 0.7800 ? 
# 
_reflns.entry_id                     1D8G 
_reflns.observed_criterion_sigma_I   ? 
_reflns.observed_criterion_sigma_F   ? 
_reflns.d_resolution_low             16.0 
_reflns.d_resolution_high            0.74 
_reflns.number_obs                   29991 
_reflns.number_all                   29991 
_reflns.percent_possible_obs         90.0 
_reflns.pdbx_Rmerge_I_obs            0.0560000 
_reflns.pdbx_Rsym_value              ? 
_reflns.pdbx_netI_over_sigmaI        26.7 
_reflns.B_iso_Wilson_estimate        ? 
_reflns.pdbx_redundancy              4.3 
_reflns.R_free_details               ? 
_reflns.pdbx_chi_squared             ? 
_reflns.pdbx_scaling_rejects         ? 
_reflns.pdbx_ordinal                 1 
_reflns.pdbx_diffrn_id               1,2,3 
# 
_reflns_shell.d_res_high             0.74 
_reflns_shell.d_res_low              0.75 
_reflns_shell.percent_possible_all   71.1 
_reflns_shell.Rmerge_I_obs           0.2390000 
_reflns_shell.pdbx_Rsym_value        ? 
_reflns_shell.meanI_over_sigI_obs    ? 
_reflns_shell.pdbx_redundancy        ? 
_reflns_shell.percent_possible_obs   ? 
_reflns_shell.number_unique_all      ? 
_reflns_shell.number_measured_all    ? 
_reflns_shell.number_measured_obs    ? 
_reflns_shell.number_unique_obs      ? 
_reflns_shell.pdbx_chi_squared       ? 
_reflns_shell.pdbx_ordinal           1 
_reflns_shell.pdbx_diffrn_id         1,2,3 
# 
_refine.entry_id                                 1D8G 
_refine.ls_number_reflns_obs                     29991 
_refine.ls_number_reflns_all                     29991 
_refine.pdbx_ls_sigma_I                          0 
_refine.pdbx_ls_sigma_F                          0 
_refine.pdbx_data_cutoff_high_absF               ? 
_refine.pdbx_data_cutoff_low_absF                ? 
_refine.pdbx_data_cutoff_high_rms_absF           ? 
_refine.ls_d_res_low                             16.0 
_refine.ls_d_res_high                            0.74 
_refine.ls_percent_reflns_obs                    90.0 
_refine.ls_R_factor_obs                          0.1050000 
_refine.ls_R_factor_all                          0.1050000 
_refine.ls_R_factor_R_work                       ? 
_refine.ls_R_factor_R_free                       0.1310000 
_refine.ls_R_factor_R_free_error                 ? 
_refine.ls_R_factor_R_free_error_details         ? 
_refine.ls_percent_reflns_R_free                 5.9 
_refine.ls_number_reflns_R_free                  1783 
_refine.ls_number_parameters                     ? 
_refine.ls_number_restraints                     ? 
_refine.occupancy_min                            ? 
_refine.occupancy_max                            ? 
_refine.B_iso_mean                               ? 
_refine.aniso_B[1][1]                            ? 
_refine.aniso_B[2][2]                            ? 
_refine.aniso_B[3][3]                            ? 
_refine.aniso_B[1][2]                            ? 
_refine.aniso_B[1][3]                            ? 
_refine.aniso_B[2][3]                            ? 
_refine.solvent_model_details                    ? 
_refine.solvent_model_param_ksol                 ? 
_refine.solvent_model_param_bsol                 ? 
_refine.pdbx_ls_cross_valid_method               THROUGHOUT 
_refine.details                                  ? 
_refine.pdbx_starting_model                      ? 
_refine.pdbx_method_to_determine_struct          ? 
_refine.pdbx_isotropic_thermal_model             ? 
_refine.pdbx_stereochemistry_target_values       'SADI RESTRAINTS ON BACKBONE' 
_refine.pdbx_stereochem_target_val_spec_case     ? 
_refine.pdbx_R_Free_selection_details            RANDOM 
_refine.pdbx_overall_ESU_R                       ? 
_refine.pdbx_overall_ESU_R_Free                  ? 
_refine.overall_SU_ML                            ? 
_refine.overall_SU_B                             ? 
_refine.pdbx_refine_id                           'X-RAY DIFFRACTION' 
_refine.ls_redundancy_reflns_obs                 ? 
_refine.pdbx_overall_phase_error                 ? 
_refine.correlation_coeff_Fo_to_Fc               ? 
_refine.correlation_coeff_Fo_to_Fc_free          ? 
_refine.pdbx_solvent_vdw_probe_radii             ? 
_refine.pdbx_solvent_ion_probe_radii             ? 
_refine.pdbx_solvent_shrinkage_radii             ? 
_refine.overall_SU_R_Cruickshank_DPI             ? 
_refine.overall_SU_R_free                        ? 
_refine.ls_wR_factor_R_free                      ? 
_refine.ls_wR_factor_R_work                      ? 
_refine.overall_FOM_free_R_set                   ? 
_refine.overall_FOM_work_R_set                   ? 
_refine.pdbx_diffrn_id                           1,2,3 
_refine.pdbx_TLS_residual_ADP_flag               ? 
_refine.pdbx_overall_SU_R_free_Cruickshank_DPI   ? 
_refine.pdbx_overall_SU_R_Blow_DPI               ? 
_refine.pdbx_overall_SU_R_free_Blow_DPI          ? 
# 
_refine_hist.pdbx_refine_id                   'X-RAY DIFFRACTION' 
_refine_hist.cycle_id                         LAST 
_refine_hist.pdbx_number_atoms_protein        0 
_refine_hist.pdbx_number_atoms_nucleic_acid   202 
_refine_hist.pdbx_number_atoms_ligand         4 
_refine_hist.number_atoms_solvent             119 
_refine_hist.number_atoms_total               325 
_refine_hist.d_res_high                       0.74 
_refine_hist.d_res_low                        16.0 
# 
_struct.entry_id                  1D8G 
_struct.title                     'ULTRAHIGH RESOLUTION CRYSTAL STRUCTURE OF B-DNA DECAMER D(CCAGTACTGG)' 
_struct.pdbx_model_details        ? 
_struct.pdbx_CASP_flag            ? 
_struct.pdbx_model_type_details   ? 
# 
_struct_keywords.entry_id        1D8G 
_struct_keywords.pdbx_keywords   DNA 
_struct_keywords.text            'B-DNA, ALTERNATE CONFORMATION, ULTRAHIGH RESOLUTION, TRP REPRESSOR, POLYAMIDE, DNA' 
# 
loop_
_struct_asym.id 
_struct_asym.pdbx_blank_PDB_chainid_flag 
_struct_asym.pdbx_modified 
_struct_asym.entity_id 
_struct_asym.details 
A N N 1 ? 
B N N 2 ? 
C N N 2 ? 
D N N 2 ? 
E N N 2 ? 
F N N 3 ? 
# 
_struct_ref.id                         1 
_struct_ref.entity_id                  1 
_struct_ref.db_name                    PDB 
_struct_ref.db_code                    1D8G 
_struct_ref.pdbx_db_accession          1D8G 
_struct_ref.pdbx_align_begin           ? 
_struct_ref.pdbx_seq_one_letter_code   ? 
_struct_ref.pdbx_db_isoform            ? 
# 
_struct_ref_seq.align_id                      1 
_struct_ref_seq.ref_id                        1 
_struct_ref_seq.pdbx_PDB_id_code              1D8G 
_struct_ref_seq.pdbx_strand_id                A 
_struct_ref_seq.seq_align_beg                 1 
_struct_ref_seq.pdbx_seq_align_beg_ins_code   ? 
_struct_ref_seq.seq_align_end                 10 
_struct_ref_seq.pdbx_seq_align_end_ins_code   ? 
_struct_ref_seq.pdbx_db_accession             1D8G 
_struct_ref_seq.db_align_beg                  1 
_struct_ref_seq.pdbx_db_align_beg_ins_code    ? 
_struct_ref_seq.db_align_end                  10 
_struct_ref_seq.pdbx_db_align_end_ins_code    ? 
_struct_ref_seq.pdbx_auth_seq_align_beg       1 
_struct_ref_seq.pdbx_auth_seq_align_end       10 
# 
_pdbx_struct_assembly.id                   1 
_pdbx_struct_assembly.details              author_defined_assembly 
_pdbx_struct_assembly.method_details       ? 
_pdbx_struct_assembly.oligomeric_details   dimeric 
_pdbx_struct_assembly.oligomeric_count     2 
# 
_pdbx_struct_assembly_gen.assembly_id       1 
_pdbx_struct_assembly_gen.oper_expression   1,2 
_pdbx_struct_assembly_gen.asym_id_list      A,B,C,D,E,F 
# 
loop_
_pdbx_struct_oper_list.id 
_pdbx_struct_oper_list.type 
_pdbx_struct_oper_list.name 
_pdbx_struct_oper_list.symmetry_operation 
_pdbx_struct_oper_list.matrix[1][1] 
_pdbx_struct_oper_list.matrix[1][2] 
_pdbx_struct_oper_list.matrix[1][3] 
_pdbx_struct_oper_list.vector[1] 
_pdbx_struct_oper_list.matrix[2][1] 
_pdbx_struct_oper_list.matrix[2][2] 
_pdbx_struct_oper_list.matrix[2][3] 
_pdbx_struct_oper_list.vector[2] 
_pdbx_struct_oper_list.matrix[3][1] 
_pdbx_struct_oper_list.matrix[3][2] 
_pdbx_struct_oper_list.matrix[3][3] 
_pdbx_struct_oper_list.vector[3] 
1 'identity operation'         1_555 x,y,z   1.0000000000  0.0000000000 0.0000000000  0.0000000000 0.0000000000 1.0000000000  0.0000000000  0.0000000000 0.0000000000  0.0000000000  1.0000000000 0.0000000000 
2 'crystal symmetry operation' 2_555 -x,y,-z -0.9897877080 0.0210164685 -0.1409914931 1.5197878782 0.0210164685 -0.9567489894 -0.2901545782 1.2917133857 -0.1409914931 -0.2901545782 0.9465366974 0.3026265652 
# 
_struct_biol.id        1 
_struct_biol.details   ? 
# 
loop_
_struct_conn.id 
_struct_conn.conn_type_id 
_struct_conn.pdbx_leaving_atom_flag 
_struct_conn.pdbx_PDB_id 
_struct_conn.ptnr1_label_asym_id 
_struct_conn.ptnr1_label_comp_id 
_struct_conn.ptnr1_label_seq_id 
_struct_conn.ptnr1_label_atom_id 
_struct_conn.pdbx_ptnr1_label_alt_id 
_struct_conn.pdbx_ptnr1_PDB_ins_code 
_struct_conn.pdbx_ptnr1_standard_comp_id 
_struct_conn.ptnr1_symmetry 
_struct_conn.ptnr2_label_asym_id 
_struct_conn.ptnr2_label_comp_id 
_struct_conn.ptnr2_label_seq_id 
_struct_conn.ptnr2_label_atom_id 
_struct_conn.pdbx_ptnr2_label_alt_id 
_struct_conn.pdbx_ptnr2_PDB_ins_code 
_struct_conn.ptnr1_auth_asym_id 
_struct_conn.ptnr1_auth_comp_id 
_struct_conn.ptnr1_auth_seq_id 
_struct_conn.ptnr2_auth_asym_id 
_struct_conn.ptnr2_auth_comp_id 
_struct_conn.ptnr2_auth_seq_id 
_struct_conn.ptnr2_symmetry 
_struct_conn.pdbx_ptnr3_label_atom_id 
_struct_conn.pdbx_ptnr3_label_seq_id 
_struct_conn.pdbx_ptnr3_label_comp_id 
_struct_conn.pdbx_ptnr3_label_asym_id 
_struct_conn.pdbx_ptnr3_label_alt_id 
_struct_conn.pdbx_ptnr3_PDB_ins_code 
_struct_conn.details 
_struct_conn.pdbx_dist_value 
_struct_conn.pdbx_value_order 
_struct_conn.pdbx_role 
metalc1  metalc ? ? A DG 9  N7 ? ? ? 1_556 C CA  .  CA ? ? A DG 9   A CA  202 1_555 ? ? ? ? ? ? ?            2.650 ? ? 
metalc2  metalc ? ? A DG 10 O6 ? ? ? 1_556 C CA  .  CA ? ? A DG 10  A CA  202 1_555 ? ? ? ? ? ? ?            2.637 ? ? 
metalc3  metalc ? ? B CA .  CA ? ? ? 1_555 F HOH .  O  ? ? A CA 201 A HOH 210 4_445 ? ? ? ? ? ? ?            2.776 ? ? 
metalc4  metalc ? ? B CA .  CA ? ? ? 1_555 F HOH .  O  ? ? A CA 201 A HOH 230 1_555 ? ? ? ? ? ? ?            2.378 ? ? 
metalc5  metalc ? ? B CA .  CA ? ? ? 1_555 F HOH .  O  ? ? A CA 201 A HOH 271 1_555 ? ? ? ? ? ? ?            1.828 ? ? 
metalc6  metalc ? ? B CA .  CA ? ? ? 1_555 F HOH .  O  ? ? A CA 201 A HOH 271 2_454 ? ? ? ? ? ? ?            2.658 ? ? 
metalc7  metalc ? ? B CA .  CA ? ? ? 1_555 F HOH .  O  ? ? A CA 201 A HOH 286 1_555 ? ? ? ? ? ? ?            1.999 ? ? 
metalc8  metalc ? ? B CA .  CA ? ? ? 1_555 F HOH .  O  ? ? A CA 201 A HOH 318 1_555 ? ? ? ? ? ? ?            2.389 ? ? 
metalc9  metalc ? ? B CA .  CA ? ? ? 1_555 F HOH .  O  ? ? A CA 201 A HOH 319 1_555 ? ? ? ? ? ? ?            2.315 ? ? 
metalc10 metalc ? ? B CA .  CA ? ? ? 1_555 F HOH .  O  ? ? A CA 201 A HOH 319 2_454 ? ? ? ? ? ? ?            2.587 ? ? 
metalc11 metalc ? ? B CA .  CA ? ? ? 1_555 F HOH .  O  ? ? A CA 201 A HOH 320 4_444 ? ? ? ? ? ? ?            2.893 ? ? 
metalc12 metalc ? ? B CA .  CA ? ? ? 1_555 F HOH .  O  ? ? A CA 201 A HOH 321 1_555 ? ? ? ? ? ? ?            1.812 ? ? 
metalc13 metalc ? ? B CA .  CA ? ? ? 1_555 F HOH .  O  ? ? A CA 201 A HOH 321 2_454 ? ? ? ? ? ? ?            2.597 ? ? 
metalc14 metalc ? ? B CA .  CA ? ? ? 1_555 F HOH .  O  ? ? A CA 201 A HOH 323 1_555 ? ? ? ? ? ? ?            2.387 ? ? 
metalc15 metalc ? ? C CA .  CA ? ? ? 1_555 F HOH .  O  ? ? A CA 202 A HOH 214 1_555 ? ? ? ? ? ? ?            2.594 ? ? 
metalc16 metalc ? ? C CA .  CA ? ? ? 1_555 F HOH .  O  ? ? A CA 202 A HOH 261 1_555 ? ? ? ? ? ? ?            2.672 ? ? 
metalc17 metalc ? ? C CA .  CA ? ? ? 1_555 F HOH .  O  ? ? A CA 202 A HOH 262 1_556 ? ? ? ? ? ? ?            2.775 ? ? 
metalc18 metalc ? ? C CA .  CA ? ? ? 1_555 F HOH .  O  ? ? A CA 202 A HOH 263 1_555 ? ? ? ? ? ? ?            2.645 ? ? 
metalc19 metalc ? ? C CA .  CA ? ? ? 1_555 F HOH .  O  ? ? A CA 202 A HOH 270 1_555 ? ? ? ? ? ? ?            3.313 ? ? 
metalc20 metalc ? ? C CA .  CA ? ? ? 1_555 F HOH .  O  ? ? A CA 202 A HOH 270 2_556 ? ? ? ? ? ? ?            2.403 ? ? 
metalc21 metalc ? ? D CA .  CA ? ? ? 1_555 F HOH .  O  ? ? A CA 203 A HOH 219 1_555 ? ? ? ? ? ? ?            2.466 ? ? 
metalc22 metalc ? ? D CA .  CA ? ? ? 1_555 F HOH .  O  A ? A CA 203 A HOH 240 1_555 ? ? ? ? ? ? ?            2.448 ? ? 
metalc23 metalc ? ? D CA .  CA ? ? ? 1_555 F HOH .  O  B ? A CA 203 A HOH 240 1_555 ? ? ? ? ? ? ?            2.549 ? ? 
metalc24 metalc ? ? D CA .  CA ? ? ? 1_555 F HOH .  O  ? ? A CA 203 A HOH 264 1_555 ? ? ? ? ? ? ?            2.246 ? ? 
metalc25 metalc ? ? D CA .  CA ? ? ? 1_555 F HOH .  O  ? ? A CA 203 A HOH 265 1_555 ? ? ? ? ? ? ?            2.139 ? ? 
metalc26 metalc ? ? D CA .  CA ? ? ? 1_555 F HOH .  O  ? ? A CA 203 A HOH 266 1_555 ? ? ? ? ? ? ?            2.270 ? ? 
metalc27 metalc ? ? D CA .  CA ? ? ? 1_555 F HOH .  O  ? ? A CA 203 A HOH 267 1_555 ? ? ? ? ? ? ?            2.353 ? ? 
metalc28 metalc ? ? D CA .  CA ? ? ? 1_555 F HOH .  O  ? ? A CA 203 A HOH 268 1_555 ? ? ? ? ? ? ?            2.457 ? ? 
metalc29 metalc ? ? E CA .  CA B ? ? 1_555 F HOH .  O  B ? A CA 204 A HOH 229 1_555 ? ? ? ? ? ? ?            3.106 ? ? 
metalc30 metalc ? ? E CA .  CA A ? ? 1_555 F HOH .  O  A ? A CA 204 A HOH 229 1_555 ? ? ? ? ? ? ?            3.294 ? ? 
metalc31 metalc ? ? E CA .  CA A ? ? 1_555 F HOH .  O  ? ? A CA 204 A HOH 235 1_555 ? ? ? ? ? ? ?            2.368 ? ? 
metalc32 metalc ? ? E CA .  CA B ? ? 1_555 F HOH .  O  ? ? A CA 204 A HOH 235 1_555 ? ? ? ? ? ? ?            2.472 ? ? 
metalc33 metalc ? ? E CA .  CA B ? ? 1_555 F HOH .  O  B ? A CA 204 A HOH 304 1_555 ? ? ? ? ? ? ?            2.819 ? ? 
metalc34 metalc ? ? E CA .  CA A ? ? 1_555 F HOH .  O  A ? A CA 204 A HOH 304 1_555 ? ? ? ? ? ? ?            2.027 ? ? 
metalc35 metalc ? ? E CA .  CA B ? ? 1_555 F HOH .  O  B ? A CA 204 A HOH 306 2_555 ? ? ? ? ? ? ?            3.111 ? ? 
metalc36 metalc ? ? E CA .  CA A ? ? 1_555 F HOH .  O  A ? A CA 204 A HOH 306 2_555 ? ? ? ? ? ? ?            2.474 ? ? 
hydrog1  hydrog ? ? A DC 1  N3 ? ? ? 1_555 A DG  10 N1 ? ? A DC 1   A DG  10  2_555 ? ? ? ? ? ? WATSON-CRICK ?     ? ? 
hydrog2  hydrog ? ? A DC 1  N4 ? ? ? 1_555 A DG  10 O6 ? ? A DC 1   A DG  10  2_555 ? ? ? ? ? ? WATSON-CRICK ?     ? ? 
hydrog3  hydrog ? ? A DC 1  O2 ? ? ? 1_555 A DG  10 N2 ? ? A DC 1   A DG  10  2_555 ? ? ? ? ? ? WATSON-CRICK ?     ? ? 
hydrog4  hydrog ? ? A DC 2  N3 ? ? ? 1_555 A DG  9  N1 ? ? A DC 2   A DG  9   2_555 ? ? ? ? ? ? WATSON-CRICK ?     ? ? 
hydrog5  hydrog ? ? A DC 2  N4 ? ? ? 1_555 A DG  9  O6 ? ? A DC 2   A DG  9   2_555 ? ? ? ? ? ? WATSON-CRICK ?     ? ? 
hydrog6  hydrog ? ? A DC 2  O2 ? ? ? 1_555 A DG  9  N2 ? ? A DC 2   A DG  9   2_555 ? ? ? ? ? ? WATSON-CRICK ?     ? ? 
hydrog7  hydrog ? ? A DA 3  N1 ? ? ? 1_555 A DT  8  N3 ? ? A DA 3   A DT  8   2_555 ? ? ? ? ? ? WATSON-CRICK ?     ? ? 
hydrog8  hydrog ? ? A DA 3  N6 ? ? ? 1_555 A DT  8  O4 ? ? A DA 3   A DT  8   2_555 ? ? ? ? ? ? WATSON-CRICK ?     ? ? 
hydrog9  hydrog ? ? A DG 4  N1 ? ? ? 1_555 A DC  7  N3 ? ? A DG 4   A DC  7   2_555 ? ? ? ? ? ? WATSON-CRICK ?     ? ? 
hydrog10 hydrog ? ? A DG 4  N2 ? ? ? 1_555 A DC  7  O2 ? ? A DG 4   A DC  7   2_555 ? ? ? ? ? ? WATSON-CRICK ?     ? ? 
hydrog11 hydrog ? ? A DG 4  O6 ? ? ? 1_555 A DC  7  N4 ? ? A DG 4   A DC  7   2_555 ? ? ? ? ? ? WATSON-CRICK ?     ? ? 
hydrog12 hydrog ? ? A DT 5  N3 A ? ? 1_555 A DA  6  N1 ? ? A DT 5   A DA  6   2_555 ? ? ? ? ? ? WATSON-CRICK ?     ? ? 
hydrog13 hydrog ? ? A DT 5  O4 A ? ? 1_555 A DA  6  N6 ? ? A DT 5   A DA  6   2_555 ? ? ? ? ? ? WATSON-CRICK ?     ? ? 
hydrog14 hydrog ? ? A DA 6  N1 ? ? ? 1_555 A DT  5  N3 A ? A DA 6   A DT  5   2_555 ? ? ? ? ? ? WATSON-CRICK ?     ? ? 
hydrog15 hydrog ? ? A DA 6  N6 ? ? ? 1_555 A DT  5  O4 A ? A DA 6   A DT  5   2_555 ? ? ? ? ? ? WATSON-CRICK ?     ? ? 
hydrog16 hydrog ? ? A DC 7  N3 ? ? ? 1_555 A DG  4  N1 ? ? A DC 7   A DG  4   2_555 ? ? ? ? ? ? WATSON-CRICK ?     ? ? 
hydrog17 hydrog ? ? A DC 7  N4 ? ? ? 1_555 A DG  4  O6 ? ? A DC 7   A DG  4   2_555 ? ? ? ? ? ? WATSON-CRICK ?     ? ? 
hydrog18 hydrog ? ? A DC 7  O2 ? ? ? 1_555 A DG  4  N2 ? ? A DC 7   A DG  4   2_555 ? ? ? ? ? ? WATSON-CRICK ?     ? ? 
hydrog19 hydrog ? ? A DT 8  N3 ? ? ? 1_555 A DA  3  N1 ? ? A DT 8   A DA  3   2_555 ? ? ? ? ? ? WATSON-CRICK ?     ? ? 
hydrog20 hydrog ? ? A DT 8  O4 ? ? ? 1_555 A DA  3  N6 ? ? A DT 8   A DA  3   2_555 ? ? ? ? ? ? WATSON-CRICK ?     ? ? 
hydrog21 hydrog ? ? A DG 9  N1 ? ? ? 1_555 A DC  2  N3 ? ? A DG 9   A DC  2   2_555 ? ? ? ? ? ? WATSON-CRICK ?     ? ? 
hydrog22 hydrog ? ? A DG 9  N2 ? ? ? 1_555 A DC  2  O2 ? ? A DG 9   A DC  2   2_555 ? ? ? ? ? ? WATSON-CRICK ?     ? ? 
hydrog23 hydrog ? ? A DG 9  O6 ? ? ? 1_555 A DC  2  N4 ? ? A DG 9   A DC  2   2_555 ? ? ? ? ? ? WATSON-CRICK ?     ? ? 
hydrog24 hydrog ? ? A DG 10 N1 ? ? ? 1_555 A DC  1  N3 ? ? A DG 10  A DC  1   2_555 ? ? ? ? ? ? WATSON-CRICK ?     ? ? 
hydrog25 hydrog ? ? A DG 10 N2 ? ? ? 1_555 A DC  1  O2 ? ? A DG 10  A DC  1   2_555 ? ? ? ? ? ? WATSON-CRICK ?     ? ? 
hydrog26 hydrog ? ? A DG 10 O6 ? ? ? 1_555 A DC  1  N4 ? ? A DG 10  A DC  1   2_555 ? ? ? ? ? ? WATSON-CRICK ?     ? ? 
# 
loop_
_struct_conn_type.id 
_struct_conn_type.criteria 
_struct_conn_type.reference 
metalc ? ? 
hydrog ? ? 
# 
loop_
_pdbx_struct_conn_angle.id 
_pdbx_struct_conn_angle.ptnr1_label_atom_id 
_pdbx_struct_conn_angle.ptnr1_label_alt_id 
_pdbx_struct_conn_angle.ptnr1_label_asym_id 
_pdbx_struct_conn_angle.ptnr1_label_comp_id 
_pdbx_struct_conn_angle.ptnr1_label_seq_id 
_pdbx_struct_conn_angle.ptnr1_auth_atom_id 
_pdbx_struct_conn_angle.ptnr1_auth_asym_id 
_pdbx_struct_conn_angle.ptnr1_auth_comp_id 
_pdbx_struct_conn_angle.ptnr1_auth_seq_id 
_pdbx_struct_conn_angle.ptnr1_PDB_ins_code 
_pdbx_struct_conn_angle.ptnr1_symmetry 
_pdbx_struct_conn_angle.ptnr2_label_atom_id 
_pdbx_struct_conn_angle.ptnr2_label_alt_id 
_pdbx_struct_conn_angle.ptnr2_label_asym_id 
_pdbx_struct_conn_angle.ptnr2_label_comp_id 
_pdbx_struct_conn_angle.ptnr2_label_seq_id 
_pdbx_struct_conn_angle.ptnr2_auth_atom_id 
_pdbx_struct_conn_angle.ptnr2_auth_asym_id 
_pdbx_struct_conn_angle.ptnr2_auth_comp_id 
_pdbx_struct_conn_angle.ptnr2_auth_seq_id 
_pdbx_struct_conn_angle.ptnr2_PDB_ins_code 
_pdbx_struct_conn_angle.ptnr2_symmetry 
_pdbx_struct_conn_angle.ptnr3_label_atom_id 
_pdbx_struct_conn_angle.ptnr3_label_alt_id 
_pdbx_struct_conn_angle.ptnr3_label_asym_id 
_pdbx_struct_conn_angle.ptnr3_label_comp_id 
_pdbx_struct_conn_angle.ptnr3_label_seq_id 
_pdbx_struct_conn_angle.ptnr3_auth_atom_id 
_pdbx_struct_conn_angle.ptnr3_auth_asym_id 
_pdbx_struct_conn_angle.ptnr3_auth_comp_id 
_pdbx_struct_conn_angle.ptnr3_auth_seq_id 
_pdbx_struct_conn_angle.ptnr3_PDB_ins_code 
_pdbx_struct_conn_angle.ptnr3_symmetry 
_pdbx_struct_conn_angle.value 
_pdbx_struct_conn_angle.value_esd 
1   N7 ? A DG  9  ? A DG  9   ? 1_556 CA ? C CA . ? A CA 202 ? 1_555 O6 ? A DG  10 ? A DG  10  ? 1_556 78.8  ? 
2   N7 ? A DG  9  ? A DG  9   ? 1_556 CA ? C CA . ? A CA 202 ? 1_555 O  ? F HOH .  ? A HOH 214 ? 1_555 78.9  ? 
3   O6 ? A DG  10 ? A DG  10  ? 1_556 CA ? C CA . ? A CA 202 ? 1_555 O  ? F HOH .  ? A HOH 214 ? 1_555 155.2 ? 
4   N7 ? A DG  9  ? A DG  9   ? 1_556 CA ? C CA . ? A CA 202 ? 1_555 O  ? F HOH .  ? A HOH 261 ? 1_555 120.6 ? 
5   O6 ? A DG  10 ? A DG  10  ? 1_556 CA ? C CA . ? A CA 202 ? 1_555 O  ? F HOH .  ? A HOH 261 ? 1_555 139.9 ? 
6   O  ? F HOH .  ? A HOH 214 ? 1_555 CA ? C CA . ? A CA 202 ? 1_555 O  ? F HOH .  ? A HOH 261 ? 1_555 62.7  ? 
7   N7 ? A DG  9  ? A DG  9   ? 1_556 CA ? C CA . ? A CA 202 ? 1_555 O  ? F HOH .  ? A HOH 262 ? 1_556 84.7  ? 
8   O6 ? A DG  10 ? A DG  10  ? 1_556 CA ? C CA . ? A CA 202 ? 1_555 O  ? F HOH .  ? A HOH 262 ? 1_556 98.3  ? 
9   O  ? F HOH .  ? A HOH 214 ? 1_555 CA ? C CA . ? A CA 202 ? 1_555 O  ? F HOH .  ? A HOH 262 ? 1_556 90.2  ? 
10  O  ? F HOH .  ? A HOH 261 ? 1_555 CA ? C CA . ? A CA 202 ? 1_555 O  ? F HOH .  ? A HOH 262 ? 1_556 54.2  ? 
11  N7 ? A DG  9  ? A DG  9   ? 1_556 CA ? C CA . ? A CA 202 ? 1_555 O  ? F HOH .  ? A HOH 263 ? 1_555 86.5  ? 
12  O6 ? A DG  10 ? A DG  10  ? 1_556 CA ? C CA . ? A CA 202 ? 1_555 O  ? F HOH .  ? A HOH 263 ? 1_555 83.5  ? 
13  O  ? F HOH .  ? A HOH 214 ? 1_555 CA ? C CA . ? A CA 202 ? 1_555 O  ? F HOH .  ? A HOH 263 ? 1_555 84.5  ? 
14  O  ? F HOH .  ? A HOH 261 ? 1_555 CA ? C CA . ? A CA 202 ? 1_555 O  ? F HOH .  ? A HOH 263 ? 1_555 128.8 ? 
15  O  ? F HOH .  ? A HOH 262 ? 1_556 CA ? C CA . ? A CA 202 ? 1_555 O  ? F HOH .  ? A HOH 263 ? 1_555 170.4 ? 
16  N7 ? A DG  9  ? A DG  9   ? 1_556 CA ? C CA . ? A CA 202 ? 1_555 O  ? F HOH .  ? A HOH 270 ? 1_555 121.7 ? 
17  O6 ? A DG  10 ? A DG  10  ? 1_556 CA ? C CA . ? A CA 202 ? 1_555 O  ? F HOH .  ? A HOH 270 ? 1_555 58.2  ? 
18  O  ? F HOH .  ? A HOH 214 ? 1_555 CA ? C CA . ? A CA 202 ? 1_555 O  ? F HOH .  ? A HOH 270 ? 1_555 128.1 ? 
19  O  ? F HOH .  ? A HOH 261 ? 1_555 CA ? C CA . ? A CA 202 ? 1_555 O  ? F HOH .  ? A HOH 270 ? 1_555 117.6 ? 
20  O  ? F HOH .  ? A HOH 262 ? 1_556 CA ? C CA . ? A CA 202 ? 1_555 O  ? F HOH .  ? A HOH 270 ? 1_555 134.6 ? 
21  O  ? F HOH .  ? A HOH 263 ? 1_555 CA ? C CA . ? A CA 202 ? 1_555 O  ? F HOH .  ? A HOH 270 ? 1_555 54.0  ? 
22  N7 ? A DG  9  ? A DG  9   ? 1_556 CA ? C CA . ? A CA 202 ? 1_555 O  ? F HOH .  ? A HOH 270 ? 2_556 142.0 ? 
23  O6 ? A DG  10 ? A DG  10  ? 1_556 CA ? C CA . ? A CA 202 ? 1_555 O  ? F HOH .  ? A HOH 270 ? 2_556 63.2  ? 
24  O  ? F HOH .  ? A HOH 214 ? 1_555 CA ? C CA . ? A CA 202 ? 1_555 O  ? F HOH .  ? A HOH 270 ? 2_556 138.2 ? 
25  O  ? F HOH .  ? A HOH 261 ? 1_555 CA ? C CA . ? A CA 202 ? 1_555 O  ? F HOH .  ? A HOH 270 ? 2_556 90.9  ? 
26  O  ? F HOH .  ? A HOH 262 ? 1_556 CA ? C CA . ? A CA 202 ? 1_555 O  ? F HOH .  ? A HOH 270 ? 2_556 99.9  ? 
27  O  ? F HOH .  ? A HOH 263 ? 1_555 CA ? C CA . ? A CA 202 ? 1_555 O  ? F HOH .  ? A HOH 270 ? 2_556 89.3  ? 
28  O  ? F HOH .  ? A HOH 270 ? 1_555 CA ? C CA . ? A CA 202 ? 1_555 O  ? F HOH .  ? A HOH 270 ? 2_556 36.1  ? 
29  O  ? F HOH .  ? A HOH 210 ? 4_445 CA ? B CA . ? A CA 201 ? 1_555 O  ? F HOH .  ? A HOH 230 ? 1_555 82.1  ? 
30  O  ? F HOH .  ? A HOH 210 ? 4_445 CA ? B CA . ? A CA 201 ? 1_555 O  ? F HOH .  ? A HOH 271 ? 1_555 88.1  ? 
31  O  ? F HOH .  ? A HOH 230 ? 1_555 CA ? B CA . ? A CA 201 ? 1_555 O  ? F HOH .  ? A HOH 271 ? 1_555 82.0  ? 
32  O  ? F HOH .  ? A HOH 210 ? 4_445 CA ? B CA . ? A CA 201 ? 1_555 O  ? F HOH .  ? A HOH 271 ? 2_454 61.3  ? 
33  O  ? F HOH .  ? A HOH 230 ? 1_555 CA ? B CA . ? A CA 201 ? 1_555 O  ? F HOH .  ? A HOH 271 ? 2_454 139.9 ? 
34  O  ? F HOH .  ? A HOH 271 ? 1_555 CA ? B CA . ? A CA 201 ? 1_555 O  ? F HOH .  ? A HOH 271 ? 2_454 81.1  ? 
35  O  ? F HOH .  ? A HOH 210 ? 4_445 CA ? B CA . ? A CA 201 ? 1_555 O  ? F HOH .  ? A HOH 286 ? 1_555 110.4 ? 
36  O  ? F HOH .  ? A HOH 230 ? 1_555 CA ? B CA . ? A CA 201 ? 1_555 O  ? F HOH .  ? A HOH 286 ? 1_555 161.2 ? 
37  O  ? F HOH .  ? A HOH 271 ? 1_555 CA ? B CA . ? A CA 201 ? 1_555 O  ? F HOH .  ? A HOH 286 ? 1_555 84.3  ? 
38  O  ? F HOH .  ? A HOH 271 ? 2_454 CA ? B CA . ? A CA 201 ? 1_555 O  ? F HOH .  ? A HOH 286 ? 1_555 49.1  ? 
39  O  ? F HOH .  ? A HOH 210 ? 4_445 CA ? B CA . ? A CA 201 ? 1_555 O  ? F HOH .  ? A HOH 318 ? 1_555 154.8 ? 
40  O  ? F HOH .  ? A HOH 230 ? 1_555 CA ? B CA . ? A CA 201 ? 1_555 O  ? F HOH .  ? A HOH 318 ? 1_555 74.4  ? 
41  O  ? F HOH .  ? A HOH 271 ? 1_555 CA ? B CA . ? A CA 201 ? 1_555 O  ? F HOH .  ? A HOH 318 ? 1_555 97.3  ? 
42  O  ? F HOH .  ? A HOH 271 ? 2_454 CA ? B CA . ? A CA 201 ? 1_555 O  ? F HOH .  ? A HOH 318 ? 1_555 143.8 ? 
43  O  ? F HOH .  ? A HOH 286 ? 1_555 CA ? B CA . ? A CA 201 ? 1_555 O  ? F HOH .  ? A HOH 318 ? 1_555 94.7  ? 
44  O  ? F HOH .  ? A HOH 210 ? 4_445 CA ? B CA . ? A CA 201 ? 1_555 O  ? F HOH .  ? A HOH 319 ? 1_555 155.3 ? 
45  O  ? F HOH .  ? A HOH 230 ? 1_555 CA ? B CA . ? A CA 201 ? 1_555 O  ? F HOH .  ? A HOH 319 ? 1_555 110.5 ? 
46  O  ? F HOH .  ? A HOH 271 ? 1_555 CA ? B CA . ? A CA 201 ? 1_555 O  ? F HOH .  ? A HOH 319 ? 1_555 114.1 ? 
47  O  ? F HOH .  ? A HOH 271 ? 2_454 CA ? B CA . ? A CA 201 ? 1_555 O  ? F HOH .  ? A HOH 319 ? 1_555 109.6 ? 
48  O  ? F HOH .  ? A HOH 286 ? 1_555 CA ? B CA . ? A CA 201 ? 1_555 O  ? F HOH .  ? A HOH 319 ? 1_555 64.0  ? 
49  O  ? F HOH .  ? A HOH 318 ? 1_555 CA ? B CA . ? A CA 201 ? 1_555 O  ? F HOH .  ? A HOH 319 ? 1_555 38.2  ? 
50  O  ? F HOH .  ? A HOH 210 ? 4_445 CA ? B CA . ? A CA 201 ? 1_555 O  ? F HOH .  ? A HOH 319 ? 2_454 121.2 ? 
51  O  ? F HOH .  ? A HOH 230 ? 1_555 CA ? B CA . ? A CA 201 ? 1_555 O  ? F HOH .  ? A HOH 319 ? 2_454 132.9 ? 
52  O  ? F HOH .  ? A HOH 271 ? 1_555 CA ? B CA . ? A CA 201 ? 1_555 O  ? F HOH .  ? A HOH 319 ? 2_454 133.6 ? 
53  O  ? F HOH .  ? A HOH 271 ? 2_454 CA ? B CA . ? A CA 201 ? 1_555 O  ? F HOH .  ? A HOH 319 ? 2_454 83.3  ? 
54  O  ? F HOH .  ? A HOH 286 ? 1_555 CA ? B CA . ? A CA 201 ? 1_555 O  ? F HOH .  ? A HOH 319 ? 2_454 53.3  ? 
55  O  ? F HOH .  ? A HOH 318 ? 1_555 CA ? B CA . ? A CA 201 ? 1_555 O  ? F HOH .  ? A HOH 319 ? 2_454 71.7  ? 
56  O  ? F HOH .  ? A HOH 319 ? 1_555 CA ? B CA . ? A CA 201 ? 1_555 O  ? F HOH .  ? A HOH 319 ? 2_454 35.1  ? 
57  O  ? F HOH .  ? A HOH 210 ? 4_445 CA ? B CA . ? A CA 201 ? 1_555 O  ? F HOH .  ? A HOH 320 ? 4_444 106.7 ? 
58  O  ? F HOH .  ? A HOH 230 ? 1_555 CA ? B CA . ? A CA 201 ? 1_555 O  ? F HOH .  ? A HOH 320 ? 4_444 68.9  ? 
59  O  ? F HOH .  ? A HOH 271 ? 1_555 CA ? B CA . ? A CA 201 ? 1_555 O  ? F HOH .  ? A HOH 320 ? 4_444 144.7 ? 
60  O  ? F HOH .  ? A HOH 271 ? 2_454 CA ? B CA . ? A CA 201 ? 1_555 O  ? F HOH .  ? A HOH 320 ? 4_444 134.2 ? 
61  O  ? F HOH .  ? A HOH 286 ? 1_555 CA ? B CA . ? A CA 201 ? 1_555 O  ? F HOH .  ? A HOH 320 ? 4_444 118.1 ? 
62  O  ? F HOH .  ? A HOH 318 ? 1_555 CA ? B CA . ? A CA 201 ? 1_555 O  ? F HOH .  ? A HOH 320 ? 4_444 56.5  ? 
63  O  ? F HOH .  ? A HOH 319 ? 1_555 CA ? B CA . ? A CA 201 ? 1_555 O  ? F HOH .  ? A HOH 320 ? 4_444 61.7  ? 
64  O  ? F HOH .  ? A HOH 319 ? 2_454 CA ? B CA . ? A CA 201 ? 1_555 O  ? F HOH .  ? A HOH 320 ? 4_444 65.3  ? 
65  O  ? F HOH .  ? A HOH 210 ? 4_445 CA ? B CA . ? A CA 201 ? 1_555 O  ? F HOH .  ? A HOH 321 ? 1_555 63.7  ? 
66  O  ? F HOH .  ? A HOH 230 ? 1_555 CA ? B CA . ? A CA 201 ? 1_555 O  ? F HOH .  ? A HOH 321 ? 1_555 116.2 ? 
67  O  ? F HOH .  ? A HOH 271 ? 1_555 CA ? B CA . ? A CA 201 ? 1_555 O  ? F HOH .  ? A HOH 321 ? 1_555 141.7 ? 
68  O  ? F HOH .  ? A HOH 271 ? 2_454 CA ? B CA . ? A CA 201 ? 1_555 O  ? F HOH .  ? A HOH 321 ? 1_555 63.1  ? 
69  O  ? F HOH .  ? A HOH 286 ? 1_555 CA ? B CA . ? A CA 201 ? 1_555 O  ? F HOH .  ? A HOH 321 ? 1_555 82.4  ? 
70  O  ? F HOH .  ? A HOH 318 ? 1_555 CA ? B CA . ? A CA 201 ? 1_555 O  ? F HOH .  ? A HOH 321 ? 1_555 119.4 ? 
71  O  ? F HOH .  ? A HOH 319 ? 1_555 CA ? B CA . ? A CA 201 ? 1_555 O  ? F HOH .  ? A HOH 321 ? 1_555 91.7  ? 
72  O  ? F HOH .  ? A HOH 319 ? 2_454 CA ? B CA . ? A CA 201 ? 1_555 O  ? F HOH .  ? A HOH 321 ? 1_555 58.5  ? 
73  O  ? F HOH .  ? A HOH 320 ? 4_444 CA ? B CA . ? A CA 201 ? 1_555 O  ? F HOH .  ? A HOH 321 ? 1_555 72.0  ? 
74  O  ? F HOH .  ? A HOH 210 ? 4_445 CA ? B CA . ? A CA 201 ? 1_555 O  ? F HOH .  ? A HOH 321 ? 2_454 137.3 ? 
75  O  ? F HOH .  ? A HOH 230 ? 1_555 CA ? B CA . ? A CA 201 ? 1_555 O  ? F HOH .  ? A HOH 321 ? 2_454 122.2 ? 
76  O  ? F HOH .  ? A HOH 271 ? 1_555 CA ? B CA . ? A CA 201 ? 1_555 O  ? F HOH .  ? A HOH 321 ? 2_454 64.5  ? 
77  O  ? F HOH .  ? A HOH 271 ? 2_454 CA ? B CA . ? A CA 201 ? 1_555 O  ? F HOH .  ? A HOH 321 ? 2_454 81.7  ? 
78  O  ? F HOH .  ? A HOH 286 ? 1_555 CA ? B CA . ? A CA 201 ? 1_555 O  ? F HOH .  ? A HOH 321 ? 2_454 39.3  ? 
79  O  ? F HOH .  ? A HOH 318 ? 1_555 CA ? B CA . ? A CA 201 ? 1_555 O  ? F HOH .  ? A HOH 321 ? 2_454 65.6  ? 
80  O  ? F HOH .  ? A HOH 319 ? 1_555 CA ? B CA . ? A CA 201 ? 1_555 O  ? F HOH .  ? A HOH 321 ? 2_454 54.3  ? 
81  O  ? F HOH .  ? A HOH 319 ? 2_454 CA ? B CA . ? A CA 201 ? 1_555 O  ? F HOH .  ? A HOH 321 ? 2_454 70.2  ? 
82  O  ? F HOH .  ? A HOH 320 ? 4_444 CA ? B CA . ? A CA 201 ? 1_555 O  ? F HOH .  ? A HOH 321 ? 2_454 114.6 ? 
83  O  ? F HOH .  ? A HOH 321 ? 1_555 CA ? B CA . ? A CA 201 ? 1_555 O  ? F HOH .  ? A HOH 321 ? 2_454 119.2 ? 
84  O  ? F HOH .  ? A HOH 210 ? 4_445 CA ? B CA . ? A CA 201 ? 1_555 O  ? F HOH .  ? A HOH 323 ? 1_555 75.4  ? 
85  O  ? F HOH .  ? A HOH 230 ? 1_555 CA ? B CA . ? A CA 201 ? 1_555 O  ? F HOH .  ? A HOH 323 ? 1_555 78.2  ? 
86  O  ? F HOH .  ? A HOH 271 ? 1_555 CA ? B CA . ? A CA 201 ? 1_555 O  ? F HOH .  ? A HOH 323 ? 1_555 155.7 ? 
87  O  ? F HOH .  ? A HOH 271 ? 2_454 CA ? B CA . ? A CA 201 ? 1_555 O  ? F HOH .  ? A HOH 323 ? 1_555 105.4 ? 
88  O  ? F HOH .  ? A HOH 286 ? 1_555 CA ? B CA . ? A CA 201 ? 1_555 O  ? F HOH .  ? A HOH 323 ? 1_555 117.9 ? 
89  O  ? F HOH .  ? A HOH 318 ? 1_555 CA ? B CA . ? A CA 201 ? 1_555 O  ? F HOH .  ? A HOH 323 ? 1_555 90.8  ? 
90  O  ? F HOH .  ? A HOH 319 ? 1_555 CA ? B CA . ? A CA 201 ? 1_555 O  ? F HOH .  ? A HOH 323 ? 1_555 86.2  ? 
91  O  ? F HOH .  ? A HOH 319 ? 2_454 CA ? B CA . ? A CA 201 ? 1_555 O  ? F HOH .  ? A HOH 323 ? 1_555 70.7  ? 
92  O  ? F HOH .  ? A HOH 320 ? 4_444 CA ? B CA . ? A CA 201 ? 1_555 O  ? F HOH .  ? A HOH 323 ? 1_555 34.4  ? 
93  O  ? F HOH .  ? A HOH 321 ? 1_555 CA ? B CA . ? A CA 201 ? 1_555 O  ? F HOH .  ? A HOH 323 ? 1_555 43.3  ? 
94  O  ? F HOH .  ? A HOH 321 ? 2_454 CA ? B CA . ? A CA 201 ? 1_555 O  ? F HOH .  ? A HOH 323 ? 1_555 139.0 ? 
95  O  ? F HOH .  ? A HOH 219 ? 1_555 CA ? D CA . ? A CA 203 ? 1_555 O  A F HOH .  ? A HOH 240 ? 1_555 63.4  ? 
96  O  ? F HOH .  ? A HOH 219 ? 1_555 CA ? D CA . ? A CA 203 ? 1_555 O  B F HOH .  ? A HOH 240 ? 1_555 89.0  ? 
97  O  A F HOH .  ? A HOH 240 ? 1_555 CA ? D CA . ? A CA 203 ? 1_555 O  B F HOH .  ? A HOH 240 ? 1_555 29.8  ? 
98  O  ? F HOH .  ? A HOH 219 ? 1_555 CA ? D CA . ? A CA 203 ? 1_555 O  ? F HOH .  ? A HOH 264 ? 1_555 90.4  ? 
99  O  A F HOH .  ? A HOH 240 ? 1_555 CA ? D CA . ? A CA 203 ? 1_555 O  ? F HOH .  ? A HOH 264 ? 1_555 78.6  ? 
100 O  B F HOH .  ? A HOH 240 ? 1_555 CA ? D CA . ? A CA 203 ? 1_555 O  ? F HOH .  ? A HOH 264 ? 1_555 93.0  ? 
101 O  ? F HOH .  ? A HOH 219 ? 1_555 CA ? D CA . ? A CA 203 ? 1_555 O  ? F HOH .  ? A HOH 265 ? 1_555 143.4 ? 
102 O  A F HOH .  ? A HOH 240 ? 1_555 CA ? D CA . ? A CA 203 ? 1_555 O  ? F HOH .  ? A HOH 265 ? 1_555 81.5  ? 
103 O  B F HOH .  ? A HOH 240 ? 1_555 CA ? D CA . ? A CA 203 ? 1_555 O  ? F HOH .  ? A HOH 265 ? 1_555 54.4  ? 
104 O  ? F HOH .  ? A HOH 264 ? 1_555 CA ? D CA . ? A CA 203 ? 1_555 O  ? F HOH .  ? A HOH 265 ? 1_555 92.8  ? 
105 O  ? F HOH .  ? A HOH 219 ? 1_555 CA ? D CA . ? A CA 203 ? 1_555 O  ? F HOH .  ? A HOH 266 ? 1_555 79.5  ? 
106 O  A F HOH .  ? A HOH 240 ? 1_555 CA ? D CA . ? A CA 203 ? 1_555 O  ? F HOH .  ? A HOH 266 ? 1_555 88.2  ? 
107 O  B F HOH .  ? A HOH 240 ? 1_555 CA ? D CA . ? A CA 203 ? 1_555 O  ? F HOH .  ? A HOH 266 ? 1_555 77.4  ? 
108 O  ? F HOH .  ? A HOH 264 ? 1_555 CA ? D CA . ? A CA 203 ? 1_555 O  ? F HOH .  ? A HOH 266 ? 1_555 166.0 ? 
109 O  ? F HOH .  ? A HOH 265 ? 1_555 CA ? D CA . ? A CA 203 ? 1_555 O  ? F HOH .  ? A HOH 266 ? 1_555 89.8  ? 
110 O  ? F HOH .  ? A HOH 219 ? 1_555 CA ? D CA . ? A CA 203 ? 1_555 O  ? F HOH .  ? A HOH 267 ? 1_555 139.9 ? 
111 O  A F HOH .  ? A HOH 240 ? 1_555 CA ? D CA . ? A CA 203 ? 1_555 O  ? F HOH .  ? A HOH 267 ? 1_555 153.0 ? 
112 O  B F HOH .  ? A HOH 240 ? 1_555 CA ? D CA . ? A CA 203 ? 1_555 O  ? F HOH .  ? A HOH 267 ? 1_555 123.4 ? 
113 O  ? F HOH .  ? A HOH 264 ? 1_555 CA ? D CA . ? A CA 203 ? 1_555 O  ? F HOH .  ? A HOH 267 ? 1_555 108.9 ? 
114 O  ? F HOH .  ? A HOH 265 ? 1_555 CA ? D CA . ? A CA 203 ? 1_555 O  ? F HOH .  ? A HOH 267 ? 1_555 72.4  ? 
115 O  ? F HOH .  ? A HOH 266 ? 1_555 CA ? D CA . ? A CA 203 ? 1_555 O  ? F HOH .  ? A HOH 267 ? 1_555 85.0  ? 
116 O  ? F HOH .  ? A HOH 219 ? 1_555 CA ? D CA . ? A CA 203 ? 1_555 O  ? F HOH .  ? A HOH 268 ? 1_555 70.4  ? 
117 O  A F HOH .  ? A HOH 240 ? 1_555 CA ? D CA . ? A CA 203 ? 1_555 O  ? F HOH .  ? A HOH 268 ? 1_555 131.3 ? 
118 O  B F HOH .  ? A HOH 240 ? 1_555 CA ? D CA . ? A CA 203 ? 1_555 O  ? F HOH .  ? A HOH 268 ? 1_555 159.4 ? 
119 O  ? F HOH .  ? A HOH 264 ? 1_555 CA ? D CA . ? A CA 203 ? 1_555 O  ? F HOH .  ? A HOH 268 ? 1_555 87.4  ? 
120 O  ? F HOH .  ? A HOH 265 ? 1_555 CA ? D CA . ? A CA 203 ? 1_555 O  ? F HOH .  ? A HOH 268 ? 1_555 146.2 ? 
121 O  ? F HOH .  ? A HOH 266 ? 1_555 CA ? D CA . ? A CA 203 ? 1_555 O  ? F HOH .  ? A HOH 268 ? 1_555 98.0  ? 
122 O  ? F HOH .  ? A HOH 267 ? 1_555 CA ? D CA . ? A CA 203 ? 1_555 O  ? F HOH .  ? A HOH 268 ? 1_555 75.5  ? 
123 O  B F HOH .  ? A HOH 229 ? 1_555 CA B E CA . ? A CA 204 ? 1_555 O  ? F HOH .  ? A HOH 235 ? 1_555 85.9  ? 
124 O  B F HOH .  ? A HOH 229 ? 1_555 CA B E CA . ? A CA 204 ? 1_555 O  B F HOH .  ? A HOH 304 ? 1_555 135.5 ? 
125 O  ? F HOH .  ? A HOH 235 ? 1_555 CA B E CA . ? A CA 204 ? 1_555 O  B F HOH .  ? A HOH 304 ? 1_555 103.5 ? 
126 O  B F HOH .  ? A HOH 229 ? 1_555 CA B E CA . ? A CA 204 ? 1_555 O  B F HOH .  ? A HOH 306 ? 2_555 102.6 ? 
127 O  ? F HOH .  ? A HOH 235 ? 1_555 CA B E CA . ? A CA 204 ? 1_555 O  B F HOH .  ? A HOH 306 ? 2_555 148.5 ? 
128 O  B F HOH .  ? A HOH 304 ? 1_555 CA B E CA . ? A CA 204 ? 1_555 O  B F HOH .  ? A HOH 306 ? 2_555 49.7  ? 
129 O  A F HOH .  ? A HOH 229 ? 1_555 CA A E CA . ? A CA 204 ? 1_555 O  ? F HOH .  ? A HOH 235 ? 1_555 61.5  ? 
130 O  A F HOH .  ? A HOH 229 ? 1_555 CA A E CA . ? A CA 204 ? 1_555 O  A F HOH .  ? A HOH 304 ? 1_555 130.6 ? 
131 O  ? F HOH .  ? A HOH 235 ? 1_555 CA A E CA . ? A CA 204 ? 1_555 O  A F HOH .  ? A HOH 304 ? 1_555 79.0  ? 
132 O  A F HOH .  ? A HOH 229 ? 1_555 CA A E CA . ? A CA 204 ? 1_555 O  A F HOH .  ? A HOH 306 ? 2_555 101.3 ? 
133 O  ? F HOH .  ? A HOH 235 ? 1_555 CA A E CA . ? A CA 204 ? 1_555 O  A F HOH .  ? A HOH 306 ? 2_555 141.3 ? 
134 O  A F HOH .  ? A HOH 304 ? 1_555 CA A E CA . ? A CA 204 ? 1_555 O  A F HOH .  ? A HOH 306 ? 2_555 91.1  ? 
# 
loop_
_struct_site.id 
_struct_site.pdbx_evidence_code 
_struct_site.pdbx_auth_asym_id 
_struct_site.pdbx_auth_comp_id 
_struct_site.pdbx_auth_seq_id 
_struct_site.pdbx_auth_ins_code 
_struct_site.pdbx_num_residues 
_struct_site.details 
AC1 Software A CA 201 ? 12 'BINDING SITE FOR RESIDUE CA A 201' 
AC2 Software A CA 202 ? 7  'BINDING SITE FOR RESIDUE CA A 202' 
AC3 Software A CA 203 ? 7  'BINDING SITE FOR RESIDUE CA A 203' 
AC4 Software A CA 204 ? 8  'BINDING SITE FOR RESIDUE CA A 204' 
# 
loop_
_struct_site_gen.id 
_struct_site_gen.site_id 
_struct_site_gen.pdbx_num_res 
_struct_site_gen.label_comp_id 
_struct_site_gen.label_asym_id 
_struct_site_gen.label_seq_id 
_struct_site_gen.pdbx_auth_ins_code 
_struct_site_gen.auth_comp_id 
_struct_site_gen.auth_asym_id 
_struct_site_gen.auth_seq_id 
_struct_site_gen.label_atom_id 
_struct_site_gen.label_alt_id 
_struct_site_gen.symmetry 
_struct_site_gen.details 
1  AC1 12 HOH F .  ? HOH A 210 . ? 4_445 ? 
2  AC1 12 HOH F .  ? HOH A 230 . ? 1_555 ? 
3  AC1 12 HOH F .  ? HOH A 271 . ? 2_454 ? 
4  AC1 12 HOH F .  ? HOH A 271 . ? 1_555 ? 
5  AC1 12 HOH F .  ? HOH A 286 . ? 1_555 ? 
6  AC1 12 HOH F .  ? HOH A 318 . ? 1_555 ? 
7  AC1 12 HOH F .  ? HOH A 319 . ? 2_454 ? 
8  AC1 12 HOH F .  ? HOH A 319 . ? 1_555 ? 
9  AC1 12 HOH F .  ? HOH A 320 . ? 4_444 ? 
10 AC1 12 HOH F .  ? HOH A 321 . ? 1_555 ? 
11 AC1 12 HOH F .  ? HOH A 321 . ? 2_454 ? 
12 AC1 12 HOH F .  ? HOH A 323 . ? 1_555 ? 
13 AC2 7  DG  A 9  ? DG  A 9   . ? 1_556 ? 
14 AC2 7  DG  A 10 ? DG  A 10  . ? 1_556 ? 
15 AC2 7  HOH F .  ? HOH A 214 . ? 1_555 ? 
16 AC2 7  HOH F .  ? HOH A 261 . ? 1_555 ? 
17 AC2 7  HOH F .  ? HOH A 262 . ? 1_556 ? 
18 AC2 7  HOH F .  ? HOH A 263 . ? 1_555 ? 
19 AC2 7  HOH F .  ? HOH A 270 . ? 2_556 ? 
20 AC3 7  HOH F .  ? HOH A 219 . ? 1_555 ? 
21 AC3 7  HOH F .  ? HOH A 240 . ? 1_555 ? 
22 AC3 7  HOH F .  ? HOH A 264 . ? 1_555 ? 
23 AC3 7  HOH F .  ? HOH A 265 . ? 1_555 ? 
24 AC3 7  HOH F .  ? HOH A 266 . ? 1_555 ? 
25 AC3 7  HOH F .  ? HOH A 267 . ? 1_555 ? 
26 AC3 7  HOH F .  ? HOH A 268 . ? 1_555 ? 
27 AC4 8  HOH F .  ? HOH A 229 . ? 1_555 ? 
28 AC4 8  HOH F .  ? HOH A 235 . ? 1_555 ? 
29 AC4 8  HOH F .  ? HOH A 236 . ? 2_555 ? 
30 AC4 8  HOH F .  ? HOH A 249 . ? 2_555 ? 
31 AC4 8  HOH F .  ? HOH A 250 . ? 4_445 ? 
32 AC4 8  HOH F .  ? HOH A 251 . ? 2_555 ? 
33 AC4 8  HOH F .  ? HOH A 304 . ? 1_555 ? 
34 AC4 8  HOH F .  ? HOH A 306 . ? 2_555 ? 
# 
loop_
_pdbx_validate_rmsd_bond.id 
_pdbx_validate_rmsd_bond.PDB_model_num 
_pdbx_validate_rmsd_bond.auth_atom_id_1 
_pdbx_validate_rmsd_bond.auth_asym_id_1 
_pdbx_validate_rmsd_bond.auth_comp_id_1 
_pdbx_validate_rmsd_bond.auth_seq_id_1 
_pdbx_validate_rmsd_bond.PDB_ins_code_1 
_pdbx_validate_rmsd_bond.label_alt_id_1 
_pdbx_validate_rmsd_bond.auth_atom_id_2 
_pdbx_validate_rmsd_bond.auth_asym_id_2 
_pdbx_validate_rmsd_bond.auth_comp_id_2 
_pdbx_validate_rmsd_bond.auth_seq_id_2 
_pdbx_validate_rmsd_bond.PDB_ins_code_2 
_pdbx_validate_rmsd_bond.label_alt_id_2 
_pdbx_validate_rmsd_bond.bond_value 
_pdbx_validate_rmsd_bond.bond_target_value 
_pdbx_validate_rmsd_bond.bond_deviation 
_pdbx_validate_rmsd_bond.bond_standard_deviation 
_pdbx_validate_rmsd_bond.linker_flag 
1  1 "O4'" A DC 1 ? A "C4'" A DC 1 ? A 1.319 1.446 -0.127 0.010 N 
2  1 N1    A DC 1 ? ? C6    A DC 1 ? ? 1.287 1.367 -0.080 0.006 N 
3  1 P     A DT 5 ? B "O5'" A DT 5 ? B 1.667 1.593 0.074  0.010 N 
4  1 C2    A DT 5 ? A N3    A DT 5 ? A 1.491 1.373 0.118  0.008 N 
5  1 C2    A DT 5 ? B N3    A DT 5 ? B 1.280 1.373 -0.093 0.008 N 
6  1 N3    A DT 5 ? A C4    A DT 5 ? A 1.260 1.382 -0.122 0.008 N 
7  1 N3    A DT 5 ? B C4    A DT 5 ? B 1.479 1.382 0.097  0.008 N 
8  1 C5    A DT 5 ? A C6    A DT 5 ? A 1.241 1.339 -0.098 0.007 N 
9  1 C5    A DT 5 ? B C6    A DT 5 ? B 1.411 1.339 0.072  0.007 N 
10 1 C2    A DT 5 ? B O2    A DT 5 ? B 1.170 1.220 -0.050 0.008 N 
11 1 C4    A DT 5 ? A O4    A DT 5 ? A 1.357 1.228 0.129  0.009 N 
12 1 C4    A DT 5 ? B O4    A DT 5 ? B 1.127 1.228 -0.101 0.009 N 
13 1 C5    A DT 5 ? A C7    A DT 5 ? A 1.557 1.496 0.061  0.006 N 
# 
loop_
_pdbx_validate_rmsd_angle.id 
_pdbx_validate_rmsd_angle.PDB_model_num 
_pdbx_validate_rmsd_angle.auth_atom_id_1 
_pdbx_validate_rmsd_angle.auth_asym_id_1 
_pdbx_validate_rmsd_angle.auth_comp_id_1 
_pdbx_validate_rmsd_angle.auth_seq_id_1 
_pdbx_validate_rmsd_angle.PDB_ins_code_1 
_pdbx_validate_rmsd_angle.label_alt_id_1 
_pdbx_validate_rmsd_angle.auth_atom_id_2 
_pdbx_validate_rmsd_angle.auth_asym_id_2 
_pdbx_validate_rmsd_angle.auth_comp_id_2 
_pdbx_validate_rmsd_angle.auth_seq_id_2 
_pdbx_validate_rmsd_angle.PDB_ins_code_2 
_pdbx_validate_rmsd_angle.label_alt_id_2 
_pdbx_validate_rmsd_angle.auth_atom_id_3 
_pdbx_validate_rmsd_angle.auth_asym_id_3 
_pdbx_validate_rmsd_angle.auth_comp_id_3 
_pdbx_validate_rmsd_angle.auth_seq_id_3 
_pdbx_validate_rmsd_angle.PDB_ins_code_3 
_pdbx_validate_rmsd_angle.label_alt_id_3 
_pdbx_validate_rmsd_angle.angle_value 
_pdbx_validate_rmsd_angle.angle_target_value 
_pdbx_validate_rmsd_angle.angle_deviation 
_pdbx_validate_rmsd_angle.angle_standard_deviation 
_pdbx_validate_rmsd_angle.linker_flag 
1  1 "C5'" A DC 1 ? A "C4'" A DC 1 ? A "C3'" A DC 1 ? A 139.83 115.70 24.13 1.20 N 
2  1 "O4'" A DC 1 ? A "C1'" A DC 1 ? A N1    A DC 1 ? ? 112.47 108.30 4.17  0.30 N 
3  1 N3    A DC 1 ? ? C4    A DC 1 ? ? C5    A DC 1 ? ? 119.10 121.90 -2.80 0.40 N 
4  1 "O4'" A DC 2 ? A "C1'" A DC 2 ? A N1    A DC 2 ? ? 111.33 108.30 3.03  0.30 N 
5  1 "C3'" A DG 4 ? A "C2'" A DG 4 ? ? "C1'" A DG 4 ? ? 97.42  102.40 -4.98 0.80 N 
6  1 "C3'" A DG 4 ? B "C2'" A DG 4 ? ? "C1'" A DG 4 ? ? 97.32  102.40 -5.08 0.80 N 
7  1 "O4'" A DT 5 ? A "C1'" A DT 5 ? A N1    A DT 5 ? A 110.63 108.30 2.33  0.30 N 
8  1 C2    A DT 5 ? A N3    A DT 5 ? A C4    A DT 5 ? A 122.85 127.20 -4.35 0.60 N 
9  1 C4    A DT 5 ? B C5    A DT 5 ? B C6    A DT 5 ? B 111.92 118.00 -6.08 0.60 N 
10 1 C5    A DT 5 ? B C6    A DT 5 ? B N1    A DT 5 ? B 129.01 123.70 5.31  0.60 N 
11 1 N3    A DT 5 ? A C4    A DT 5 ? A O4    A DT 5 ? A 116.21 119.90 -3.69 0.60 N 
12 1 N3    A DT 5 ? B C4    A DT 5 ? B O4    A DT 5 ? B 124.04 119.90 4.14  0.60 N 
13 1 C5    A DT 5 ? B C4    A DT 5 ? B O4    A DT 5 ? B 120.70 124.90 -4.20 0.70 N 
14 1 C4    A DT 5 ? A C5    A DT 5 ? A C7    A DT 5 ? A 111.19 119.00 -7.81 0.60 N 
15 1 C4    A DT 5 ? B C5    A DT 5 ? B C7    A DT 5 ? B 125.80 119.00 6.80  0.60 N 
16 1 "O4'" A DA 6 ? A "C1'" A DA 6 ? A N9    A DA 6 ? ? 102.33 108.00 -5.67 0.70 N 
17 1 "O4'" A DA 6 ? B "C1'" A DA 6 ? B N9    A DA 6 ? ? 116.69 108.30 8.39  0.30 N 
18 1 "C3'" A DA 6 ? B "O3'" A DA 6 ? B P     A DC 7 ? B 130.94 119.70 11.24 1.20 Y 
19 1 "C1'" A DC 7 ? ? "O4'" A DC 7 ? ? "C4'" A DC 7 ? ? 103.49 110.10 -6.61 1.00 N 
20 1 "C3'" A DC 7 ? B "O3'" A DC 7 ? B P     A DT 8 ? B 130.61 119.70 10.91 1.20 Y 
# 
_pdbx_validate_chiral.id              1 
_pdbx_validate_chiral.PDB_model_num   1 
_pdbx_validate_chiral.auth_atom_id    "C4'" 
_pdbx_validate_chiral.label_alt_id    A 
_pdbx_validate_chiral.auth_asym_id    A 
_pdbx_validate_chiral.auth_comp_id    DC 
_pdbx_validate_chiral.auth_seq_id     1 
_pdbx_validate_chiral.PDB_ins_code    ? 
_pdbx_validate_chiral.details         PLANAR 
_pdbx_validate_chiral.omega           . 
# 
loop_
_pdbx_validate_planes.id 
_pdbx_validate_planes.PDB_model_num 
_pdbx_validate_planes.auth_comp_id 
_pdbx_validate_planes.auth_asym_id 
_pdbx_validate_planes.auth_seq_id 
_pdbx_validate_planes.PDB_ins_code 
_pdbx_validate_planes.label_alt_id 
_pdbx_validate_planes.rmsd 
_pdbx_validate_planes.type 
1 1 DC A 1 ? A 0.086 'SIDE CHAIN' 
2 1 DA A 3 ? A 0.068 'SIDE CHAIN' 
3 1 DT A 5 ? A 0.069 'SIDE CHAIN' 
4 1 DA A 6 ? A 0.092 'SIDE CHAIN' 
5 1 DC A 7 ? A 0.067 'SIDE CHAIN' 
6 1 DG A 9 ? ? 0.068 'SIDE CHAIN' 
# 
_pdbx_struct_special_symmetry.id              1 
_pdbx_struct_special_symmetry.PDB_model_num   1 
_pdbx_struct_special_symmetry.auth_asym_id    A 
_pdbx_struct_special_symmetry.auth_comp_id    HOH 
_pdbx_struct_special_symmetry.auth_seq_id     253 
_pdbx_struct_special_symmetry.PDB_ins_code    ? 
_pdbx_struct_special_symmetry.label_asym_id   F 
_pdbx_struct_special_symmetry.label_comp_id   HOH 
_pdbx_struct_special_symmetry.label_seq_id    . 
# 
loop_
_chem_comp_atom.comp_id 
_chem_comp_atom.atom_id 
_chem_comp_atom.type_symbol 
_chem_comp_atom.pdbx_aromatic_flag 
_chem_comp_atom.pdbx_stereo_config 
_chem_comp_atom.pdbx_ordinal 
CA  CA     CA N N 1   
DA  OP3    O  N N 2   
DA  P      P  N N 3   
DA  OP1    O  N N 4   
DA  OP2    O  N N 5   
DA  "O5'"  O  N N 6   
DA  "C5'"  C  N N 7   
DA  "C4'"  C  N R 8   
DA  "O4'"  O  N N 9   
DA  "C3'"  C  N S 10  
DA  "O3'"  O  N N 11  
DA  "C2'"  C  N N 12  
DA  "C1'"  C  N R 13  
DA  N9     N  Y N 14  
DA  C8     C  Y N 15  
DA  N7     N  Y N 16  
DA  C5     C  Y N 17  
DA  C6     C  Y N 18  
DA  N6     N  N N 19  
DA  N1     N  Y N 20  
DA  C2     C  Y N 21  
DA  N3     N  Y N 22  
DA  C4     C  Y N 23  
DA  HOP3   H  N N 24  
DA  HOP2   H  N N 25  
DA  "H5'"  H  N N 26  
DA  "H5''" H  N N 27  
DA  "H4'"  H  N N 28  
DA  "H3'"  H  N N 29  
DA  "HO3'" H  N N 30  
DA  "H2'"  H  N N 31  
DA  "H2''" H  N N 32  
DA  "H1'"  H  N N 33  
DA  H8     H  N N 34  
DA  H61    H  N N 35  
DA  H62    H  N N 36  
DA  H2     H  N N 37  
DC  OP3    O  N N 38  
DC  P      P  N N 39  
DC  OP1    O  N N 40  
DC  OP2    O  N N 41  
DC  "O5'"  O  N N 42  
DC  "C5'"  C  N N 43  
DC  "C4'"  C  N R 44  
DC  "O4'"  O  N N 45  
DC  "C3'"  C  N S 46  
DC  "O3'"  O  N N 47  
DC  "C2'"  C  N N 48  
DC  "C1'"  C  N R 49  
DC  N1     N  N N 50  
DC  C2     C  N N 51  
DC  O2     O  N N 52  
DC  N3     N  N N 53  
DC  C4     C  N N 54  
DC  N4     N  N N 55  
DC  C5     C  N N 56  
DC  C6     C  N N 57  
DC  HOP3   H  N N 58  
DC  HOP2   H  N N 59  
DC  "H5'"  H  N N 60  
DC  "H5''" H  N N 61  
DC  "H4'"  H  N N 62  
DC  "H3'"  H  N N 63  
DC  "HO3'" H  N N 64  
DC  "H2'"  H  N N 65  
DC  "H2''" H  N N 66  
DC  "H1'"  H  N N 67  
DC  H41    H  N N 68  
DC  H42    H  N N 69  
DC  H5     H  N N 70  
DC  H6     H  N N 71  
DG  OP3    O  N N 72  
DG  P      P  N N 73  
DG  OP1    O  N N 74  
DG  OP2    O  N N 75  
DG  "O5'"  O  N N 76  
DG  "C5'"  C  N N 77  
DG  "C4'"  C  N R 78  
DG  "O4'"  O  N N 79  
DG  "C3'"  C  N S 80  
DG  "O3'"  O  N N 81  
DG  "C2'"  C  N N 82  
DG  "C1'"  C  N R 83  
DG  N9     N  Y N 84  
DG  C8     C  Y N 85  
DG  N7     N  Y N 86  
DG  C5     C  Y N 87  
DG  C6     C  N N 88  
DG  O6     O  N N 89  
DG  N1     N  N N 90  
DG  C2     C  N N 91  
DG  N2     N  N N 92  
DG  N3     N  N N 93  
DG  C4     C  Y N 94  
DG  HOP3   H  N N 95  
DG  HOP2   H  N N 96  
DG  "H5'"  H  N N 97  
DG  "H5''" H  N N 98  
DG  "H4'"  H  N N 99  
DG  "H3'"  H  N N 100 
DG  "HO3'" H  N N 101 
DG  "H2'"  H  N N 102 
DG  "H2''" H  N N 103 
DG  "H1'"  H  N N 104 
DG  H8     H  N N 105 
DG  H1     H  N N 106 
DG  H21    H  N N 107 
DG  H22    H  N N 108 
DT  OP3    O  N N 109 
DT  P      P  N N 110 
DT  OP1    O  N N 111 
DT  OP2    O  N N 112 
DT  "O5'"  O  N N 113 
DT  "C5'"  C  N N 114 
DT  "C4'"  C  N R 115 
DT  "O4'"  O  N N 116 
DT  "C3'"  C  N S 117 
DT  "O3'"  O  N N 118 
DT  "C2'"  C  N N 119 
DT  "C1'"  C  N R 120 
DT  N1     N  N N 121 
DT  C2     C  N N 122 
DT  O2     O  N N 123 
DT  N3     N  N N 124 
DT  C4     C  N N 125 
DT  O4     O  N N 126 
DT  C5     C  N N 127 
DT  C7     C  N N 128 
DT  C6     C  N N 129 
DT  HOP3   H  N N 130 
DT  HOP2   H  N N 131 
DT  "H5'"  H  N N 132 
DT  "H5''" H  N N 133 
DT  "H4'"  H  N N 134 
DT  "H3'"  H  N N 135 
DT  "HO3'" H  N N 136 
DT  "H2'"  H  N N 137 
DT  "H2''" H  N N 138 
DT  "H1'"  H  N N 139 
DT  H3     H  N N 140 
DT  H71    H  N N 141 
DT  H72    H  N N 142 
DT  H73    H  N N 143 
DT  H6     H  N N 144 
HOH O      O  N N 145 
HOH H1     H  N N 146 
HOH H2     H  N N 147 
# 
loop_
_chem_comp_bond.comp_id 
_chem_comp_bond.atom_id_1 
_chem_comp_bond.atom_id_2 
_chem_comp_bond.value_order 
_chem_comp_bond.pdbx_aromatic_flag 
_chem_comp_bond.pdbx_stereo_config 
_chem_comp_bond.pdbx_ordinal 
DA  OP3   P      sing N N 1   
DA  OP3   HOP3   sing N N 2   
DA  P     OP1    doub N N 3   
DA  P     OP2    sing N N 4   
DA  P     "O5'"  sing N N 5   
DA  OP2   HOP2   sing N N 6   
DA  "O5'" "C5'"  sing N N 7   
DA  "C5'" "C4'"  sing N N 8   
DA  "C5'" "H5'"  sing N N 9   
DA  "C5'" "H5''" sing N N 10  
DA  "C4'" "O4'"  sing N N 11  
DA  "C4'" "C3'"  sing N N 12  
DA  "C4'" "H4'"  sing N N 13  
DA  "O4'" "C1'"  sing N N 14  
DA  "C3'" "O3'"  sing N N 15  
DA  "C3'" "C2'"  sing N N 16  
DA  "C3'" "H3'"  sing N N 17  
DA  "O3'" "HO3'" sing N N 18  
DA  "C2'" "C1'"  sing N N 19  
DA  "C2'" "H2'"  sing N N 20  
DA  "C2'" "H2''" sing N N 21  
DA  "C1'" N9     sing N N 22  
DA  "C1'" "H1'"  sing N N 23  
DA  N9    C8     sing Y N 24  
DA  N9    C4     sing Y N 25  
DA  C8    N7     doub Y N 26  
DA  C8    H8     sing N N 27  
DA  N7    C5     sing Y N 28  
DA  C5    C6     sing Y N 29  
DA  C5    C4     doub Y N 30  
DA  C6    N6     sing N N 31  
DA  C6    N1     doub Y N 32  
DA  N6    H61    sing N N 33  
DA  N6    H62    sing N N 34  
DA  N1    C2     sing Y N 35  
DA  C2    N3     doub Y N 36  
DA  C2    H2     sing N N 37  
DA  N3    C4     sing Y N 38  
DC  OP3   P      sing N N 39  
DC  OP3   HOP3   sing N N 40  
DC  P     OP1    doub N N 41  
DC  P     OP2    sing N N 42  
DC  P     "O5'"  sing N N 43  
DC  OP2   HOP2   sing N N 44  
DC  "O5'" "C5'"  sing N N 45  
DC  "C5'" "C4'"  sing N N 46  
DC  "C5'" "H5'"  sing N N 47  
DC  "C5'" "H5''" sing N N 48  
DC  "C4'" "O4'"  sing N N 49  
DC  "C4'" "C3'"  sing N N 50  
DC  "C4'" "H4'"  sing N N 51  
DC  "O4'" "C1'"  sing N N 52  
DC  "C3'" "O3'"  sing N N 53  
DC  "C3'" "C2'"  sing N N 54  
DC  "C3'" "H3'"  sing N N 55  
DC  "O3'" "HO3'" sing N N 56  
DC  "C2'" "C1'"  sing N N 57  
DC  "C2'" "H2'"  sing N N 58  
DC  "C2'" "H2''" sing N N 59  
DC  "C1'" N1     sing N N 60  
DC  "C1'" "H1'"  sing N N 61  
DC  N1    C2     sing N N 62  
DC  N1    C6     sing N N 63  
DC  C2    O2     doub N N 64  
DC  C2    N3     sing N N 65  
DC  N3    C4     doub N N 66  
DC  C4    N4     sing N N 67  
DC  C4    C5     sing N N 68  
DC  N4    H41    sing N N 69  
DC  N4    H42    sing N N 70  
DC  C5    C6     doub N N 71  
DC  C5    H5     sing N N 72  
DC  C6    H6     sing N N 73  
DG  OP3   P      sing N N 74  
DG  OP3   HOP3   sing N N 75  
DG  P     OP1    doub N N 76  
DG  P     OP2    sing N N 77  
DG  P     "O5'"  sing N N 78  
DG  OP2   HOP2   sing N N 79  
DG  "O5'" "C5'"  sing N N 80  
DG  "C5'" "C4'"  sing N N 81  
DG  "C5'" "H5'"  sing N N 82  
DG  "C5'" "H5''" sing N N 83  
DG  "C4'" "O4'"  sing N N 84  
DG  "C4'" "C3'"  sing N N 85  
DG  "C4'" "H4'"  sing N N 86  
DG  "O4'" "C1'"  sing N N 87  
DG  "C3'" "O3'"  sing N N 88  
DG  "C3'" "C2'"  sing N N 89  
DG  "C3'" "H3'"  sing N N 90  
DG  "O3'" "HO3'" sing N N 91  
DG  "C2'" "C1'"  sing N N 92  
DG  "C2'" "H2'"  sing N N 93  
DG  "C2'" "H2''" sing N N 94  
DG  "C1'" N9     sing N N 95  
DG  "C1'" "H1'"  sing N N 96  
DG  N9    C8     sing Y N 97  
DG  N9    C4     sing Y N 98  
DG  C8    N7     doub Y N 99  
DG  C8    H8     sing N N 100 
DG  N7    C5     sing Y N 101 
DG  C5    C6     sing N N 102 
DG  C5    C4     doub Y N 103 
DG  C6    O6     doub N N 104 
DG  C6    N1     sing N N 105 
DG  N1    C2     sing N N 106 
DG  N1    H1     sing N N 107 
DG  C2    N2     sing N N 108 
DG  C2    N3     doub N N 109 
DG  N2    H21    sing N N 110 
DG  N2    H22    sing N N 111 
DG  N3    C4     sing N N 112 
DT  OP3   P      sing N N 113 
DT  OP3   HOP3   sing N N 114 
DT  P     OP1    doub N N 115 
DT  P     OP2    sing N N 116 
DT  P     "O5'"  sing N N 117 
DT  OP2   HOP2   sing N N 118 
DT  "O5'" "C5'"  sing N N 119 
DT  "C5'" "C4'"  sing N N 120 
DT  "C5'" "H5'"  sing N N 121 
DT  "C5'" "H5''" sing N N 122 
DT  "C4'" "O4'"  sing N N 123 
DT  "C4'" "C3'"  sing N N 124 
DT  "C4'" "H4'"  sing N N 125 
DT  "O4'" "C1'"  sing N N 126 
DT  "C3'" "O3'"  sing N N 127 
DT  "C3'" "C2'"  sing N N 128 
DT  "C3'" "H3'"  sing N N 129 
DT  "O3'" "HO3'" sing N N 130 
DT  "C2'" "C1'"  sing N N 131 
DT  "C2'" "H2'"  sing N N 132 
DT  "C2'" "H2''" sing N N 133 
DT  "C1'" N1     sing N N 134 
DT  "C1'" "H1'"  sing N N 135 
DT  N1    C2     sing N N 136 
DT  N1    C6     sing N N 137 
DT  C2    O2     doub N N 138 
DT  C2    N3     sing N N 139 
DT  N3    C4     sing N N 140 
DT  N3    H3     sing N N 141 
DT  C4    O4     doub N N 142 
DT  C4    C5     sing N N 143 
DT  C5    C7     sing N N 144 
DT  C5    C6     doub N N 145 
DT  C7    H71    sing N N 146 
DT  C7    H72    sing N N 147 
DT  C7    H73    sing N N 148 
DT  C6    H6     sing N N 149 
HOH O     H1     sing N N 150 
HOH O     H2     sing N N 151 
# 
_ndb_struct_conf_na.entry_id   1D8G 
_ndb_struct_conf_na.feature    'b-form double helix' 
# 
loop_
_ndb_struct_na_base_pair.model_number 
_ndb_struct_na_base_pair.i_label_asym_id 
_ndb_struct_na_base_pair.i_label_comp_id 
_ndb_struct_na_base_pair.i_label_seq_id 
_ndb_struct_na_base_pair.i_symmetry 
_ndb_struct_na_base_pair.j_label_asym_id 
_ndb_struct_na_base_pair.j_label_comp_id 
_ndb_struct_na_base_pair.j_label_seq_id 
_ndb_struct_na_base_pair.j_symmetry 
_ndb_struct_na_base_pair.shear 
_ndb_struct_na_base_pair.stretch 
_ndb_struct_na_base_pair.stagger 
_ndb_struct_na_base_pair.buckle 
_ndb_struct_na_base_pair.propeller 
_ndb_struct_na_base_pair.opening 
_ndb_struct_na_base_pair.pair_number 
_ndb_struct_na_base_pair.pair_name 
_ndb_struct_na_base_pair.i_auth_asym_id 
_ndb_struct_na_base_pair.i_auth_seq_id 
_ndb_struct_na_base_pair.i_PDB_ins_code 
_ndb_struct_na_base_pair.j_auth_asym_id 
_ndb_struct_na_base_pair.j_auth_seq_id 
_ndb_struct_na_base_pair.j_PDB_ins_code 
_ndb_struct_na_base_pair.hbond_type_28 
_ndb_struct_na_base_pair.hbond_type_12 
1 A DC 1  1_555 A DG 10 2_555 0.151  -0.147 0.088 -6.409  -15.155 0.997  1  A_DC1:DG10_A A 1  ? A 10 ? 19 1 
1 A DC 2  1_555 A DG 9  2_555 0.324  -0.160 0.116 -0.426  -11.883 -1.141 2  A_DC2:DG9_A  A 2  ? A 9  ? 19 1 
1 A DA 3  1_555 A DT 8  2_555 0.023  -0.109 0.084 -1.632  -3.230  1.349  3  A_DA3:DT8_A  A 3  ? A 8  ? 20 1 
1 A DG 4  1_555 A DC 7  2_555 -0.187 -0.073 0.248 10.743  -5.138  1.273  4  A_DG4:DC7_A  A 4  ? A 7  ? 19 1 
1 A DT 5  1_555 A DA 6  2_555 -0.085 -0.034 0.003 13.144  -10.891 -0.266 5  A_DT5:DA6_A  A 5  ? A 6  ? 20 1 
1 A DA 6  1_555 A DT 5  2_555 0.085  -0.034 0.003 -13.144 -10.892 -0.266 6  A_DA6:DT5_A  A 6  ? A 5  ? 20 1 
1 A DC 7  1_555 A DG 4  2_555 0.187  -0.073 0.248 -10.743 -5.138  1.273  7  A_DC7:DG4_A  A 7  ? A 4  ? 19 1 
1 A DT 8  1_555 A DA 3  2_555 -0.023 -0.109 0.084 1.632   -3.230  1.349  8  A_DT8:DA3_A  A 8  ? A 3  ? 20 1 
1 A DG 9  1_555 A DC 2  2_555 -0.324 -0.160 0.116 0.426   -11.883 -1.141 9  A_DG9:DC2_A  A 9  ? A 2  ? 19 1 
1 A DG 10 1_555 A DC 1  2_555 -0.151 -0.147 0.088 6.409   -15.155 0.997  10 A_DG10:DC1_A A 10 ? A 1  ? 19 1 
# 
loop_
_ndb_struct_na_base_pair_step.model_number 
_ndb_struct_na_base_pair_step.i_label_asym_id_1 
_ndb_struct_na_base_pair_step.i_label_comp_id_1 
_ndb_struct_na_base_pair_step.i_label_seq_id_1 
_ndb_struct_na_base_pair_step.i_symmetry_1 
_ndb_struct_na_base_pair_step.j_label_asym_id_1 
_ndb_struct_na_base_pair_step.j_label_comp_id_1 
_ndb_struct_na_base_pair_step.j_label_seq_id_1 
_ndb_struct_na_base_pair_step.j_symmetry_1 
_ndb_struct_na_base_pair_step.i_label_asym_id_2 
_ndb_struct_na_base_pair_step.i_label_comp_id_2 
_ndb_struct_na_base_pair_step.i_label_seq_id_2 
_ndb_struct_na_base_pair_step.i_symmetry_2 
_ndb_struct_na_base_pair_step.j_label_asym_id_2 
_ndb_struct_na_base_pair_step.j_label_comp_id_2 
_ndb_struct_na_base_pair_step.j_label_seq_id_2 
_ndb_struct_na_base_pair_step.j_symmetry_2 
_ndb_struct_na_base_pair_step.shift 
_ndb_struct_na_base_pair_step.slide 
_ndb_struct_na_base_pair_step.rise 
_ndb_struct_na_base_pair_step.tilt 
_ndb_struct_na_base_pair_step.roll 
_ndb_struct_na_base_pair_step.twist 
_ndb_struct_na_base_pair_step.x_displacement 
_ndb_struct_na_base_pair_step.y_displacement 
_ndb_struct_na_base_pair_step.helical_rise 
_ndb_struct_na_base_pair_step.inclination 
_ndb_struct_na_base_pair_step.tip 
_ndb_struct_na_base_pair_step.helical_twist 
_ndb_struct_na_base_pair_step.step_number 
_ndb_struct_na_base_pair_step.step_name 
_ndb_struct_na_base_pair_step.i_auth_asym_id_1 
_ndb_struct_na_base_pair_step.i_auth_seq_id_1 
_ndb_struct_na_base_pair_step.i_PDB_ins_code_1 
_ndb_struct_na_base_pair_step.j_auth_asym_id_1 
_ndb_struct_na_base_pair_step.j_auth_seq_id_1 
_ndb_struct_na_base_pair_step.j_PDB_ins_code_1 
_ndb_struct_na_base_pair_step.i_auth_asym_id_2 
_ndb_struct_na_base_pair_step.i_auth_seq_id_2 
_ndb_struct_na_base_pair_step.i_PDB_ins_code_2 
_ndb_struct_na_base_pair_step.j_auth_asym_id_2 
_ndb_struct_na_base_pair_step.j_auth_seq_id_2 
_ndb_struct_na_base_pair_step.j_PDB_ins_code_2 
1 A DC 1 1_555 A DG 10 2_555 A DC 2  1_555 A DG 9 2_555 -0.577 0.784  3.280 3.332  9.019  28.256 -0.415 1.838  3.281 17.834 -6.589 
29.815 1 AA_DC1DC2:DG9DG10_AA A 1 ? A 10 ? A 2  ? A 9 ? 
1 A DC 2 1_555 A DG 9  2_555 A DA 3  1_555 A DT 8 2_555 0.235  2.868  3.291 -1.371 -7.949 50.501 3.844  -0.362 2.832 -9.249 1.596  
51.099 2 AA_DC2DA3:DT8DG9_AA  A 2 ? A 9  ? A 3  ? A 8 ? 
1 A DA 3 1_555 A DT 8  2_555 A DG 4  1_555 A DC 7 2_555 0.576  0.801  3.097 -3.906 9.876  21.038 -1.314 -2.709 3.010 25.090 9.923  
23.539 3 AA_DA3DG4:DC7DT8_AA  A 3 ? A 8  ? A 4  ? A 7 ? 
1 A DG 4 1_555 A DC 7  2_555 A DT 5  1_555 A DA 6 2_555 -0.726 0.285  3.288 2.225  -0.740 35.801 0.569  1.497  3.233 -1.203 -3.615 
35.875 4 AA_DG4DT5:DA6DC7_AA  A 4 ? A 7  ? A 5  ? A 6 ? 
1 A DT 5 1_555 A DA 6  2_555 A DA 6  1_555 A DT 5 2_555 0.000  -0.105 3.663 0.000  3.252  48.481 -0.407 0.000  3.649 3.955  0.000  
48.584 5 AA_DT5DA6:DT5DA6_AA  A 5 ? A 6  ? A 6  ? A 5 ? 
1 A DA 6 1_555 A DT 5  2_555 A DC 7  1_555 A DG 4 2_555 0.726  0.285  3.288 -2.225 -0.740 35.801 0.569  -1.497 3.233 -1.202 3.615  
35.875 6 AA_DA6DC7:DG4DT5_AA  A 6 ? A 5  ? A 7  ? A 4 ? 
1 A DC 7 1_555 A DG 4  2_555 A DT 8  1_555 A DA 3 2_555 -0.576 0.801  3.097 3.906  9.876  21.038 -1.314 2.709  3.010 25.090 -9.923 
23.539 7 AA_DC7DT8:DA3DG4_AA  A 7 ? A 4  ? A 8  ? A 3 ? 
1 A DT 8 1_555 A DA 3  2_555 A DG 9  1_555 A DC 2 2_555 -0.235 2.868  3.291 1.371  -7.949 50.501 3.844  0.362  2.832 -9.249 -1.596 
51.099 8 AA_DT8DG9:DC2DA3_AA  A 8 ? A 3  ? A 9  ? A 2 ? 
1 A DG 9 1_555 A DC 2  2_555 A DG 10 1_555 A DC 1 2_555 0.577  0.784  3.280 -3.332 9.019  28.256 -0.415 -1.838 3.281 17.834 6.588  
29.815 9 AA_DG9DG10:DC1DC2_AA A 9 ? A 2  ? A 10 ? A 1 ? 
# 
_atom_sites.entry_id                    1D8G 
_atom_sites.fract_transf_matrix[1][1]   0.01419834 
_atom_sites.fract_transf_matrix[1][2]   -0.03213595 
_atom_sites.fract_transf_matrix[1][3]   -0.00376183 
_atom_sites.fract_transf_matrix[2][1]   -0.00278012 
_atom_sites.fract_transf_matrix[2][2]   -0.00572137 
_atom_sites.fract_transf_matrix[2][3]   0.03838247 
_atom_sites.fract_transf_matrix[3][1]   -0.02072441 
_atom_sites.fract_transf_matrix[3][2]   -0.02484904 
_atom_sites.fract_transf_matrix[3][3]   -0.00520516 
_atom_sites.fract_transf_vector[1]      0.010535 
_atom_sites.fract_transf_vector[2]      0.010624 
_atom_sites.fract_transf_vector[3]      0.032585 
# 
loop_
_atom_type.symbol 
C  
CA 
N  
O  
P  
# 
loop_
_atom_site.group_PDB 
_atom_site.id 
_atom_site.type_symbol 
_atom_site.label_atom_id 
_atom_site.label_alt_id 
_atom_site.label_comp_id 
_atom_site.label_asym_id 
_atom_site.label_entity_id 
_atom_site.label_seq_id 
_atom_site.pdbx_PDB_ins_code 
_atom_site.Cartn_x 
_atom_site.Cartn_y 
_atom_site.Cartn_z 
_atom_site.occupancy 
_atom_site.B_iso_or_equiv 
_atom_site.pdbx_formal_charge 
_atom_site.auth_seq_id 
_atom_site.auth_comp_id 
_atom_site.auth_asym_id 
_atom_site.auth_atom_id 
_atom_site.pdbx_PDB_model_num 
ATOM   1   O  "O5'" A DC  A 1 1  ? -18.844 -0.344  0.341   0.57 16.27 ? 1   DC  A "O5'" 1 
ATOM   2   O  "O5'" B DC  A 1 1  ? -19.076 -0.663  0.515   0.43 13.42 ? 1   DC  A "O5'" 1 
ATOM   3   C  "C5'" A DC  A 1 1  ? -17.901 0.075   1.336   0.57 13.75 ? 1   DC  A "C5'" 1 
ATOM   4   C  "C5'" B DC  A 1 1  ? -17.847 -0.105  0.974   0.43 7.87  ? 1   DC  A "C5'" 1 
ATOM   5   C  "C4'" A DC  A 1 1  ? -16.603 -0.558  1.201   0.57 13.39 ? 1   DC  A "C4'" 1 
ATOM   6   C  "C4'" B DC  A 1 1  ? -16.922 -1.223  1.425   0.43 5.78  ? 1   DC  A "C4'" 1 
ATOM   7   O  "O4'" A DC  A 1 1  ? -16.424 -1.092  0.008   0.57 9.60  ? 1   DC  A "O4'" 1 
ATOM   8   O  "O4'" B DC  A 1 1  ? -16.582 -1.959  0.276   0.43 6.72  ? 1   DC  A "O4'" 1 
ATOM   9   C  "C3'" A DC  A 1 1  ? -15.278 -0.653  1.932   0.57 10.46 ? 1   DC  A "C3'" 1 
ATOM   10  C  "C3'" B DC  A 1 1  ? -15.618 -0.710  2.033   0.43 7.91  ? 1   DC  A "C3'" 1 
ATOM   11  O  "O3'" A DC  A 1 1  ? -15.691 -1.455  3.104   0.57 7.28  ? 1   DC  A "O3'" 1 
ATOM   12  O  "O3'" B DC  A 1 1  ? -15.532 -0.921  3.427   0.43 6.14  ? 1   DC  A "O3'" 1 
ATOM   13  C  "C2'" A DC  A 1 1  ? -14.437 -1.653  1.068   0.57 9.28  ? 1   DC  A "C2'" 1 
ATOM   14  C  "C2'" B DC  A 1 1  ? -14.488 -1.231  1.169   0.43 7.25  ? 1   DC  A "C2'" 1 
ATOM   15  C  "C1'" A DC  A 1 1  ? -15.451 -2.137  0.048   0.57 8.81  ? 1   DC  A "C1'" 1 
ATOM   16  C  "C1'" B DC  A 1 1  ? -15.165 -2.241  0.294   0.43 7.58  ? 1   DC  A "C1'" 1 
ATOM   17  N  N1    . DC  A 1 1  ? -14.778 -2.285  -1.163  1.00 8.72  ? 1   DC  A N1    1 
ATOM   18  C  C2    . DC  A 1 1  ? -14.203 -3.498  -1.580  1.00 7.61  ? 1   DC  A C2    1 
ATOM   19  O  O2    . DC  A 1 1  ? -14.050 -4.422  -0.783  1.00 8.82  ? 1   DC  A O2    1 
ATOM   20  N  N3    . DC  A 1 1  ? -13.846 -3.591  -2.905  1.00 6.94  ? 1   DC  A N3    1 
ATOM   21  C  C4    . DC  A 1 1  ? -13.977 -2.583  -3.738  1.00 6.85  ? 1   DC  A C4    1 
ATOM   22  N  N4    . DC  A 1 1  ? -13.660 -2.712  -5.004  1.00 7.06  ? 1   DC  A N4    1 
ATOM   23  C  C5    . DC  A 1 1  ? -14.517 -1.328  -3.248  1.00 8.22  ? 1   DC  A C5    1 
ATOM   24  C  C6    . DC  A 1 1  ? -14.890 -1.275  -1.952  1.00 8.82  ? 1   DC  A C6    1 
ATOM   25  P  P     A DC  A 1 2  ? -15.048 -1.368  4.511   0.57 6.72  ? 2   DC  A P     1 
ATOM   26  P  P     B DC  A 1 2  ? -14.420 -0.303  4.357   0.43 6.04  ? 2   DC  A P     1 
ATOM   27  O  OP1   A DC  A 1 2  ? -15.903 -2.298  5.328   0.57 7.60  ? 2   DC  A OP1   1 
ATOM   28  O  OP1   B DC  A 1 2  ? -14.941 -0.350  5.752   0.43 7.17  ? 2   DC  A OP1   1 
ATOM   29  O  OP2   A DC  A 1 2  ? -14.877 0.071   4.887   0.57 7.42  ? 2   DC  A OP2   1 
ATOM   30  O  OP2   B DC  A 1 2  ? -13.975 1.027   3.821   0.43 6.48  ? 2   DC  A OP2   1 
ATOM   31  O  "O5'" A DC  A 1 2  ? -13.580 -1.962  4.360   0.57 6.95  ? 2   DC  A "O5'" 1 
ATOM   32  O  "O5'" B DC  A 1 2  ? -13.158 -1.255  4.184   0.43 6.08  ? 2   DC  A "O5'" 1 
ATOM   33  C  "C5'" A DC  A 1 2  ? -13.414 -3.365  4.335   0.57 7.01  ? 2   DC  A "C5'" 1 
ATOM   34  C  "C5'" B DC  A 1 2  ? -13.259 -2.636  4.623   0.43 5.94  ? 2   DC  A "C5'" 1 
ATOM   35  C  "C4'" A DC  A 1 2  ? -11.968 -3.700  4.040   0.57 6.28  ? 2   DC  A "C4'" 1 
ATOM   36  C  "C4'" B DC  A 1 2  ? -11.930 -3.297  4.294   0.43 5.69  ? 2   DC  A "C4'" 1 
ATOM   37  O  "O4'" A DC  A 1 2  ? -11.735 -3.593  2.641   0.57 6.02  ? 2   DC  A "O4'" 1 
ATOM   38  O  "O4'" B DC  A 1 2  ? -11.767 -3.284  2.862   0.43 5.45  ? 2   DC  A "O4'" 1 
ATOM   39  C  "C3'" A DC  A 1 2  ? -10.924 -2.817  4.708   0.57 6.12  ? 2   DC  A "C3'" 1 
ATOM   40  C  "C3'" B DC  A 1 2  ? -10.721 -2.535  4.851   0.43 5.91  ? 2   DC  A "C3'" 1 
ATOM   41  O  "O3'" A DC  A 1 2  ? -9.791  -3.671  5.093   0.57 6.38  ? 2   DC  A "O3'" 1 
ATOM   42  O  "O3'" B DC  A 1 2  ? -9.693  -3.475  5.242   0.43 6.08  ? 2   DC  A "O3'" 1 
ATOM   43  C  "C2'" A DC  A 1 2  ? -10.457 -1.900  3.592   0.57 6.07  ? 2   DC  A "C2'" 1 
ATOM   44  C  "C2'" B DC  A 1 2  ? -10.203 -1.741  3.660   0.43 5.81  ? 2   DC  A "C2'" 1 
ATOM   45  C  "C1'" A DC  A 1 2  ? -10.536 -2.861  2.407   0.57 6.15  ? 2   DC  A "C1'" 1 
ATOM   46  C  "C1'" B DC  A 1 2  ? -10.470 -2.755  2.551   0.43 5.53  ? 2   DC  A "C1'" 1 
ATOM   47  N  N1    . DC  A 1 2  ? -10.523 -2.308  1.137   1.00 5.97  ? 2   DC  A N1    1 
ATOM   48  C  C2    . DC  A 1 2  ? -10.208 -3.205  0.118   1.00 5.86  ? 2   DC  A C2    1 
ATOM   49  O  O2    . DC  A 1 2  ? -9.836  -4.349  0.403   1.00 6.50  ? 2   DC  A O2    1 
ATOM   50  N  N3    . DC  A 1 2  ? -10.326 -2.807  -1.181  1.00 5.92  ? 2   DC  A N3    1 
ATOM   51  C  C4    . DC  A 1 2  ? -10.752 -1.571  -1.476  1.00 5.97  ? 2   DC  A C4    1 
ATOM   52  N  N4    . DC  A 1 2  ? -10.886 -1.251  -2.754  1.00 6.28  ? 2   DC  A N4    1 
ATOM   53  C  C5    . DC  A 1 2  ? -11.047 -0.624  -0.434  1.00 6.75  ? 2   DC  A C5    1 
ATOM   54  C  C6    . DC  A 1 2  ? -10.946 -1.034  0.818   1.00 6.70  ? 2   DC  A C6    1 
ATOM   55  P  P     A DA  A 1 3  ? -9.571  -4.081  6.659   0.57 8.59  ? 3   DA  A P     1 
ATOM   56  P  P     B DA  A 1 3  ? -9.688  -4.114  6.674   0.43 5.88  ? 3   DA  A P     1 
ATOM   57  O  OP1   A DA  A 1 3  ? -10.890 -4.558  7.164   0.57 9.14  ? 3   DA  A OP1   1 
ATOM   58  O  OP1   B DA  A 1 3  ? -11.037 -4.621  7.048   0.43 7.38  ? 3   DA  A OP1   1 
ATOM   59  O  OP2   A DA  A 1 3  ? -8.873  -2.991  7.290   0.57 8.97  ? 3   DA  A OP2   1 
ATOM   60  O  OP2   B DA  A 1 3  ? -8.999  -3.193  7.654   0.43 6.84  ? 3   DA  A OP2   1 
ATOM   61  O  "O5'" A DA  A 1 3  ? -8.574  -5.294  6.462   0.57 7.40  ? 3   DA  A "O5'" 1 
ATOM   62  O  "O5'" B DA  A 1 3  ? -8.656  -5.317  6.502   0.43 7.08  ? 3   DA  A "O5'" 1 
ATOM   63  C  "C5'" . DA  A 1 3  ? -9.079  -6.532  5.911   1.00 6.90  ? 3   DA  A "C5'" 1 
ATOM   64  C  "C4'" . DA  A 1 3  ? -7.973  -7.158  5.108   1.00 6.30  ? 3   DA  A "C4'" 1 
ATOM   65  O  "O4'" . DA  A 1 3  ? -7.708  -6.396  3.917   1.00 6.38  ? 3   DA  A "O4'" 1 
ATOM   66  C  "C3'" . DA  A 1 3  ? -6.623  -7.274  5.812   1.00 6.03  ? 3   DA  A "C3'" 1 
ATOM   67  O  "O3'" . DA  A 1 3  ? -6.049  -8.536  5.389   1.00 6.32  ? 3   DA  A "O3'" 1 
ATOM   68  C  "C2'" . DA  A 1 3  ? -5.830  -6.079  5.303   1.00 6.27  ? 3   DA  A "C2'" 1 
ATOM   69  C  "C1'" . DA  A 1 3  ? -6.362  -5.872  3.895   1.00 6.02  ? 3   DA  A "C1'" 1 
ATOM   70  N  N9    . DA  A 1 3  ? -6.436  -4.494  3.449   1.00 5.94  ? 3   DA  A N9    1 
ATOM   71  C  C8    . DA  A 1 3  ? -6.700  -3.376  4.193   1.00 6.34  ? 3   DA  A C8    1 
ATOM   72  N  N7    . DA  A 1 3  ? -6.931  -2.323  3.479   1.00 6.23  ? 3   DA  A N7    1 
ATOM   73  C  C5    . DA  A 1 3  ? -6.849  -2.754  2.164   1.00 5.83  ? 3   DA  A C5    1 
ATOM   74  C  C6    . DA  A 1 3  ? -7.025  -2.104  0.926   1.00 6.06  ? 3   DA  A C6    1 
ATOM   75  N  N6    . DA  A 1 3  ? -7.377  -0.824  0.817   1.00 6.52  ? 3   DA  A N6    1 
ATOM   76  N  N1    . DA  A 1 3  ? -6.827  -2.837  -0.192  1.00 6.25  ? 3   DA  A N1    1 
ATOM   77  C  C2    . DA  A 1 3  ? -6.497  -4.134  -0.070  1.00 6.63  ? 3   DA  A C2    1 
ATOM   78  N  N3    . DA  A 1 3  ? -6.333  -4.848  1.035   1.00 6.36  ? 3   DA  A N3    1 
ATOM   79  C  C4    . DA  A 1 3  ? -6.523  -4.104  2.133   1.00 5.69  ? 3   DA  A C4    1 
ATOM   80  P  P     . DG  A 1 4  ? -4.721  -9.114  6.041   1.00 5.92  ? 4   DG  A P     1 
ATOM   81  O  OP1   . DG  A 1 4  ? -4.777  -10.583 5.776   1.00 6.50  ? 4   DG  A OP1   1 
ATOM   82  O  OP2   . DG  A 1 4  ? -4.574  -8.600  7.430   1.00 6.83  ? 4   DG  A OP2   1 
ATOM   83  O  "O5'" . DG  A 1 4  ? -3.512  -8.457  5.226   1.00 6.77  ? 4   DG  A "O5'" 1 
ATOM   84  C  "C5'" . DG  A 1 4  ? -3.332  -8.890  3.871   1.00 7.69  ? 4   DG  A "C5'" 1 
ATOM   85  C  "C4'" . DG  A 1 4  ? -2.315  -7.954  3.239   1.00 7.85  ? 4   DG  A "C4'" 1 
ATOM   86  O  "O4'" . DG  A 1 4  ? -2.950  -6.675  3.035   1.00 7.29  ? 4   DG  A "O4'" 1 
ATOM   87  C  "C3'" A DG  A 1 4  ? -1.093  -7.662  4.120   0.59 8.26  ? 4   DG  A "C3'" 1 
ATOM   88  C  "C3'" B DG  A 1 4  ? -1.081  -7.665  4.110   0.41 8.05  ? 4   DG  A "C3'" 1 
ATOM   89  O  "O3'" A DG  A 1 4  ? 0.047   -7.672  3.213   0.59 9.30  ? 4   DG  A "O3'" 1 
ATOM   90  O  "O3'" B DG  A 1 4  ? 0.134   -7.584  3.313   0.41 9.60  ? 4   DG  A "O3'" 1 
ATOM   91  C  "C2'" . DG  A 1 4  ? -1.315  -6.254  4.632   1.00 7.79  ? 4   DG  A "C2'" 1 
ATOM   92  C  "C1'" . DG  A 1 4  ? -1.984  -5.690  3.376   1.00 7.25  ? 4   DG  A "C1'" 1 
ATOM   93  N  N9    . DG  A 1 4  ? -2.643  -4.416  3.507   1.00 6.84  ? 4   DG  A N9    1 
ATOM   94  C  C8    . DG  A 1 4  ? -2.991  -3.710  4.625   1.00 7.10  ? 4   DG  A C8    1 
ATOM   95  N  N7    . DG  A 1 4  ? -3.520  -2.531  4.337   1.00 7.14  ? 4   DG  A N7    1 
ATOM   96  C  C5    . DG  A 1 4  ? -3.513  -2.484  2.955   1.00 6.38  ? 4   DG  A C5    1 
ATOM   97  C  C6    . DG  A 1 4  ? -3.916  -1.467  2.039   1.00 6.27  ? 4   DG  A C6    1 
ATOM   98  O  O6    . DG  A 1 4  ? -4.435  -0.370  2.289   1.00 6.85  ? 4   DG  A O6    1 
ATOM   99  N  N1    . DG  A 1 4  ? -3.696  -1.817  0.729   1.00 6.47  ? 4   DG  A N1    1 
ATOM   100 C  C2    . DG  A 1 4  ? -3.171  -3.010  0.294   1.00 6.60  ? 4   DG  A C2    1 
ATOM   101 N  N2    . DG  A 1 4  ? -3.081  -3.183  -1.002  1.00 7.78  ? 4   DG  A N2    1 
ATOM   102 N  N3    . DG  A 1 4  ? -2.792  -3.971  1.139   1.00 6.62  ? 4   DG  A N3    1 
ATOM   103 C  C4    . DG  A 1 4  ? -2.991  -3.641  2.426   1.00 6.33  ? 4   DG  A C4    1 
ATOM   104 P  P     A DT  A 1 5  ? 1.351   -8.460  3.484   0.59 7.57  ? 5   DT  A P     1 
ATOM   105 P  P     B DT  A 1 5  ? 1.501   -8.316  3.681   0.41 8.97  ? 5   DT  A P     1 
ATOM   106 O  OP1   A DT  A 1 5  ? 1.056   -9.927  3.635   0.59 9.83  ? 5   DT  A OP1   1 
ATOM   107 O  OP1   B DT  A 1 5  ? 1.184   -9.710  4.029   0.41 10.11 ? 5   DT  A OP1   1 
ATOM   108 O  OP2   A DT  A 1 5  ? 2.183   -7.873  4.553   0.59 11.30 ? 5   DT  A OP2   1 
ATOM   109 O  OP2   B DT  A 1 5  ? 2.387   -7.528  4.502   0.41 10.48 ? 5   DT  A OP2   1 
ATOM   110 O  "O5'" A DT  A 1 5  ? 2.142   -8.181  2.129   0.59 9.29  ? 5   DT  A "O5'" 1 
ATOM   111 O  "O5'" B DT  A 1 5  ? 2.113   -8.277  2.131   0.41 8.28  ? 5   DT  A "O5'" 1 
ATOM   112 C  "C5'" A DT  A 1 5  ? 1.669   -8.790  0.936   0.59 7.97  ? 5   DT  A "C5'" 1 
ATOM   113 C  "C5'" B DT  A 1 5  ? 1.336   -8.713  1.034   0.41 8.53  ? 5   DT  A "C5'" 1 
ATOM   114 C  "C4'" A DT  A 1 5  ? 1.851   -7.755  -0.130  0.59 8.07  ? 5   DT  A "C4'" 1 
ATOM   115 C  "C4'" B DT  A 1 5  ? 1.403   -7.797  -0.139  0.41 8.07  ? 5   DT  A "C4'" 1 
ATOM   116 O  "O4'" A DT  A 1 5  ? 1.057   -6.604  0.186   0.59 7.34  ? 5   DT  A "O4'" 1 
ATOM   117 O  "O4'" B DT  A 1 5  ? 0.655   -6.608  0.136   0.41 6.60  ? 5   DT  A "O4'" 1 
ATOM   118 C  "C3'" A DT  A 1 5  ? 3.302   -7.228  -0.292  0.59 7.18  ? 5   DT  A "C3'" 1 
ATOM   119 C  "C3'" B DT  A 1 5  ? 2.770   -7.293  -0.598  0.41 7.46  ? 5   DT  A "C3'" 1 
ATOM   120 O  "O3'" A DT  A 1 5  ? 3.484   -7.155  -1.695  0.59 8.13  ? 5   DT  A "O3'" 1 
ATOM   121 O  "O3'" B DT  A 1 5  ? 2.752   -7.230  -2.035  0.41 8.39  ? 5   DT  A "O3'" 1 
ATOM   122 C  "C2'" A DT  A 1 5  ? 3.268   -5.879  0.375   0.59 6.92  ? 5   DT  A "C2'" 1 
ATOM   123 C  "C2'" B DT  A 1 5  ? 2.871   -5.893  -0.015  0.41 6.78  ? 5   DT  A "C2'" 1 
ATOM   124 C  "C1'" A DT  A 1 5  ? 1.858   -5.408  0.035   0.59 6.58  ? 5   DT  A "C1'" 1 
ATOM   125 C  "C1'" B DT  A 1 5  ? 1.431   -5.424  -0.184  0.41 6.27  ? 5   DT  A "C1'" 1 
ATOM   126 N  N1    A DT  A 1 5  ? 1.322   -4.329  0.841   0.59 6.89  ? 5   DT  A N1    1 
ATOM   127 N  N1    B DT  A 1 5  ? 0.996   -4.370  0.735   0.41 5.75  ? 5   DT  A N1    1 
ATOM   128 C  C2    A DT  A 1 5  ? 0.707   -3.312  0.233   0.59 6.39  ? 5   DT  A C2    1 
ATOM   129 C  C2    B DT  A 1 5  ? 0.454   -3.227  0.140   0.41 5.78  ? 5   DT  A C2    1 
ATOM   130 O  O2    A DT  A 1 5  ? 0.577   -3.180  -1.012  0.59 9.85  ? 5   DT  A O2    1 
ATOM   131 O  O2    B DT  A 1 5  ? 0.441   -3.080  -1.021  0.41 5.64  ? 5   DT  A O2    1 
ATOM   132 N  N3    A DT  A 1 5  ? 0.191   -2.262  1.157   0.59 6.34  ? 5   DT  A N3    1 
ATOM   133 N  N3    B DT  A 1 5  ? 0.068   -2.321  0.957   0.59 6.53  ? 5   DT  A N3    1 
ATOM   134 C  C4    A DT  A 1 5  ? 0.298   -2.342  2.410   0.59 5.54  ? 5   DT  A C4    1 
ATOM   135 C  C4    B DT  A 1 5  ? 0.012   -2.351  2.435   0.41 5.36  ? 5   DT  A C4    1 
ATOM   136 O  O4    A DT  A 1 5  ? -0.323  -1.372  3.128   0.59 7.30  ? 5   DT  A O4    1 
ATOM   137 O  O4    B DT  A 1 5  ? -0.370  -1.501  3.069   0.41 5.45  ? 5   DT  A O4    1 
ATOM   138 C  C5    A DT  A 1 5  ? 0.926   -3.565  2.971   0.59 7.36  ? 5   DT  A C5    1 
ATOM   139 C  C5    B DT  A 1 5  ? 0.782   -3.413  3.019   0.41 5.94  ? 5   DT  A C5    1 
ATOM   140 C  C7    A DT  A 1 5  ? 1.163   -3.425  4.503   0.59 7.09  ? 5   DT  A C7    1 
ATOM   141 C  C7    B DT  A 1 5  ? 0.895   -3.705  4.461   0.41 7.02  ? 5   DT  A C7    1 
ATOM   142 C  C6    A DT  A 1 5  ? 1.415   -4.429  2.225   0.59 6.85  ? 5   DT  A C6    1 
ATOM   143 C  C6    B DT  A 1 5  ? 1.117   -4.403  2.071   0.41 5.95  ? 5   DT  A C6    1 
ATOM   144 P  P     A DA  A 1 6  ? 4.765   -6.611  -2.454  0.59 7.76  ? 6   DA  A P     1 
ATOM   145 P  P     B DA  A 1 6  ? 3.931   -6.716  -2.986  0.41 9.05  ? 6   DA  A P     1 
ATOM   146 O  OP1   A DA  A 1 6  ? 5.138   -7.641  -3.459  0.59 10.45 ? 6   DA  A OP1   1 
ATOM   147 O  OP1   B DA  A 1 6  ? 3.914   -7.537  -4.187  0.41 11.15 ? 6   DA  A OP1   1 
ATOM   148 O  OP2   A DA  A 1 6  ? 5.819   -6.186  -1.481  0.59 9.03  ? 6   DA  A OP2   1 
ATOM   149 O  OP2   B DA  A 1 6  ? 5.198   -6.601  -2.200  0.41 10.62 ? 6   DA  A OP2   1 
ATOM   150 O  "O5'" A DA  A 1 6  ? 4.260   -5.299  -3.154  0.59 7.99  ? 6   DA  A "O5'" 1 
ATOM   151 O  "O5'" B DA  A 1 6  ? 3.520   -5.237  -3.381  0.41 8.66  ? 6   DA  A "O5'" 1 
ATOM   152 C  "C5'" A DA  A 1 6  ? 3.193   -5.382  -4.118  0.59 8.34  ? 6   DA  A "C5'" 1 
ATOM   153 C  "C5'" B DA  A 1 6  ? 2.391   -5.044  -4.228  0.41 8.72  ? 6   DA  A "C5'" 1 
ATOM   154 C  "C4'" A DA  A 1 6  ? 2.974   -4.023  -4.732  0.59 8.20  ? 6   DA  A "C4'" 1 
ATOM   155 C  "C4'" B DA  A 1 6  ? 2.502   -3.695  -4.869  0.41 8.50  ? 6   DA  A "C4'" 1 
ATOM   156 O  "O4'" A DA  A 1 6  ? 2.532   -3.071  -3.795  0.59 8.30  ? 6   DA  A "O4'" 1 
ATOM   157 O  "O4'" B DA  A 1 6  ? 2.166   -2.684  -3.950  0.41 8.21  ? 6   DA  A "O4'" 1 
ATOM   158 C  "C3'" A DA  A 1 6  ? 4.190   -3.395  -5.428  0.59 9.30  ? 6   DA  A "C3'" 1 
ATOM   159 C  "C3'" B DA  A 1 6  ? 3.944   -3.361  -5.332  0.41 8.72  ? 6   DA  A "C3'" 1 
ATOM   160 O  "O3'" A DA  A 1 6  ? 3.596   -2.617  -6.570  0.59 8.96  ? 6   DA  A "O3'" 1 
ATOM   161 O  "O3'" B DA  A 1 6  ? 3.820   -2.713  -6.592  0.41 13.30 ? 6   DA  A "O3'" 1 
ATOM   162 C  "C2'" A DA  A 1 6  ? 4.772   -2.495  -4.339  0.59 8.86  ? 6   DA  A "C2'" 1 
ATOM   163 C  "C2'" B DA  A 1 6  ? 4.495   -2.445  -4.265  0.41 6.95  ? 6   DA  A "C2'" 1 
ATOM   164 C  "C1'" A DA  A 1 6  ? 3.514   -1.980  -3.686  0.59 8.55  ? 6   DA  A "C1'" 1 
ATOM   165 C  "C1'" B DA  A 1 6  ? 3.281   -1.877  -3.592  0.41 6.80  ? 6   DA  A "C1'" 1 
ATOM   166 N  N9    . DA  A 1 6  ? 3.520   -1.699  -2.204  1.00 7.08  ? 6   DA  A N9    1 
ATOM   167 C  C8    . DA  A 1 6  ? 3.860   -2.623  -1.289  1.00 7.51  ? 6   DA  A C8    1 
ATOM   168 N  N7    . DA  A 1 6  ? 3.740   -2.242  -0.044  1.00 7.16  ? 6   DA  A N7    1 
ATOM   169 C  C5    . DA  A 1 6  ? 3.243   -0.938  -0.172  1.00 6.39  ? 6   DA  A C5    1 
ATOM   170 C  C6    . DA  A 1 6  ? 2.811   -0.008  0.781   1.00 6.15  ? 6   DA  A C6    1 
ATOM   171 N  N6    . DA  A 1 6  ? 2.782   -0.253  2.101   1.00 6.43  ? 6   DA  A N6    1 
ATOM   172 N  N1    . DA  A 1 6  ? 2.399   1.188   0.317   1.00 6.29  ? 6   DA  A N1    1 
ATOM   173 C  C2    . DA  A 1 6  ? 2.358   1.414   -0.993  1.00 6.67  ? 6   DA  A C2    1 
ATOM   174 N  N3    . DA  A 1 6  ? 2.670   0.580   -1.982  1.00 6.72  ? 6   DA  A N3    1 
ATOM   175 C  C4    . DA  A 1 6  ? 3.102   -0.595  -1.500  1.00 6.56  ? 6   DA  A C4    1 
ATOM   176 P  P     A DC  A 1 7  ? 4.653   -2.032  -7.666  0.59 8.68  ? 7   DC  A P     1 
ATOM   177 P  P     B DC  A 1 7  ? 4.906   -2.096  -7.542  0.41 15.15 ? 7   DC  A P     1 
ATOM   178 O  OP1   A DC  A 1 7  ? 3.959   -1.782  -8.925  0.59 10.84 ? 7   DC  A OP1   1 
ATOM   179 O  OP1   B DC  A 1 7  ? 4.234   -2.014  -8.891  0.41 19.35 ? 7   DC  A OP1   1 
ATOM   180 O  OP2   A DC  A 1 7  ? 5.881   -2.769  -7.632  0.59 9.67  ? 7   DC  A OP2   1 
ATOM   181 O  OP2   B DC  A 1 7  ? 6.174   -2.830  -7.472  0.41 17.53 ? 7   DC  A OP2   1 
ATOM   182 O  "O5'" A DC  A 1 7  ? 5.085   -0.617  -7.017  0.59 9.26  ? 7   DC  A "O5'" 1 
ATOM   183 O  "O5'" B DC  A 1 7  ? 5.123   -0.599  -7.076  0.41 8.54  ? 7   DC  A "O5'" 1 
ATOM   184 C  "C5'" . DC  A 1 7  ? 4.148   0.430   -6.967  1.00 8.43  ? 7   DC  A "C5'" 1 
ATOM   185 C  "C4'" . DC  A 1 7  ? 4.713   1.488   -6.051  1.00 7.43  ? 7   DC  A "C4'" 1 
ATOM   186 O  "O4'" . DC  A 1 7  ? 4.777   0.974   -4.703  1.00 7.19  ? 7   DC  A "O4'" 1 
ATOM   187 C  "C3'" A DC  A 1 7  ? 6.164   1.918   -6.335  0.69 7.55  ? 7   DC  A "C3'" 1 
ATOM   188 C  "C3'" B DC  A 1 7  ? 6.130   1.989   -6.337  0.31 6.92  ? 7   DC  A "C3'" 1 
ATOM   189 O  "O3'" A DC  A 1 7  ? 6.049   3.030   -7.262  0.69 6.93  ? 7   DC  A "O3'" 1 
ATOM   190 O  "O3'" B DC  A 1 7  ? 6.070   3.082   -7.262  0.31 10.33 ? 7   DC  A "O3'" 1 
ATOM   191 C  "C2'" . DC  A 1 7  ? 6.721   2.298   -4.983  1.00 7.73  ? 7   DC  A "C2'" 1 
ATOM   192 C  "C1'" . DC  A 1 7  ? 5.570   1.950   -4.009  1.00 6.97  ? 7   DC  A "C1'" 1 
ATOM   193 N  N1    . DC  A 1 7  ? 5.992   1.354   -2.749  1.00 6.81  ? 7   DC  A N1    1 
ATOM   194 C  C2    . DC  A 1 7  ? 5.753   2.032   -1.558  1.00 6.54  ? 7   DC  A C2    1 
ATOM   195 O  O2    . DC  A 1 7  ? 5.298   3.181   -1.595  1.00 7.41  ? 7   DC  A O2    1 
ATOM   196 N  N3    . DC  A 1 7  ? 5.966   1.389   -0.389  1.00 6.21  ? 7   DC  A N3    1 
ATOM   197 C  C4    . DC  A 1 7  ? 6.480   0.145   -0.382  1.00 6.62  ? 7   DC  A C4    1 
ATOM   198 N  N4    . DC  A 1 7  ? 6.643   -0.430  0.800   1.00 7.06  ? 7   DC  A N4    1 
ATOM   199 C  C5    . DC  A 1 7  ? 6.819   -0.505  -1.597  1.00 7.29  ? 7   DC  A C5    1 
ATOM   200 C  C6    . DC  A 1 7  ? 6.555   0.094   -2.743  1.00 7.16  ? 7   DC  A C6    1 
ATOM   201 P  P     A DT  A 1 8  ? 7.358   3.670   -7.925  0.69 6.59  ? 8   DT  A P     1 
ATOM   202 P  P     B DT  A 1 8  ? 7.217   3.798   -8.091  0.31 9.68  ? 8   DT  A P     1 
ATOM   203 O  OP1   A DT  A 1 8  ? 6.850   4.279   -9.184  0.69 8.62  ? 8   DT  A OP1   1 
ATOM   204 O  OP1   B DT  A 1 8  ? 6.601   4.595   -9.176  0.31 9.95  ? 8   DT  A OP1   1 
ATOM   205 O  OP2   A DT  A 1 8  ? 8.463   2.714   -8.037  0.69 7.22  ? 8   DT  A OP2   1 
ATOM   206 O  OP2   B DT  A 1 8  ? 8.323   2.874   -8.384  0.31 11.04 ? 8   DT  A OP2   1 
ATOM   207 O  "O5'" A DT  A 1 8  ? 7.858   4.770   -6.904  0.69 6.52  ? 8   DT  A "O5'" 1 
ATOM   208 O  "O5'" B DT  A 1 8  ? 7.831   4.835   -7.017  0.31 8.59  ? 8   DT  A "O5'" 1 
ATOM   209 C  "C5'" . DT  A 1 8  ? 6.978   5.854   -6.568  1.00 6.98  ? 8   DT  A "C5'" 1 
ATOM   210 C  "C4'" . DT  A 1 8  ? 7.613   6.636   -5.433  1.00 6.47  ? 8   DT  A "C4'" 1 
ATOM   211 O  "O4'" . DT  A 1 8  ? 7.687   5.801   -4.265  1.00 6.39  ? 8   DT  A "O4'" 1 
ATOM   212 C  "C3'" . DT  A 1 8  ? 9.076   7.081   -5.716  1.00 6.61  ? 8   DT  A "C3'" 1 
ATOM   213 O  "O3'" . DT  A 1 8  ? 9.236   8.419   -5.164  1.00 6.66  ? 8   DT  A "O3'" 1 
ATOM   214 C  "C2'" . DT  A 1 8  ? 9.910   6.132   -4.890  1.00 6.45  ? 8   DT  A "C2'" 1 
ATOM   215 C  "C1'" . DT  A 1 8  ? 9.001   5.933   -3.705  1.00 6.05  ? 8   DT  A "C1'" 1 
ATOM   216 N  N1    . DT  A 1 8  ? 9.233   4.767   -2.870  1.00 6.10  ? 8   DT  A N1    1 
ATOM   217 C  C2    . DT  A 1 8  ? 8.859   4.865   -1.538  1.00 6.04  ? 8   DT  A C2    1 
ATOM   218 O  O2    . DT  A 1 8  ? 8.430   5.897   -1.042  1.00 6.99  ? 8   DT  A O2    1 
ATOM   219 N  N3    . DT  A 1 8  ? 9.022   3.716   -0.816  1.00 5.87  ? 8   DT  A N3    1 
ATOM   220 C  C4    . DT  A 1 8  ? 9.456   2.485   -1.272  1.00 5.84  ? 8   DT  A C4    1 
ATOM   221 O  O4    . DT  A 1 8  ? 9.519   1.548   -0.497  1.00 6.17  ? 8   DT  A O4    1 
ATOM   222 C  C5    . DT  A 1 8  ? 9.826   2.446   -2.668  1.00 5.91  ? 8   DT  A C5    1 
ATOM   223 C  C7    . DT  A 1 8  ? 10.317  1.148   -3.251  1.00 6.64  ? 8   DT  A C7    1 
ATOM   224 C  C6    . DT  A 1 8  ? 9.686   3.571   -3.399  1.00 6.07  ? 8   DT  A C6    1 
ATOM   225 P  P     . DG  A 1 9  ? 9.127   9.678   -6.130  1.00 6.90  ? 9   DG  A P     1 
ATOM   226 O  OP1   . DG  A 1 9  ? 7.926   9.518   -7.001  1.00 8.33  ? 9   DG  A OP1   1 
ATOM   227 O  OP2   . DG  A 1 9  ? 10.452  9.924   -6.774  1.00 8.65  ? 9   DG  A OP2   1 
ATOM   228 O  "O5'" . DG  A 1 9  ? 8.955   10.840  -5.061  1.00 6.88  ? 9   DG  A "O5'" 1 
ATOM   229 C  "C5'" . DG  A 1 9  ? 7.692   10.997  -4.388  1.00 6.97  ? 9   DG  A "C5'" 1 
ATOM   230 C  "C4'" . DG  A 1 9  ? 7.923   11.630  -3.039  1.00 6.46  ? 9   DG  A "C4'" 1 
ATOM   231 O  "O4'" . DG  A 1 9  ? 8.537   10.659  -2.147  1.00 6.80  ? 9   DG  A "O4'" 1 
ATOM   232 C  "C3'" . DG  A 1 9  ? 8.836   12.835  -3.024  1.00 6.47  ? 9   DG  A "C3'" 1 
ATOM   233 O  "O3'" . DG  A 1 9  ? 8.349   13.721  -2.006  1.00 6.80  ? 9   DG  A "O3'" 1 
ATOM   234 C  "C2'" . DG  A 1 9  ? 10.212  12.254  -2.680  1.00 6.69  ? 9   DG  A "C2'" 1 
ATOM   235 C  "C1'" . DG  A 1 9  ? 9.882   11.031  -1.838  1.00 6.36  ? 9   DG  A "C1'" 1 
ATOM   236 N  N9    . DG  A 1 9  ? 10.753  9.882   -2.066  1.00 6.22  ? 9   DG  A N9    1 
ATOM   237 C  C8    . DG  A 1 9  ? 11.440  9.507   -3.209  1.00 6.55  ? 9   DG  A C8    1 
ATOM   238 N  N7    . DG  A 1 9  ? 11.971  8.320   -3.114  1.00 6.58  ? 9   DG  A N7    1 
ATOM   239 C  C5    . DG  A 1 9  ? 11.604  7.874   -1.868  1.00 6.08  ? 9   DG  A C5    1 
ATOM   240 C  C6    . DG  A 1 9  ? 11.853  6.629   -1.205  1.00 6.01  ? 9   DG  A C6    1 
ATOM   241 O  O6    . DG  A 1 9  ? 12.417  5.626   -1.684  1.00 6.88  ? 9   DG  A O6    1 
ATOM   242 N  N1    . DG  A 1 9  ? 11.360  6.621   0.090   1.00 6.09  ? 9   DG  A N1    1 
ATOM   243 C  C2    . DG  A 1 9  ? 10.646  7.656   0.674   1.00 6.15  ? 9   DG  A C2    1 
ATOM   244 N  N2    . DG  A 1 9  ? 10.246  7.447   1.936   1.00 6.64  ? 9   DG  A N2    1 
ATOM   245 N  N3    . DG  A 1 9  ? 10.341  8.768   0.035   1.00 6.00  ? 9   DG  A N3    1 
ATOM   246 C  C4    . DG  A 1 9  ? 10.854  8.829   -1.207  1.00 5.98  ? 9   DG  A C4    1 
ATOM   247 P  P     . DG  A 1 10 ? 8.929   15.198  -1.817  1.00 6.60  ? 10  DG  A P     1 
ATOM   248 O  OP1   . DG  A 1 10 ? 7.830   15.975  -1.173  1.00 7.49  ? 10  DG  A OP1   1 
ATOM   249 O  OP2   . DG  A 1 10 ? 9.512   15.705  -3.086  1.00 7.14  ? 10  DG  A OP2   1 
ATOM   250 O  "O5'" . DG  A 1 10 ? 10.130  15.025  -0.780  1.00 7.69  ? 10  DG  A "O5'" 1 
ATOM   251 C  "C5'" . DG  A 1 10 ? 9.777   14.594  0.553   1.00 9.37  ? 10  DG  A "C5'" 1 
ATOM   252 C  "C4'" . DG  A 1 10 ? 10.992  14.034  1.256   1.00 8.95  ? 10  DG  A "C4'" 1 
ATOM   253 O  "O4'" . DG  A 1 10 ? 11.416  12.836  0.661   1.00 7.32  ? 10  DG  A "O4'" 1 
ATOM   254 C  "C3'" . DG  A 1 10 ? 12.203  14.965  1.260   1.00 9.25  ? 10  DG  A "C3'" 1 
ATOM   255 O  "O3'" . DG  A 1 10 ? 12.414  15.354  2.615   1.00 12.72 ? 10  DG  A "O3'" 1 
ATOM   256 C  "C2'" . DG  A 1 10 ? 13.384  14.076  0.854   1.00 11.95 ? 10  DG  A "C2'" 1 
ATOM   257 C  "C1'" . DG  A 1 10 ? 12.805  12.677  0.934   1.00 6.54  ? 10  DG  A "C1'" 1 
ATOM   258 N  N9    . DG  A 1 10 ? 13.336  11.717  0.001   1.00 6.12  ? 10  DG  A N9    1 
ATOM   259 C  C8    . DG  A 1 10 ? 13.681  11.924  -1.323  1.00 6.34  ? 10  DG  A C8    1 
ATOM   260 N  N7    . DG  A 1 10 ? 14.159  10.880  -1.899  1.00 6.08  ? 10  DG  A N7    1 
ATOM   261 C  C5    . DG  A 1 10 ? 14.173  9.901   -0.910  1.00 5.62  ? 10  DG  A C5    1 
ATOM   262 C  C6    . DG  A 1 10 ? 14.634  8.553   -0.930  1.00 6.03  ? 10  DG  A C6    1 
ATOM   263 O  O6    . DG  A 1 10 ? 15.074  7.934   -1.901  1.00 8.11  ? 10  DG  A O6    1 
ATOM   264 N  N1    . DG  A 1 10 ? 14.501  7.949   0.317   1.00 6.27  ? 10  DG  A N1    1 
ATOM   265 C  C2    . DG  A 1 10 ? 13.970  8.526   1.421   1.00 6.07  ? 10  DG  A C2    1 
ATOM   266 N  N2    . DG  A 1 10 ? 13.884  7.781   2.527   1.00 7.69  ? 10  DG  A N2    1 
ATOM   267 N  N3    . DG  A 1 10 ? 13.521  9.794   1.450   1.00 6.10  ? 10  DG  A N3    1 
ATOM   268 C  C4    . DG  A 1 10 ? 13.671  10.407  0.267   1.00 5.63  ? 10  DG  A C4    1 
HETATM 269 CA CA    . CA  B 2 .  ? 5.708   18.122  -4.540  0.24 5.79  ? 201 CA  A CA    1 
HETATM 270 CA CA    . CA  C 2 .  ? -17.028 -5.633  -8.622  0.46 7.22  ? 202 CA  A CA    1 
HETATM 271 CA CA    . CA  D 2 .  ? -5.000  1.319   6.409   0.86 13.05 ? 203 CA  A CA    1 
HETATM 272 CA CA    A CA  E 2 .  ? 3.694   7.328   -2.560  0.61 9.24  ? 204 CA  A CA    1 
HETATM 273 CA CA    B CA  E 2 .  ? 4.408   7.803   -2.050  0.39 7.98  ? 204 CA  A CA    1 
HETATM 274 O  O     . HOH F 3 .  ? 9.774   3.097   -10.651 0.84 24.53 ? 205 HOH A O     1 
HETATM 275 O  O     . HOH F 3 .  ? 1.859   -6.748  7.038   1.00 17.09 ? 206 HOH A O     1 
HETATM 276 O  O     . HOH F 3 .  ? 4.310   -2.915  2.603   0.94 13.21 ? 207 HOH A O     1 
HETATM 277 O  O     . HOH F 3 .  ? -11.796 1.378   -3.641  0.97 8.67  ? 208 HOH A O     1 
HETATM 278 O  O     . HOH F 3 .  ? 10.820  3.368   -6.689  0.93 9.77  ? 209 HOH A O     1 
HETATM 279 O  O     . HOH F 3 .  ? -16.445 -4.754  5.450   1.00 15.70 ? 210 HOH A O     1 
HETATM 280 O  O     . HOH F 3 .  ? 11.300  14.806  -4.970  0.92 10.11 ? 211 HOH A O     1 
HETATM 281 O  O     . HOH F 3 .  ? -2.947  -9.863  9.236   1.00 13.89 ? 212 HOH A O     1 
HETATM 282 O  O     . HOH F 3 .  ? -6.058  -11.367 3.449   1.00 11.39 ? 213 HOH A O     1 
HETATM 283 O  O     . HOH F 3 .  ? -18.616 -5.182  -10.623 0.97 26.88 ? 214 HOH A O     1 
HETATM 284 O  O     . HOH F 3 .  ? -15.701 2.823   3.864   1.00 12.33 ? 215 HOH A O     1 
HETATM 285 O  O     . HOH F 3 .  ? 7.287   9.439   -9.663  0.97 17.62 ? 216 HOH A O     1 
HETATM 286 O  O     . HOH F 3 .  ? -14.332 4.646   1.962   1.00 21.82 ? 217 HOH A O     1 
HETATM 287 O  O     A HOH F 3 .  ? 7.619   -1.475  -5.531  0.71 10.32 ? 218 HOH A O     1 
HETATM 288 O  O     B HOH F 3 .  ? 4.987   -7.786  6.612   0.29 16.11 ? 218 HOH A O     1 
HETATM 289 O  O     . HOH F 3 .  ? -6.720  -0.046  5.288   0.98 18.55 ? 219 HOH A O     1 
HETATM 290 O  O     . HOH F 3 .  ? 3.965   -5.469  3.828   1.00 12.83 ? 220 HOH A O     1 
HETATM 291 O  O     . HOH F 3 .  ? -0.201  -11.282 5.765   0.99 9.53  ? 221 HOH A O     1 
HETATM 292 O  O     . HOH F 3 .  ? -5.753  -7.797  9.755   0.89 14.25 ? 222 HOH A O     1 
HETATM 293 O  O     . HOH F 3 .  ? -1.633  12.019  -0.702  0.77 25.35 ? 223 HOH A O     1 
HETATM 294 O  O     . HOH F 3 .  ? -15.535 -2.390  7.570   0.88 13.40 ? 224 HOH A O     1 
HETATM 295 O  O     A HOH F 3 .  ? -6.145  -7.590  0.310   0.68 10.74 ? 225 HOH A O     1 
HETATM 296 O  O     B HOH F 3 .  ? -5.011  -7.334  0.488   0.32 13.03 ? 225 HOH A O     1 
HETATM 297 O  O     . HOH F 3 .  ? -1.985  -6.372  -0.150  1.00 10.10 ? 226 HOH A O     1 
HETATM 298 O  O     . HOH F 3 .  ? -2.711  -12.322 5.396   1.00 9.24  ? 227 HOH A O     1 
HETATM 299 O  O     . HOH F 3 .  ? -5.342  -12.980 1.726   0.69 7.66  ? 228 HOH A O     1 
HETATM 300 O  O     A HOH F 3 .  ? 6.856   8.153   -2.146  0.53 8.52  ? 229 HOH A O     1 
HETATM 301 O  O     B HOH F 3 .  ? 7.242   8.374   -0.916  0.47 13.21 ? 229 HOH A O     1 
HETATM 302 O  O     . HOH F 3 .  ? 8.039   17.915  -4.123  0.95 12.54 ? 230 HOH A O     1 
HETATM 303 O  O     . HOH F 3 .  ? -12.666 -6.696  7.074   1.00 15.15 ? 231 HOH A O     1 
HETATM 304 O  O     . HOH F 3 .  ? 10.416  -1.084  -0.333  0.97 10.75 ? 232 HOH A O     1 
HETATM 305 O  O     . HOH F 3 .  ? 4.794   -6.220  8.215   0.95 18.97 ? 233 HOH A O     1 
HETATM 306 O  O     . HOH F 3 .  ? -9.822  -6.402  2.140   0.98 7.59  ? 234 HOH A O     1 
HETATM 307 O  O     . HOH F 3 .  ? 5.344   5.649   -2.823  0.96 10.19 ? 235 HOH A O     1 
HETATM 308 O  O     . HOH F 3 .  ? 0.307   -6.038  -5.639  0.72 9.96  ? 236 HOH A O     1 
HETATM 309 O  O     . HOH F 3 .  ? -8.115  1.268   2.742   1.00 17.82 ? 237 HOH A O     1 
HETATM 310 O  O     . HOH F 3 .  ? -12.836 -3.034  8.406   0.78 13.37 ? 238 HOH A O     1 
HETATM 311 O  O     . HOH F 3 .  ? 14.873  3.296   -7.561  0.96 22.87 ? 239 HOH A O     1 
HETATM 312 O  O     A HOH F 3 .  ? -4.633  -1.102  6.383   0.71 13.17 ? 240 HOH A O     1 
HETATM 313 O  O     B HOH F 3 .  ? -3.418  -0.678  6.311   0.29 12.23 ? 240 HOH A O     1 
HETATM 314 O  O     . HOH F 3 .  ? -8.897  -0.298  7.161   0.60 38.47 ? 241 HOH A O     1 
HETATM 315 O  O     . HOH F 3 .  ? 1.701   -3.234  -8.978  0.56 13.56 ? 242 HOH A O     1 
HETATM 316 O  O     . HOH F 3 .  ? -0.873  -0.804  5.785   0.90 9.48  ? 243 HOH A O     1 
HETATM 317 O  O     . HOH F 3 .  ? -19.544 -2.906  -0.798  0.66 13.03 ? 244 HOH A O     1 
HETATM 318 O  O     . HOH F 3 .  ? 9.870   8.944   4.897   0.68 9.78  ? 245 HOH A O     1 
HETATM 319 O  O     . HOH F 3 .  ? 10.787  10.565  -9.331  1.00 29.58 ? 246 HOH A O     1 
HETATM 320 O  O     . HOH F 3 .  ? -3.901  -10.200 11.676  0.76 14.46 ? 247 HOH A O     1 
HETATM 321 O  O     . HOH F 3 .  ? -2.474  -13.766 3.164   0.93 42.50 ? 248 HOH A O     1 
HETATM 322 O  O     . HOH F 3 .  ? -2.721  -7.028  -5.801  0.94 17.37 ? 249 HOH A O     1 
HETATM 323 O  O     . HOH F 3 .  ? -14.892 4.040   6.290   0.69 12.64 ? 250 HOH A O     1 
HETATM 324 O  O     . HOH F 3 .  ? -3.165  -5.894  -2.638  0.93 17.67 ? 251 HOH A O     1 
HETATM 325 O  O     . HOH F 3 .  ? 1.114   -8.438  -4.894  0.82 13.26 ? 252 HOH A O     1 
HETATM 326 O  O     . HOH F 3 .  ? 1.076   1.297   -4.217  0.50 8.81  ? 253 HOH A O     1 
HETATM 327 O  O     . HOH F 3 .  ? -9.368  1.203   5.515   1.00 19.95 ? 254 HOH A O     1 
HETATM 328 O  O     A HOH F 3 .  ? 5.254   -5.883  10.633  0.66 15.82 ? 255 HOH A O     1 
HETATM 329 O  O     B HOH F 3 .  ? 6.263   -6.049  11.171  0.34 12.94 ? 255 HOH A O     1 
HETATM 330 O  O     . HOH F 3 .  ? -0.796  -2.762  7.688   0.94 17.00 ? 256 HOH A O     1 
HETATM 331 O  O     . HOH F 3 .  ? 7.309   -7.152  0.612   0.82 19.56 ? 257 HOH A O     1 
HETATM 332 O  O     . HOH F 3 .  ? 0.761   -8.275  9.037   0.74 10.29 ? 258 HOH A O     1 
HETATM 333 O  O     . HOH F 3 .  ? -12.814 1.774   1.356   0.79 13.28 ? 259 HOH A O     1 
HETATM 334 O  O     . HOH F 3 .  ? 6.261   -5.665  2.857   0.79 14.04 ? 260 HOH A O     1 
HETATM 335 O  O     . HOH F 3 .  ? -17.056 -7.434  -10.597 0.76 9.59  ? 261 HOH A O     1 
HETATM 336 O  O     . HOH F 3 .  ? 13.251  5.071   -4.191  0.94 15.03 ? 262 HOH A O     1 
HETATM 337 O  O     . HOH F 3 .  ? -16.539 -3.037  -8.752  0.76 13.94 ? 263 HOH A O     1 
HETATM 338 O  O     . HOH F 3 .  ? -5.814  0.725   8.416   0.84 21.77 ? 264 HOH A O     1 
HETATM 339 O  O     . HOH F 3 .  ? -2.978  1.297   7.106   0.91 31.59 ? 265 HOH A O     1 
HETATM 340 O  O     . HOH F 3 .  ? -4.251  1.383   4.267   1.00 30.98 ? 266 HOH A O     1 
HETATM 341 O  O     . HOH F 3 .  ? -4.262  3.551   6.517   0.82 21.91 ? 267 HOH A O     1 
HETATM 342 O  O     . HOH F 3 .  ? -7.038  2.655   6.101   0.78 13.76 ? 268 HOH A O     1 
HETATM 343 O  O     . HOH F 3 .  ? 4.847   0.035   -10.789 0.79 56.12 ? 269 HOH A O     1 
HETATM 344 O  O     . HOH F 3 .  ? -14.143 -4.160  -7.929  0.51 9.72  ? 270 HOH A O     1 
HETATM 345 O  O     . HOH F 3 .  ? 5.786   19.146  -3.029  1.00 26.77 ? 271 HOH A O     1 
HETATM 346 O  O     . HOH F 3 .  ? 5.349   11.032  -0.294  0.75 19.20 ? 272 HOH A O     1 
HETATM 347 O  O     . HOH F 3 .  ? -1.337  -6.972  10.157  0.98 22.24 ? 273 HOH A O     1 
HETATM 348 O  O     . HOH F 3 .  ? 12.232  5.500   -7.449  1.00 41.79 ? 274 HOH A O     1 
HETATM 349 O  O     . HOH F 3 .  ? -11.842 2.360   5.095   0.56 9.96  ? 275 HOH A O     1 
HETATM 350 O  O     . HOH F 3 .  ? -12.427 1.015   5.807   0.44 12.61 ? 276 HOH A O     1 
HETATM 351 O  O     . HOH F 3 .  ? 1.507   -4.125  7.868   0.97 19.45 ? 277 HOH A O     1 
HETATM 352 O  O     . HOH F 3 .  ? 7.484   9.376   0.950   0.60 14.11 ? 278 HOH A O     1 
HETATM 353 O  O     . HOH F 3 .  ? -21.281 -0.512  1.804   0.49 12.87 ? 279 HOH A O     1 
HETATM 354 O  O     . HOH F 3 .  ? 12.194  11.942  -5.769  0.51 14.77 ? 280 HOH A O     1 
HETATM 355 O  O     . HOH F 3 .  ? -10.185 2.666   1.081   0.79 18.48 ? 281 HOH A O     1 
HETATM 356 O  O     . HOH F 3 .  ? 3.068   5.533   -6.129  1.00 24.74 ? 282 HOH A O     1 
HETATM 357 O  O     . HOH F 3 .  ? 8.072   15.202  3.459   1.00 79.53 ? 283 HOH A O     1 
HETATM 358 O  O     A HOH F 3 .  ? -3.619  -8.647  0.264   0.66 16.81 ? 284 HOH A O     1 
HETATM 359 O  O     B HOH F 3 .  ? -2.695  -9.471  0.284   0.34 15.75 ? 284 HOH A O     1 
HETATM 360 O  O     . HOH F 3 .  ? 7.938   6.835   -10.210 1.00 48.77 ? 285 HOH A O     1 
HETATM 361 O  O     . HOH F 3 .  ? 3.886   18.918  -4.744  0.59 5.57  ? 286 HOH A O     1 
HETATM 362 O  O     . HOH F 3 .  ? 9.087   0.455   -6.556  0.61 11.30 ? 287 HOH A O     1 
HETATM 363 O  O     A HOH F 3 .  ? 8.359   -2.832  0.314   0.55 11.38 ? 288 HOH A O     1 
HETATM 364 O  O     B HOH F 3 .  ? 7.207   -3.449  1.158   0.45 12.40 ? 289 HOH A O     1 
HETATM 365 O  O     . HOH F 3 .  ? 8.363   0.339   -9.489  0.95 34.18 ? 290 HOH A O     1 
HETATM 366 O  O     . HOH F 3 .  ? -10.304 -6.456  8.983   0.91 54.33 ? 291 HOH A O     1 
HETATM 367 O  O     . HOH F 3 .  ? 14.714  10.590  -7.454  1.00 50.50 ? 292 HOH A O     1 
HETATM 368 O  O     . HOH F 3 .  ? 0.222   -11.085 -2.153  0.77 35.98 ? 293 HOH A O     1 
HETATM 369 O  O     . HOH F 3 .  ? 3.706   15.916  -0.020  0.67 38.37 ? 294 HOH A O     1 
HETATM 370 O  O     . HOH F 3 .  ? 9.293   10.584  1.868   0.91 30.09 ? 295 HOH A O     1 
HETATM 371 O  O     A HOH F 3 .  ? -1.432  -8.921  -1.953  0.57 14.52 ? 296 HOH A O     1 
HETATM 372 O  O     B HOH F 3 .  ? 4.156   9.242   1.390   0.43 10.36 ? 296 HOH A O     1 
HETATM 373 O  O     . HOH F 3 .  ? -6.661  -0.418  12.519  0.79 30.26 ? 297 HOH A O     1 
HETATM 374 O  O     . HOH F 3 .  ? -4.901  -2.154  12.620  0.86 60.29 ? 298 HOH A O     1 
HETATM 375 O  O     . HOH F 3 .  ? -0.254  -1.028  -5.179  0.87 25.25 ? 299 HOH A O     1 
HETATM 376 O  O     . HOH F 3 .  ? 6.133   15.087  0.656   1.00 55.14 ? 300 HOH A O     1 
HETATM 377 O  O     . HOH F 3 .  ? -12.679 1.063   3.785   0.28 14.32 ? 301 HOH A O     1 
HETATM 378 O  O     . HOH F 3 .  ? 8.913   7.788   -13.072 0.80 36.98 ? 302 HOH A O     1 
HETATM 379 O  O     A HOH F 3 .  ? 8.083   11.302  3.296   0.21 6.06  ? 303 HOH A O     1 
HETATM 380 O  O     B HOH F 3 .  ? 8.699   12.321  3.349   0.79 22.42 ? 303 HOH A O     1 
HETATM 381 O  O     A HOH F 3 .  ? 2.670   5.684   -1.963  0.80 17.08 ? 304 HOH A O     1 
HETATM 382 O  O     B HOH F 3 .  ? 1.912   7.083   -0.957  0.20 9.33  ? 304 HOH A O     1 
HETATM 383 O  O     A HOH F 3 .  ? -6.277  -2.852  7.558   0.80 19.37 ? 305 HOH A O     1 
HETATM 384 O  O     B HOH F 3 .  ? -6.792  -3.709  9.111   0.20 13.64 ? 305 HOH A O     1 
HETATM 385 O  O     A HOH F 3 .  ? -0.756  -6.742  -3.363  0.58 15.11 ? 306 HOH A O     1 
HETATM 386 O  O     B HOH F 3 .  ? -0.811  -7.564  -2.830  0.42 23.39 ? 306 HOH A O     1 
HETATM 387 O  O     . HOH F 3 .  ? 2.905   -7.336  9.293   0.99 67.05 ? 307 HOH A O     1 
HETATM 388 O  O     . HOH F 3 .  ? 5.250   8.408   -11.686 0.79 39.93 ? 308 HOH A O     1 
HETATM 389 O  O     . HOH F 3 .  ? 10.538  -5.891  -1.667  0.86 72.87 ? 309 HOH A O     1 
HETATM 390 O  O     A HOH F 3 .  ? -3.127  -6.138  7.577   0.75 13.71 ? 310 HOH A O     1 
HETATM 391 O  O     B HOH F 3 .  ? -2.699  -4.700  7.722   0.25 16.99 ? 310 HOH A O     1 
HETATM 392 O  O     . HOH F 3 .  ? 7.782   -3.226  2.430   0.25 19.47 ? 311 HOH A O     1 
HETATM 393 O  O     . HOH F 3 .  ? 0.976   -1.105  -9.017  0.50 51.96 ? 312 HOH A O     1 
HETATM 394 O  O     . HOH F 3 .  ? 11.446  -11.349 -1.117  0.50 73.25 ? 313 HOH A O     1 
HETATM 395 O  O     . HOH F 3 .  ? -3.386  -11.094 1.696   0.50 71.08 ? 314 HOH A O     1 
HETATM 396 O  O     . HOH F 3 .  ? 7.292   -9.989  -3.419  0.50 75.16 ? 315 HOH A O     1 
HETATM 397 O  O     . HOH F 3 .  ? 4.138   4.756   -8.856  0.50 57.50 ? 316 HOH A O     1 
HETATM 398 O  O     . HOH F 3 .  ? 0.927   0.327   -7.387  0.50 81.37 ? 317 HOH A O     1 
HETATM 399 O  O     . HOH F 3 .  ? 6.766   19.674  -6.016  0.52 7.42  ? 318 HOH A O     1 
HETATM 400 O  O     . HOH F 3 .  ? 5.337   19.327  -6.482  0.48 8.72  ? 319 HOH A O     1 
HETATM 401 O  O     . HOH F 3 .  ? 13.884  8.359   5.243   0.67 18.52 ? 320 HOH A O     1 
HETATM 402 O  O     . HOH F 3 .  ? 4.884   16.661  -5.227  0.46 14.19 ? 321 HOH A O     1 
HETATM 403 O  O     . HOH F 3 .  ? 12.316  9.030   5.020   0.56 8.88  ? 322 HOH A O     1 
HETATM 404 O  O     . HOH F 3 .  ? 6.301   16.305  -5.971  0.52 8.45  ? 323 HOH A O     1 
# 
loop_
_atom_site_anisotrop.id 
_atom_site_anisotrop.type_symbol 
_atom_site_anisotrop.pdbx_label_atom_id 
_atom_site_anisotrop.pdbx_label_alt_id 
_atom_site_anisotrop.pdbx_label_comp_id 
_atom_site_anisotrop.pdbx_label_asym_id 
_atom_site_anisotrop.pdbx_label_seq_id 
_atom_site_anisotrop.pdbx_PDB_ins_code 
_atom_site_anisotrop.U[1][1] 
_atom_site_anisotrop.U[2][2] 
_atom_site_anisotrop.U[3][3] 
_atom_site_anisotrop.U[1][2] 
_atom_site_anisotrop.U[1][3] 
_atom_site_anisotrop.U[2][3] 
_atom_site_anisotrop.pdbx_auth_seq_id 
_atom_site_anisotrop.pdbx_auth_comp_id 
_atom_site_anisotrop.pdbx_auth_asym_id 
_atom_site_anisotrop.pdbx_auth_atom_id 
1   O  "O5'" A DC A 1  ? 0.2470 0.1845 0.1868 -0.0161 -0.0333 0.0098  1   DC A "O5'" 
2   O  "O5'" B DC A 1  ? 0.0751 0.2182 0.2166 0.0427  -0.0457 -0.1216 1   DC A "O5'" 
3   C  "C5'" A DC A 1  ? 0.2061 0.1408 0.1755 0.0246  0.0272  -0.0783 1   DC A "C5'" 
4   C  "C5'" B DC A 1  ? 0.0842 0.1149 0.0999 0.0365  -0.0248 -0.0585 1   DC A "C5'" 
5   C  "C4'" A DC A 1  ? 0.2367 0.1537 0.1185 0.0788  -0.0130 -0.0311 1   DC A "C4'" 
6   C  "C4'" B DC A 1  ? 0.0671 0.0749 0.0779 0.0126  0.0014  -0.0190 1   DC A "C4'" 
7   O  "O4'" A DC A 1  ? 0.1054 0.1491 0.1100 0.0381  0.0228  -0.0021 1   DC A "O4'" 
8   O  "O4'" B DC A 1  ? 0.0666 0.0938 0.0950 -0.0005 0.0027  -0.0369 1   DC A "O4'" 
9   C  "C3'" A DC A 1  ? 0.2243 0.0790 0.0942 -0.0188 -0.0034 -0.0094 1   DC A "C3'" 
10  C  "C3'" B DC A 1  ? 0.0883 0.1237 0.0885 0.0242  -0.0242 -0.0214 1   DC A "C3'" 
11  O  "O3'" A DC A 1  ? 0.0934 0.0765 0.1067 -0.0045 -0.0162 -0.0070 1   DC A "O3'" 
12  O  "O3'" B DC A 1  ? 0.0732 0.0777 0.0825 0.0001  -0.0056 -0.0187 1   DC A "O3'" 
13  C  "C2'" A DC A 1  ? 0.1106 0.1314 0.1106 -0.0276 -0.0104 -0.0099 1   DC A "C2'" 
14  C  "C2'" B DC A 1  ? 0.0720 0.1135 0.0898 -0.0137 -0.0170 0.0025  1   DC A "C2'" 
15  C  "C1'" A DC A 1  ? 0.0642 0.1513 0.1192 -0.0002 0.0117  -0.0577 1   DC A "C1'" 
16  C  "C1'" B DC A 1  ? 0.0569 0.0922 0.1389 -0.0125 0.0222  -0.0391 1   DC A "C1'" 
17  N  N1    . DC A 1  ? 0.0920 0.1048 0.1346 -0.0208 0.0360  -0.0491 1   DC A N1    
18  C  C2    . DC A 1  ? 0.0740 0.1068 0.1081 -0.0164 0.0226  -0.0407 1   DC A C2    
19  O  O2    . DC A 1  ? 0.1141 0.1257 0.0950 -0.0143 0.0369  -0.0327 1   DC A O2    
20  N  N3    . DC A 1  ? 0.0750 0.0886 0.1001 -0.0065 0.0181  -0.0264 1   DC A N3    
21  C  C4    . DC A 1  ? 0.0597 0.0863 0.1142 -0.0069 0.0039  -0.0220 1   DC A C4    
22  N  N4    . DC A 1  ? 0.0709 0.0832 0.1143 0.0076  -0.0001 -0.0134 1   DC A N4    
23  C  C5    . DC A 1  ? 0.0821 0.0876 0.1427 -0.0041 0.0069  -0.0384 1   DC A C5    
24  C  C6    . DC A 1  ? 0.0915 0.0973 0.1463 -0.0063 0.0167  -0.0479 1   DC A C6    
25  P  P     A DC A 2  ? 0.0703 0.0915 0.0935 0.0085  0.0053  -0.0074 2   DC A P     
26  P  P     B DC A 2  ? 0.0726 0.0846 0.0722 0.0110  -0.0021 -0.0136 2   DC A P     
27  O  OP1   A DC A 2  ? 0.0794 0.0941 0.1153 -0.0001 0.0157  -0.0123 2   DC A OP1   
28  O  OP1   B DC A 2  ? 0.1062 0.0976 0.0685 0.0079  -0.0039 -0.0159 2   DC A OP1   
29  O  OP2   A DC A 2  ? 0.0910 0.0908 0.1002 0.0093  -0.0033 -0.0222 2   DC A OP2   
30  O  OP2   B DC A 2  ? 0.0818 0.0853 0.0791 0.0096  -0.0072 -0.0166 2   DC A OP2   
31  O  "O5'" A DC A 2  ? 0.0639 0.0911 0.1090 0.0060  0.0068  -0.0016 2   DC A "O5'" 
32  O  "O5'" B DC A 2  ? 0.0638 0.0813 0.0859 0.0053  0.0036  -0.0018 2   DC A "O5'" 
33  C  "C5'" A DC A 2  ? 0.0736 0.0832 0.1096 0.0000  0.0129  0.0068  2   DC A "C5'" 
34  C  "C5'" B DC A 2  ? 0.0672 0.0900 0.0687 0.0095  -0.0015 -0.0047 2   DC A "C5'" 
35  C  "C4'" A DC A 2  ? 0.0681 0.0636 0.1069 -0.0036 0.0004  0.0023  2   DC A "C4'" 
36  C  "C4'" B DC A 2  ? 0.0776 0.0605 0.0781 -0.0037 0.0047  -0.0030 2   DC A "C4'" 
37  O  "O4'" A DC A 2  ? 0.0702 0.0545 0.1042 -0.0072 0.0116  -0.0242 2   DC A "O4'" 
38  O  "O4'" B DC A 2  ? 0.0774 0.0505 0.0791 0.0038  0.0048  -0.0196 2   DC A "O4'" 
39  C  "C3'" A DC A 2  ? 0.0734 0.0651 0.0943 0.0052  0.0096  -0.0079 2   DC A "C3'" 
40  C  "C3'" B DC A 2  ? 0.0728 0.0680 0.0839 0.0014  -0.0027 -0.0092 2   DC A "C3'" 
41  O  "O3'" A DC A 2  ? 0.0751 0.0743 0.0930 0.0117  0.0015  -0.0059 2   DC A "O3'" 
42  O  "O3'" B DC A 2  ? 0.0786 0.0731 0.0793 0.0077  -0.0025 -0.0167 2   DC A "O3'" 
43  C  "C2'" A DC A 2  ? 0.0731 0.0644 0.0933 -0.0077 0.0099  -0.0106 2   DC A "C2'" 
44  C  "C2'" B DC A 2  ? 0.0703 0.0715 0.0788 -0.0028 -0.0072 -0.0111 2   DC A "C2'" 
45  C  "C1'" A DC A 2  ? 0.0773 0.0598 0.0964 -0.0028 0.0119  -0.0080 2   DC A "C1'" 
46  C  "C1'" B DC A 2  ? 0.0591 0.0709 0.0800 0.0023  -0.0034 -0.0102 2   DC A "C1'" 
47  N  N1    . DC A 2  ? 0.0680 0.0686 0.0904 0.0044  0.0004  -0.0043 2   DC A N1    
48  C  C2    . DC A 2  ? 0.0636 0.0699 0.0891 0.0053  0.0020  -0.0025 2   DC A C2    
49  O  O2    . DC A 2  ? 0.0912 0.0705 0.0853 0.0090  0.0016  -0.0014 2   DC A O2    
50  N  N3    . DC A 2  ? 0.0685 0.0671 0.0893 0.0096  0.0036  -0.0033 2   DC A N3    
51  C  C4    . DC A 2  ? 0.0609 0.0703 0.0956 0.0055  -0.0011 -0.0004 2   DC A C4    
52  N  N4    . DC A 2  ? 0.0698 0.0778 0.0909 0.0075  -0.0064 0.0012  2   DC A N4    
53  C  C5    . DC A 2  ? 0.0838 0.0738 0.0988 0.0180  0.0008  -0.0025 2   DC A C5    
54  C  C6    . DC A 2  ? 0.0801 0.0759 0.0987 0.0117  0.0011  -0.0043 2   DC A C6    
55  P  P     A DA A 3  ? 0.1302 0.1149 0.0813 0.0411  0.0001  -0.0119 3   DA A P     
56  P  P     B DA A 3  ? 0.0699 0.0593 0.0940 -0.0028 -0.0028 -0.0055 3   DA A P     
57  O  OP1   A DA A 3  ? 0.1411 0.1151 0.0910 0.0169  0.0227  -0.0135 3   DA A OP1   
58  O  OP1   B DA A 3  ? 0.0719 0.0752 0.1332 0.0056  0.0136  0.0168  3   DA A OP1   
59  O  OP2   A DA A 3  ? 0.1480 0.0909 0.1019 0.0240  -0.0022 -0.0023 3   DA A OP2   
60  O  OP2   B DA A 3  ? 0.1040 0.0834 0.0725 -0.0004 -0.0078 -0.0122 3   DA A OP2   
61  O  "O5'" A DA A 3  ? 0.1096 0.0854 0.0864 0.0134  -0.0099 -0.0041 3   DA A "O5'" 
62  O  "O5'" B DA A 3  ? 0.0739 0.0906 0.1044 0.0140  -0.0127 -0.0133 3   DA A "O5'" 
63  C  "C5'" . DA A 3  ? 0.0827 0.0815 0.0979 0.0031  0.0011  0.0066  3   DA A "C5'" 
64  C  "C4'" . DA A 3  ? 0.0806 0.0705 0.0882 0.0006  0.0018  0.0037  3   DA A "C4'" 
65  O  "O4'" . DA A 3  ? 0.0792 0.0744 0.0888 -0.0047 -0.0076 0.0090  3   DA A "O4'" 
66  C  "C3'" . DA A 3  ? 0.0809 0.0668 0.0814 0.0088  0.0016  0.0010  3   DA A "C3'" 
67  O  "O3'" . DA A 3  ? 0.0860 0.0657 0.0885 0.0068  -0.0016 0.0021  3   DA A "O3'" 
68  C  "C2'" . DA A 3  ? 0.0790 0.0658 0.0936 0.0044  -0.0124 0.0030  3   DA A "C2'" 
69  C  "C1'" . DA A 3  ? 0.0703 0.0692 0.0891 0.0025  -0.0011 0.0027  3   DA A "C1'" 
70  N  N9    . DA A 3  ? 0.0690 0.0726 0.0843 0.0028  -0.0011 0.0066  3   DA A N9    
71  C  C8    . DA A 3  ? 0.0766 0.0757 0.0887 0.0028  0.0039  0.0049  3   DA A C8    
72  N  N7    . DA A 3  ? 0.0721 0.0716 0.0930 0.0036  0.0093  0.0077  3   DA A N7    
73  C  C5    . DA A 3  ? 0.0591 0.0700 0.0925 -0.0022 0.0013  0.0081  3   DA A C5    
74  C  C6    . DA A 3  ? 0.0616 0.0711 0.0974 -0.0065 -0.0042 0.0109  3   DA A C6    
75  N  N6    . DA A 3  ? 0.0758 0.0712 0.1008 0.0019  -0.0022 0.0100  3   DA A N6    
76  N  N1    . DA A 3  ? 0.0716 0.0765 0.0893 -0.0061 -0.0044 0.0092  3   DA A N1    
77  C  C2    . DA A 3  ? 0.0748 0.0862 0.0910 -0.0012 -0.0055 0.0003  3   DA A C2    
78  N  N3    . DA A 3  ? 0.0755 0.0751 0.0912 -0.0003 -0.0062 0.0023  3   DA A N3    
79  C  C4    . DA A 3  ? 0.0599 0.0676 0.0885 0.0003  -0.0035 0.0085  3   DA A C4    
80  P  P     . DG A 4  ? 0.0776 0.0688 0.0786 0.0055  0.0057  0.0091  4   DG A P     
81  O  OP1   . DG A 4  ? 0.0913 0.0619 0.0935 0.0104  0.0063  0.0106  4   DG A OP1   
82  O  OP2   . DG A 4  ? 0.0860 0.0914 0.0820 0.0084  -0.0005 0.0047  4   DG A OP2   
83  O  "O5'" . DG A 4  ? 0.0889 0.0769 0.0917 0.0043  0.0210  0.0092  4   DG A "O5'" 
84  C  "C5'" . DG A 4  ? 0.1242 0.0723 0.0959 0.0069  0.0306  0.0055  4   DG A "C5'" 
85  C  "C4'" . DG A 4  ? 0.1133 0.0830 0.1020 0.0217  0.0331  0.0190  4   DG A "C4'" 
86  O  "O4'" . DG A 4  ? 0.0918 0.0779 0.1073 0.0066  0.0066  0.0192  4   DG A "O4'" 
87  C  "C3'" A DG A 4  ? 0.0957 0.0996 0.1184 0.0329  0.0351  0.0365  4   DG A "C3'" 
88  C  "C3'" B DG A 4  ? 0.0987 0.0987 0.1085 0.0262  0.0357  0.0411  4   DG A "C3'" 
89  O  "O3'" A DG A 4  ? 0.0956 0.1403 0.1174 0.0415  0.0258  0.0481  4   DG A "O3'" 
90  O  "O3'" B DG A 4  ? 0.1116 0.1132 0.1399 0.0305  0.0561  0.0656  4   DG A "O3'" 
91  C  "C2'" . DG A 4  ? 0.0779 0.1025 0.1154 0.0137  0.0043  0.0289  4   DG A "C2'" 
92  C  "C1'" . DG A 4  ? 0.0745 0.0920 0.1089 0.0104  0.0069  0.0280  4   DG A "C1'" 
93  N  N9    . DG A 4  ? 0.0756 0.0830 0.1014 0.0000  -0.0009 0.0144  4   DG A N9    
94  C  C8    . DG A 4  ? 0.0768 0.0922 0.1007 0.0054  -0.0024 0.0130  4   DG A C8    
95  N  N7    . DG A 4  ? 0.0774 0.0892 0.1048 0.0032  -0.0047 0.0070  4   DG A N7    
96  C  C5    . DG A 4  ? 0.0647 0.0744 0.1035 -0.0034 -0.0051 0.0018  4   DG A C5    
97  C  C6    . DG A 4  ? 0.0644 0.0661 0.1076 -0.0067 -0.0010 0.0098  4   DG A C6    
98  O  O6    . DG A 4  ? 0.0777 0.0697 0.1128 -0.0031 0.0013  0.0082  4   DG A O6    
99  N  N1    . DG A 4  ? 0.0672 0.0734 0.1051 -0.0063 -0.0018 0.0152  4   DG A N1    
100 C  C2    . DG A 4  ? 0.0703 0.0790 0.1018 -0.0033 0.0016  0.0059  4   DG A C2    
101 N  N2    . DG A 4  ? 0.1116 0.0836 0.1002 0.0110  0.0102  0.0198  4   DG A N2    
102 N  N3    . DG A 4  ? 0.0749 0.0739 0.1027 -0.0007 0.0015  0.0088  4   DG A N3    
103 C  C4    . DG A 4  ? 0.0657 0.0726 0.1023 -0.0017 -0.0030 0.0096  4   DG A C4    
104 P  P     A DT A 5  ? 0.0782 0.1139 0.0954 0.0286  0.0051  0.0125  5   DT A P     
105 P  P     B DT A 5  ? 0.1084 0.0940 0.1384 0.0264  0.0481  0.0475  5   DT A P     
106 O  OP1   A DT A 5  ? 0.1363 0.1115 0.1256 0.0337  0.0221  0.0264  5   DT A OP1   
107 O  OP1   B DT A 5  ? 0.1424 0.0895 0.1523 0.0412  0.0795  0.0486  5   DT A OP1   
108 O  OP2   A DT A 5  ? 0.1214 0.1843 0.1238 0.0133  -0.0080 -0.0080 5   DT A OP2   
109 O  OP2   B DT A 5  ? 0.1315 0.1341 0.1325 0.0134  0.0401  0.0499  5   DT A OP2   
110 O  "O5'" A DT A 5  ? 0.1228 0.1024 0.1278 0.0117  0.0466  -0.0029 5   DT A "O5'" 
111 O  "O5'" B DT A 5  ? 0.0764 0.0990 0.1393 0.0133  0.0303  0.0470  5   DT A "O5'" 
112 C  "C5'" A DT A 5  ? 0.1132 0.0634 0.1264 0.0025  0.0548  -0.0036 5   DT A "C5'" 
113 C  "C5'" B DT A 5  ? 0.1042 0.0816 0.1382 0.0129  0.0499  -0.0067 5   DT A "C5'" 
114 C  "C4'" A DT A 5  ? 0.1116 0.0713 0.1240 -0.0071 0.0473  -0.0096 5   DT A "C4'" 
115 C  "C4'" B DT A 5  ? 0.0914 0.0927 0.1223 0.0026  0.0258  -0.0078 5   DT A "C4'" 
116 O  "O4'" A DT A 5  ? 0.0934 0.0652 0.1204 -0.0064 0.0155  0.0003  5   DT A "O4'" 
117 O  "O4'" B DT A 5  ? 0.0751 0.0750 0.1008 -0.0017 0.0114  -0.0099 5   DT A "O4'" 
118 C  "C3'" A DT A 5  ? 0.0915 0.0801 0.1012 -0.0030 0.0296  0.0038  5   DT A "C3'" 
119 C  "C3'" B DT A 5  ? 0.0912 0.0876 0.1048 0.0084  0.0173  -0.0103 5   DT A "C3'" 
120 O  "O3'" A DT A 5  ? 0.1020 0.1084 0.0985 -0.0026 0.0217  -0.0016 5   DT A "O3'" 
121 O  "O3'" B DT A 5  ? 0.1160 0.1009 0.1019 -0.0176 0.0051  0.0032  5   DT A "O3'" 
122 C  "C2'" A DT A 5  ? 0.0813 0.0831 0.0986 0.0003  0.0096  0.0085  5   DT A "C2'" 
123 C  "C2'" B DT A 5  ? 0.0714 0.0838 0.1022 0.0048  0.0065  0.0051  5   DT A "C2'" 
124 C  "C1'" A DT A 5  ? 0.0741 0.0821 0.0937 -0.0067 0.0070  0.0036  5   DT A "C1'" 
125 C  "C1'" B DT A 5  ? 0.0649 0.0821 0.0913 -0.0065 0.0125  -0.0071 5   DT A "C1'" 
126 N  N1    A DT A 5  ? 0.0832 0.0813 0.0972 0.0001  0.0060  0.0021  5   DT A N1    
127 N  N1    B DT A 5  ? 0.0620 0.0791 0.0776 -0.0092 0.0070  -0.0036 5   DT A N1    
128 C  C2    A DT A 5  ? 0.0827 0.0767 0.0835 -0.0121 -0.0003 0.0004  5   DT A C2    
129 C  C2    B DT A 5  ? 0.0553 0.0849 0.0795 -0.0021 0.0038  -0.0002 5   DT A C2    
130 O  O2    A DT A 5  ? 0.1791 0.1086 0.0866 0.0190  -0.0124 -0.0031 5   DT A O2    
131 O  O2    B DT A 5  ? 0.0696 0.0712 0.0736 -0.0141 0.0086  -0.0105 5   DT A O2    
132 N  N3    A DT A 5  ? 0.0896 0.0705 0.0807 -0.0096 -0.0083 0.0067  5   DT A N3    
133 N  N3    B DT A 5  ? 0.0746 0.0931 0.0804 -0.0112 -0.0044 -0.0148 5   DT A N3    
134 C  C4    A DT A 5  ? 0.0504 0.0770 0.0832 -0.0072 0.0061  0.0021  5   DT A C4    
135 C  C4    B DT A 5  ? 0.0393 0.0835 0.0808 -0.0080 0.0051  -0.0094 5   DT A C4    
136 O  O4    A DT A 5  ? 0.0917 0.0773 0.1081 -0.0074 0.0156  -0.0137 5   DT A O4    
137 O  O4    B DT A 5  ? 0.0715 0.0705 0.0649 -0.0071 -0.0017 0.0041  5   DT A O4    
138 C  C5    A DT A 5  ? 0.1082 0.0842 0.0873 0.0090  -0.0049 0.0152  5   DT A C5    
139 C  C5    B DT A 5  ? 0.0646 0.0748 0.0863 -0.0008 0.0199  -0.0042 5   DT A C5    
140 C  C7    A DT A 5  ? 0.1063 0.0753 0.0877 -0.0019 0.0075  0.0133  5   DT A C7    
141 C  C7    B DT A 5  ? 0.1063 0.0716 0.0886 -0.0063 -0.0094 -0.0058 5   DT A C7    
142 C  C6    A DT A 5  ? 0.0827 0.0859 0.0917 0.0040  -0.0003 0.0106  5   DT A C6    
143 C  C6    B DT A 5  ? 0.0633 0.0795 0.0835 -0.0023 0.0014  0.0008  5   DT A C6    
144 P  P     A DA A 6  ? 0.1046 0.0981 0.0922 0.0021  0.0254  -0.0080 6   DA A P     
145 P  P     B DA A 6  ? 0.1300 0.0948 0.1190 0.0051  0.0370  -0.0117 6   DA A P     
146 O  OP1   A DA A 6  ? 0.1654 0.1162 0.1157 0.0000  0.0539  -0.0208 6   DA A OP1   
147 O  OP1   B DA A 6  ? 0.1891 0.1036 0.1311 0.0233  0.0439  -0.0196 6   DA A OP1   
148 O  OP2   A DA A 6  ? 0.0919 0.1374 0.1137 -0.0003 0.0198  0.0046  6   DA A OP2   
149 O  OP2   B DA A 6  ? 0.1230 0.1346 0.1459 -0.0131 0.0228  0.0275  6   DA A OP2   
150 O  "O5'" A DA A 6  ? 0.1138 0.0933 0.0964 -0.0254 0.0019  -0.0137 6   DA A "O5'" 
151 O  "O5'" B DA A 6  ? 0.1216 0.0871 0.1206 -0.0075 0.0300  -0.0066 6   DA A "O5'" 
152 C  "C5'" A DA A 6  ? 0.1323 0.0814 0.1030 -0.0289 -0.0091 0.0001  6   DA A "C5'" 
153 C  "C5'" B DA A 6  ? 0.1261 0.0887 0.1165 -0.0134 0.0227  0.0030  6   DA A "C5'" 
154 C  "C4'" A DA A 6  ? 0.1428 0.0736 0.0949 -0.0213 -0.0109 -0.0102 6   DA A "C4'" 
155 C  "C4'" B DA A 6  ? 0.1369 0.0837 0.1024 -0.0322 0.0212  -0.0083 6   DA A "C4'" 
156 O  "O4'" A DA A 6  ? 0.1238 0.0887 0.1029 -0.0309 -0.0017 -0.0106 6   DA A "O4'" 
157 O  "O4'" B DA A 6  ? 0.0957 0.1009 0.1152 -0.0216 0.0185  -0.0269 6   DA A "O4'" 
158 C  "C3'" A DA A 6  ? 0.1794 0.0912 0.0829 -0.0400 0.0285  -0.0160 6   DA A "C3'" 
159 C  "C3'" B DA A 6  ? 0.1473 0.0947 0.0894 -0.0191 0.0359  -0.0168 6   DA A "C3'" 
160 O  "O3'" A DA A 6  ? 0.1264 0.1142 0.0998 -0.0292 0.0080  -0.0147 6   DA A "O3'" 
161 O  "O3'" B DA A 6  ? 0.3300 0.0989 0.0765 -0.0887 0.0305  -0.0229 6   DA A "O3'" 
162 C  "C2'" A DA A 6  ? 0.1582 0.0931 0.0854 -0.0497 0.0364  -0.0249 6   DA A "C2'" 
163 C  "C2'" B DA A 6  ? 0.0825 0.0892 0.0923 0.0025  0.0169  -0.0031 6   DA A "C2'" 
164 C  "C1'" A DA A 6  ? 0.1545 0.0877 0.0829 -0.0476 0.0187  -0.0152 6   DA A "C1'" 
165 C  "C1'" B DA A 6  ? 0.0644 0.1103 0.0837 -0.0044 0.0048  -0.0207 6   DA A "C1'" 
166 N  N9    . DA A 6  ? 0.0963 0.0858 0.0867 -0.0192 0.0122  -0.0129 6   DA A N9    
167 C  C8    . DA A 6  ? 0.1133 0.0772 0.0948 -0.0205 0.0126  -0.0063 6   DA A C8    
168 N  N7    . DA A 6  ? 0.1014 0.0797 0.0911 -0.0172 0.0104  -0.0071 6   DA A N7    
169 C  C5    . DA A 6  ? 0.0766 0.0776 0.0886 -0.0153 0.0052  -0.0018 6   DA A C5    
170 C  C6    . DA A 6  ? 0.0652 0.0828 0.0856 -0.0154 0.0029  -0.0058 6   DA A C6    
171 N  N6    . DA A 6  ? 0.0790 0.0766 0.0886 -0.0061 -0.0005 -0.0034 6   DA A N6    
172 N  N1    . DA A 6  ? 0.0628 0.0900 0.0860 -0.0091 -0.0009 -0.0022 6   DA A N1    
173 C  C2    . DA A 6  ? 0.0739 0.0908 0.0889 -0.0096 0.0010  -0.0007 6   DA A C2    
174 N  N3    . DA A 6  ? 0.0754 0.0953 0.0848 -0.0119 0.0025  0.0008  6   DA A N3    
175 C  C4    . DA A 6  ? 0.0743 0.0874 0.0876 -0.0153 0.0073  -0.0082 6   DA A C4    
176 P  P     A DC A 7  ? 0.1430 0.1001 0.0868 -0.0164 0.0141  -0.0072 7   DC A P     
177 P  P     B DC A 7  ? 0.3815 0.1002 0.0941 -0.0857 0.0654  -0.0356 7   DC A P     
178 O  OP1   A DC A 7  ? 0.1640 0.1562 0.0918 -0.0322 -0.0022 -0.0191 7   DC A OP1   
179 O  OP1   B DC A 7  ? 0.5327 0.1165 0.0858 -0.1529 0.0431  -0.0329 7   DC A OP1   
180 O  OP2   A DC A 7  ? 0.1482 0.0930 0.1260 -0.0057 0.0308  0.0123  7   DC A OP2   
181 O  OP2   B DC A 7  ? 0.4080 0.0801 0.1779 -0.0569 0.1466  -0.0663 7   DC A OP2   
182 O  "O5'" A DC A 7  ? 0.1694 0.0938 0.0886 -0.0204 0.0220  -0.0086 7   DC A "O5'" 
183 O  "O5'" B DC A 7  ? 0.1167 0.1040 0.1039 -0.0337 0.0080  -0.0160 7   DC A "O5'" 
184 C  "C5'" . DC A 7  ? 0.1223 0.1064 0.0917 -0.0256 -0.0080 -0.0057 7   DC A "C5'" 
185 C  "C4'" . DC A 7  ? 0.0987 0.0919 0.0917 -0.0190 -0.0073 -0.0083 7   DC A "C4'" 
186 O  "O4'" . DC A 7  ? 0.0922 0.0904 0.0905 -0.0146 -0.0017 -0.0098 7   DC A "O4'" 
187 C  "C3'" A DC A 7  ? 0.0984 0.0945 0.0939 -0.0182 -0.0010 -0.0094 7   DC A "C3'" 
188 C  "C3'" B DC A 7  ? 0.0891 0.0811 0.0926 0.0027  0.0000  -0.0035 7   DC A "C3'" 
189 O  "O3'" A DC A 7  ? 0.0751 0.0959 0.0922 -0.0042 0.0007  -0.0094 7   DC A "O3'" 
190 O  "O3'" B DC A 7  ? 0.1997 0.0891 0.1037 -0.0442 -0.0250 0.0140  7   DC A "O3'" 
191 C  "C2'" . DC A 7  ? 0.0997 0.0930 0.1009 -0.0250 -0.0087 -0.0003 7   DC A "C2'" 
192 C  "C1'" . DC A 7  ? 0.0881 0.0837 0.0930 -0.0055 -0.0045 -0.0136 7   DC A "C1'" 
193 N  N1    . DC A 7  ? 0.0854 0.0847 0.0889 -0.0068 -0.0011 -0.0138 7   DC A N1    
194 C  C2    . DC A 7  ? 0.0745 0.0826 0.0915 -0.0084 0.0011  -0.0142 7   DC A C2    
195 O  O2    . DC A 7  ? 0.1085 0.0825 0.0903 0.0050  0.0074  -0.0085 7   DC A O2    
196 N  N3    . DC A 7  ? 0.0717 0.0737 0.0906 0.0002  -0.0024 -0.0136 7   DC A N3    
197 C  C4    . DC A 7  ? 0.0732 0.0815 0.0967 -0.0038 -0.0061 -0.0164 7   DC A C4    
198 N  N4    . DC A 7  ? 0.0921 0.0796 0.0966 0.0111  -0.0108 -0.0122 7   DC A N4    
199 C  C5    . DC A 7  ? 0.0969 0.0798 0.1001 0.0089  -0.0113 -0.0190 7   DC A C5    
200 C  C6    . DC A 7  ? 0.0891 0.0923 0.0907 -0.0068 -0.0001 -0.0213 7   DC A C6    
201 P  P     A DT A 8  ? 0.0819 0.0882 0.0804 -0.0034 0.0016  -0.0028 8   DT A P     
202 P  P     B DT A 8  ? 0.1824 0.1082 0.0773 -0.0258 -0.0100 -0.0023 8   DT A P     
203 O  OP1   A DT A 8  ? 0.1250 0.1193 0.0833 0.0067  -0.0091 -0.0049 8   DT A OP1   
204 O  OP1   B DT A 8  ? 0.1745 0.0933 0.1102 -0.0321 -0.0011 0.0178  8   DT A OP1   
205 O  OP2   A DT A 8  ? 0.0841 0.1049 0.0853 0.0057  0.0067  -0.0042 8   DT A OP2   
206 O  OP2   B DT A 8  ? 0.2446 0.1063 0.0685 0.0125  -0.0055 -0.0060 8   DT A OP2   
207 O  "O5'" A DT A 8  ? 0.0728 0.0824 0.0924 -0.0010 -0.0051 0.0036  8   DT A "O5'" 
208 O  "O5'" B DT A 8  ? 0.1283 0.0903 0.1076 -0.0104 0.0094  -0.0090 8   DT A "O5'" 
209 C  "C5'" . DT A 8  ? 0.0860 0.0852 0.0942 -0.0074 -0.0131 0.0045  8   DT A "C5'" 
210 C  "C4'" . DT A 8  ? 0.0746 0.0820 0.0890 -0.0024 -0.0017 0.0003  8   DT A "C4'" 
211 O  "O4'" . DT A 8  ? 0.0666 0.0874 0.0886 -0.0015 0.0007  0.0036  8   DT A "O4'" 
212 C  "C3'" . DT A 8  ? 0.0819 0.0772 0.0920 -0.0053 0.0019  -0.0016 8   DT A "C3'" 
213 O  "O3'" . DT A 8  ? 0.0871 0.0722 0.0936 -0.0054 -0.0028 0.0021  8   DT A "O3'" 
214 C  "C2'" . DT A 8  ? 0.0730 0.0733 0.0986 -0.0039 0.0052  0.0009  8   DT A "C2'" 
215 C  "C1'" . DT A 8  ? 0.0706 0.0716 0.0878 -0.0012 -0.0021 -0.0064 8   DT A "C1'" 
216 N  N1    . DT A 8  ? 0.0735 0.0699 0.0886 0.0061  -0.0026 -0.0039 8   DT A N1    
217 C  C2    . DT A 8  ? 0.0695 0.0732 0.0869 0.0001  -0.0021 -0.0137 8   DT A C2    
218 O  O2    . DT A 8  ? 0.0966 0.0777 0.0914 0.0087  0.0068  -0.0093 8   DT A O2    
219 N  N3    . DT A 8  ? 0.0685 0.0724 0.0822 0.0025  -0.0019 -0.0090 8   DT A N3    
220 C  C4    . DT A 8  ? 0.0592 0.0743 0.0884 0.0014  -0.0020 -0.0076 8   DT A C4    
221 O  O4    . DT A 8  ? 0.0738 0.0745 0.0863 0.0042  0.0014  -0.0029 8   DT A O4    
222 C  C5    . DT A 8  ? 0.0663 0.0718 0.0864 0.0024  0.0000  -0.0056 8   DT A C5    
223 C  C7    . DT A 8  ? 0.0929 0.0737 0.0857 0.0084  0.0079  -0.0085 8   DT A C7    
224 C  C6    . DT A 8  ? 0.0712 0.0777 0.0818 0.0015  0.0003  -0.0083 8   DT A C6    
225 P  P     . DG A 9  ? 0.0948 0.0788 0.0887 0.0009  -0.0016 0.0066  9   DG A P     
226 O  OP1   . DG A 9  ? 0.1231 0.0959 0.0974 0.0112  -0.0246 0.0000  9   DG A OP1   
227 O  OP2   . DG A 9  ? 0.1155 0.1000 0.1132 -0.0036 0.0219  0.0148  9   DG A OP2   
228 O  "O5'" . DG A 9  ? 0.0841 0.0727 0.1045 -0.0059 -0.0049 0.0045  9   DG A "O5'" 
229 C  "C5'" . DG A 9  ? 0.0789 0.0811 0.1047 0.0009  -0.0118 -0.0039 9   DG A "C5'" 
230 C  "C4'" . DG A 9  ? 0.0763 0.0685 0.1006 0.0034  -0.0082 0.0034  9   DG A "C4'" 
231 O  "O4'" . DG A 9  ? 0.0757 0.0757 0.1069 0.0034  -0.0069 0.0133  9   DG A "O4'" 
232 C  "C3'" . DG A 9  ? 0.0823 0.0720 0.0916 -0.0015 -0.0091 0.0027  9   DG A "C3'" 
233 O  "O3'" . DG A 9  ? 0.0866 0.0759 0.0959 0.0018  -0.0054 -0.0001 9   DG A "O3'" 
234 C  "C2'" . DG A 9  ? 0.0797 0.0693 0.1053 -0.0005 -0.0117 0.0017  9   DG A "C2'" 
235 C  "C1'" . DG A 9  ? 0.0791 0.0755 0.0872 0.0075  -0.0053 0.0004  9   DG A "C1'" 
236 N  N9    . DG A 9  ? 0.0730 0.0724 0.0912 0.0045  -0.0080 -0.0014 9   DG A N9    
237 C  C8    . DG A 9  ? 0.0825 0.0733 0.0933 0.0037  -0.0056 0.0002  9   DG A C8    
238 N  N7    . DG A 9  ? 0.0778 0.0740 0.0981 0.0021  -0.0027 0.0008  9   DG A N7    
239 C  C5    . DG A 9  ? 0.0622 0.0719 0.0967 0.0020  -0.0087 -0.0044 9   DG A C5    
240 C  C6    . DG A 9  ? 0.0625 0.0711 0.0949 0.0029  -0.0058 -0.0060 9   DG A C6    
241 O  O6    . DG A 9  ? 0.0803 0.0741 0.1068 0.0150  0.0007  -0.0040 9   DG A O6    
242 N  N1    . DG A 9  ? 0.0681 0.0655 0.0978 0.0058  -0.0047 -0.0015 9   DG A N1    
243 C  C2    . DG A 9  ? 0.0658 0.0728 0.0952 0.0022  -0.0060 -0.0025 9   DG A C2    
244 N  N2    . DG A 9  ? 0.0859 0.0734 0.0930 0.0102  0.0012  0.0006  9   DG A N2    
245 N  N3    . DG A 9  ? 0.0661 0.0690 0.0927 0.0065  -0.0079 -0.0034 9   DG A N3    
246 C  C4    . DG A 9  ? 0.0636 0.0727 0.0912 0.0014  -0.0121 -0.0038 9   DG A C4    
247 P  P     . DG A 10 ? 0.0857 0.0726 0.0925 0.0045  -0.0132 -0.0005 10  DG A P     
248 O  OP1   . DG A 10 ? 0.0995 0.0766 0.1086 0.0108  -0.0120 -0.0041 10  DG A OP1   
249 O  OP2   . DG A 10 ? 0.0909 0.0715 0.1086 -0.0011 -0.0042 -0.0006 10  DG A OP2   
250 O  "O5'" . DG A 10 ? 0.1008 0.0911 0.1003 0.0098  -0.0237 -0.0097 10  DG A "O5'" 
251 C  "C5'" . DG A 10 ? 0.1324 0.1325 0.0910 0.0451  -0.0201 -0.0115 10  DG A "C5'" 
252 C  "C4'" . DG A 10 ? 0.1310 0.1105 0.0985 0.0392  -0.0315 -0.0254 10  DG A "C4'" 
253 O  "O4'" . DG A 10 ? 0.0868 0.0997 0.0915 0.0102  -0.0101 -0.0067 10  DG A "O4'" 
254 C  "C3'" . DG A 10 ? 0.1533 0.0842 0.1141 0.0095  -0.0408 -0.0089 10  DG A "C3'" 
255 O  "O3'" . DG A 10 ? 0.1217 0.2335 0.1282 -0.0039 -0.0023 -0.0701 10  DG A "O3'" 
256 C  "C2'" . DG A 10 ? 0.1696 0.1037 0.1808 -0.0526 0.0819  -0.0518 10  DG A "C2'" 
257 C  "C1'" . DG A 10 ? 0.0809 0.0792 0.0884 -0.0057 -0.0025 -0.0023 10  DG A "C1'" 
258 N  N9    . DG A 10 ? 0.0779 0.0732 0.0814 -0.0041 -0.0005 0.0057  10  DG A N9    
259 C  C8    . DG A 10 ? 0.0846 0.0715 0.0848 -0.0006 0.0065  0.0078  10  DG A C8    
260 N  N7    . DG A 10 ? 0.0769 0.0730 0.0811 -0.0017 0.0032  0.0095  10  DG A N7    
261 C  C5    . DG A 10 ? 0.0666 0.0704 0.0766 -0.0036 -0.0004 0.0063  10  DG A C5    
262 C  C6    . DG A 10 ? 0.0771 0.0723 0.0796 0.0033  -0.0029 0.0092  10  DG A C6    
263 O  O6    . DG A 10 ? 0.1366 0.0814 0.0901 0.0310  0.0163  0.0141  10  DG A O6    
264 N  N1    . DG A 10 ? 0.0742 0.0806 0.0833 -0.0016 -0.0082 0.0148  10  DG A N1    
265 C  C2    . DG A 10 ? 0.0689 0.0853 0.0766 -0.0075 -0.0085 0.0134  10  DG A C2    
266 N  N2    . DG A 10 ? 0.0935 0.1157 0.0831 -0.0080 -0.0106 0.0272  10  DG A N2    
267 N  N3    . DG A 10 ? 0.0705 0.0903 0.0708 -0.0110 -0.0065 0.0038  10  DG A N3    
268 C  C4    . DG A 10 ? 0.0645 0.0658 0.0836 -0.0079 -0.0091 0.0050  10  DG A C4    
269 CA CA    . CA B .  ? 0.0528 0.1096 0.0577 -0.0207 -0.0197 0.0125  201 CA A CA    
270 CA CA    . CA C .  ? 0.0805 0.0987 0.0950 0.0097  -0.0064 -0.0022 202 CA A CA    
271 CA CA    . CA D .  ? 0.2264 0.1187 0.1509 0.0140  0.0659  -0.0196 203 CA A CA    
272 CA CA    A CA E .  ? 0.1339 0.0982 0.1190 0.0008  0.0227  0.0234  204 CA A CA    
273 CA CA    B CA E .  ? 0.0850 0.1051 0.1129 -0.0127 0.0033  0.0235  204 CA A CA    
# 
